data_3EOY
#
_entry.id   3EOY
#
_cell.length_a   105.940
_cell.length_b   124.340
_cell.length_c   130.659
_cell.angle_alpha   90.000
_cell.angle_beta   90.000
_cell.angle_gamma   90.000
#
_symmetry.space_group_name_H-M   'P 21 21 2'
#
loop_
_entity.id
_entity.type
_entity.pdbx_description
1 polymer 'Outer capsid protein sigma-1'
2 polymer 'Junctional adhesion molecule A'
#
loop_
_entity_poly.entity_id
_entity_poly.type
_entity_poly.pdbx_seq_one_letter_code
_entity_poly.pdbx_strand_id
1 'polypeptide(L)'
;GSSPNLRYPIADVSGGIGMSPNYRFRQSMWIGIVSYSGSGLNWRVQVNSDIFIVDDYIHICLPAFDGFSIADGGDLSLNF
VTGLLPPLLTGDTEPAFHNDVVTYGAQTVAIGLSSGGTPQYMSKNLWVEQWQDGVLRLRVEGGGSITHSNSKWPAMTVSY
PRSFT
;
A,B,C,D,E,F
2 'polypeptide(L)'
;GSSVTVHSSEPEVRIPENNPVKLSCAYSGFSSPRVEWKFDQGDTTRLVCYNNKITASYEDRVTFLPTGITFKSVTREDTG
TYTCMVSEEGGNSYGEVKVKLIVL
;
G,H,I,J,K,L
#
# COMPACT_ATOMS: atom_id res chain seq x y z
N PRO A 4 -32.53 -4.68 42.35
CA PRO A 4 -33.94 -4.27 42.58
C PRO A 4 -34.75 -4.77 41.36
N ASN A 5 -34.97 -3.93 40.34
CA ASN A 5 -35.60 -4.46 39.14
C ASN A 5 -34.47 -4.65 38.08
N LEU A 6 -33.21 -4.52 38.50
CA LEU A 6 -32.07 -4.68 37.60
C LEU A 6 -31.16 -5.85 37.90
N ARG A 7 -30.97 -6.71 36.90
CA ARG A 7 -30.12 -7.90 37.02
C ARG A 7 -28.76 -7.69 36.36
N TYR A 8 -27.70 -7.85 37.14
CA TYR A 8 -26.34 -7.70 36.65
C TYR A 8 -26.15 -8.54 35.37
N PRO A 9 -25.37 -8.03 34.39
CA PRO A 9 -24.44 -6.89 34.47
C PRO A 9 -25.17 -5.52 34.31
N ILE A 10 -26.49 -5.54 34.20
CA ILE A 10 -27.22 -4.28 34.10
C ILE A 10 -27.40 -3.82 35.53
N ALA A 11 -27.00 -2.57 35.75
CA ALA A 11 -27.10 -1.96 37.07
C ALA A 11 -27.32 -0.44 37.02
N ASP A 12 -27.30 0.16 38.21
CA ASP A 12 -27.48 1.60 38.37
C ASP A 12 -26.16 2.36 38.29
N VAL A 13 -26.08 3.24 37.30
CA VAL A 13 -24.89 4.03 37.10
C VAL A 13 -25.26 5.50 37.20
N SER A 14 -24.89 6.11 38.32
CA SER A 14 -25.17 7.52 38.57
C SER A 14 -26.63 7.84 38.26
N GLY A 15 -27.53 7.25 39.04
CA GLY A 15 -28.95 7.49 38.85
C GLY A 15 -29.63 6.77 37.69
N GLY A 16 -28.98 6.71 36.53
CA GLY A 16 -29.56 6.04 35.37
C GLY A 16 -29.20 4.56 35.24
N ILE A 17 -29.91 3.89 34.33
CA ILE A 17 -29.70 2.46 34.04
C ILE A 17 -28.46 2.35 33.17
N GLY A 18 -27.40 1.77 33.72
CA GLY A 18 -26.19 1.64 32.95
C GLY A 18 -25.63 0.24 33.02
N MET A 19 -24.33 0.14 32.75
CA MET A 19 -23.65 -1.14 32.78
C MET A 19 -22.60 -1.18 33.89
N SER A 20 -22.70 -2.18 34.75
CA SER A 20 -21.78 -2.32 35.86
C SER A 20 -20.30 -2.35 35.45
N PRO A 21 -19.49 -1.41 35.96
CA PRO A 21 -18.06 -1.35 35.63
C PRO A 21 -17.29 -2.62 36.00
N ASN A 22 -17.81 -3.37 36.97
CA ASN A 22 -17.17 -4.61 37.39
C ASN A 22 -17.29 -5.66 36.29
N TYR A 23 -18.29 -5.47 35.43
CA TYR A 23 -18.53 -6.38 34.31
C TYR A 23 -17.59 -6.00 33.17
N ARG A 24 -17.41 -4.70 33.00
CA ARG A 24 -16.57 -4.16 31.95
C ARG A 24 -15.08 -4.37 32.22
N PHE A 25 -14.61 -4.03 33.42
CA PHE A 25 -13.21 -4.23 33.77
C PHE A 25 -13.04 -4.64 35.22
N ARG A 26 -12.37 -5.76 35.43
CA ARG A 26 -12.12 -6.26 36.76
C ARG A 26 -10.73 -6.85 36.72
N GLN A 27 -9.82 -6.27 37.49
CA GLN A 27 -8.44 -6.72 37.49
C GLN A 27 -8.02 -7.48 38.72
N SER A 28 -7.23 -8.55 38.53
CA SER A 28 -6.75 -9.33 39.66
C SER A 28 -5.37 -9.97 39.46
N MET A 29 -5.10 -11.06 40.19
CA MET A 29 -3.80 -11.69 40.10
C MET A 29 -3.81 -13.13 40.57
N TRP A 30 -2.89 -13.92 40.04
CA TRP A 30 -2.78 -15.32 40.42
C TRP A 30 -1.33 -15.62 40.67
N ILE A 31 -1.05 -16.21 41.82
CA ILE A 31 0.30 -16.57 42.16
C ILE A 31 0.18 -18.04 42.50
N GLY A 32 0.18 -18.88 41.46
CA GLY A 32 -0.01 -20.30 41.67
C GLY A 32 0.99 -21.19 41.00
N ILE A 33 0.59 -22.44 40.80
CA ILE A 33 1.49 -23.39 40.18
C ILE A 33 1.07 -23.89 38.81
N VAL A 34 1.98 -23.73 37.87
CA VAL A 34 1.79 -24.19 36.51
C VAL A 34 2.52 -25.54 36.48
N SER A 35 1.88 -26.59 35.97
CA SER A 35 2.54 -27.88 35.95
C SER A 35 2.49 -28.57 34.62
N TYR A 36 3.65 -28.92 34.10
CA TYR A 36 3.72 -29.61 32.83
C TYR A 36 3.59 -31.10 33.07
N SER A 37 3.24 -31.85 32.04
CA SER A 37 3.09 -33.29 32.15
C SER A 37 2.86 -33.92 30.79
N GLY A 38 3.30 -35.17 30.62
CA GLY A 38 3.13 -35.85 29.35
C GLY A 38 4.34 -36.70 29.03
N SER A 39 4.11 -37.93 28.62
CA SER A 39 5.19 -38.85 28.28
C SER A 39 6.09 -39.06 29.49
N GLY A 40 5.48 -39.10 30.67
CA GLY A 40 6.23 -39.32 31.89
C GLY A 40 6.98 -38.13 32.45
N LEU A 41 7.14 -37.08 31.64
CA LEU A 41 7.85 -35.88 32.10
C LEU A 41 6.95 -35.05 33.02
N ASN A 42 7.46 -34.72 34.20
CA ASN A 42 6.72 -33.94 35.19
C ASN A 42 7.54 -32.87 35.88
N TRP A 43 6.94 -31.69 36.05
CA TRP A 43 7.59 -30.58 36.74
C TRP A 43 6.61 -29.43 36.92
N ARG A 44 6.86 -28.60 37.94
CA ARG A 44 5.99 -27.48 38.23
C ARG A 44 6.79 -26.20 38.43
N VAL A 45 6.12 -25.06 38.33
CA VAL A 45 6.77 -23.78 38.51
C VAL A 45 5.80 -22.82 39.16
N GLN A 46 6.33 -22.03 40.09
CA GLN A 46 5.53 -21.04 40.78
C GLN A 46 5.60 -19.79 39.88
N VAL A 47 4.47 -19.13 39.67
CA VAL A 47 4.46 -17.96 38.82
C VAL A 47 3.49 -16.89 39.30
N ASN A 48 3.72 -15.66 38.83
CA ASN A 48 2.89 -14.49 39.16
C ASN A 48 2.31 -13.90 37.90
N SER A 49 1.00 -14.03 37.71
CA SER A 49 0.37 -13.51 36.51
C SER A 49 -0.80 -12.61 36.81
N ASP A 50 -1.00 -11.63 35.95
CA ASP A 50 -2.12 -10.71 36.10
C ASP A 50 -3.35 -11.41 35.56
N ILE A 51 -4.51 -10.95 35.98
CA ILE A 51 -5.76 -11.53 35.54
C ILE A 51 -6.74 -10.40 35.26
N PHE A 52 -7.24 -10.36 34.03
CA PHE A 52 -8.19 -9.34 33.66
C PHE A 52 -9.49 -9.98 33.21
N ILE A 53 -10.61 -9.43 33.68
CA ILE A 53 -11.91 -9.93 33.27
C ILE A 53 -12.54 -8.76 32.54
N VAL A 54 -12.72 -8.92 31.24
CA VAL A 54 -13.32 -7.88 30.42
C VAL A 54 -14.58 -8.47 29.82
N ASP A 55 -15.74 -7.91 30.19
CA ASP A 55 -17.02 -8.42 29.69
C ASP A 55 -17.16 -9.87 30.11
N ASP A 56 -17.43 -10.73 29.12
CA ASP A 56 -17.61 -12.15 29.38
C ASP A 56 -16.34 -12.97 29.11
N TYR A 57 -15.20 -12.30 29.07
CA TYR A 57 -13.95 -12.98 28.84
C TYR A 57 -13.08 -12.88 30.07
N ILE A 58 -12.12 -13.78 30.17
CA ILE A 58 -11.18 -13.77 31.26
C ILE A 58 -9.81 -13.99 30.63
N HIS A 59 -8.87 -13.13 30.98
CA HIS A 59 -7.52 -13.19 30.43
C HIS A 59 -6.53 -13.47 31.54
N ILE A 60 -5.65 -14.42 31.30
CA ILE A 60 -4.65 -14.78 32.27
C ILE A 60 -3.32 -14.48 31.61
N CYS A 61 -2.65 -13.44 32.08
CA CYS A 61 -1.37 -13.04 31.50
C CYS A 61 -0.20 -13.72 32.16
N LEU A 62 0.15 -14.90 31.65
CA LEU A 62 1.26 -15.67 32.17
C LEU A 62 2.56 -15.03 31.75
N PRO A 63 3.47 -14.80 32.71
CA PRO A 63 4.74 -14.18 32.36
C PRO A 63 5.62 -15.26 31.76
N ALA A 64 6.78 -14.88 31.20
CA ALA A 64 7.68 -15.89 30.63
C ALA A 64 8.33 -16.65 31.80
N PHE A 65 8.63 -17.94 31.62
CA PHE A 65 9.24 -18.76 32.68
C PHE A 65 10.14 -19.86 32.11
N ASP A 66 10.93 -20.47 32.99
CA ASP A 66 11.84 -21.54 32.59
C ASP A 66 11.35 -22.89 33.10
N GLY A 67 11.61 -23.92 32.31
CA GLY A 67 11.19 -25.26 32.70
C GLY A 67 12.18 -26.32 32.26
N PHE A 68 11.79 -27.57 32.45
CA PHE A 68 12.65 -28.68 32.07
C PHE A 68 12.14 -29.39 30.82
N SER A 69 12.65 -30.61 30.59
CA SER A 69 12.26 -31.40 29.43
C SER A 69 10.75 -31.40 29.20
N ILE A 70 10.35 -31.49 27.92
CA ILE A 70 8.93 -31.54 27.54
C ILE A 70 8.74 -32.49 26.38
N ALA A 71 7.65 -33.25 26.41
CA ALA A 71 7.34 -34.21 25.37
C ALA A 71 6.75 -33.51 24.15
N ASP A 72 6.64 -34.24 23.05
CA ASP A 72 6.07 -33.67 21.83
C ASP A 72 4.63 -33.26 22.15
N GLY A 73 3.90 -34.12 22.84
CA GLY A 73 2.54 -33.83 23.23
C GLY A 73 2.44 -33.75 24.73
N GLY A 74 1.96 -32.62 25.25
CA GLY A 74 1.85 -32.47 26.70
C GLY A 74 0.73 -31.56 27.17
N ASP A 75 0.53 -31.53 28.49
CA ASP A 75 -0.50 -30.72 29.13
C ASP A 75 0.10 -29.74 30.13
N LEU A 76 -0.27 -28.47 30.01
CA LEU A 76 0.20 -27.46 30.95
C LEU A 76 -1.02 -27.12 31.82
N SER A 77 -0.90 -27.30 33.13
CA SER A 77 -2.03 -27.04 34.01
C SER A 77 -1.85 -25.94 35.05
N LEU A 78 -2.75 -24.96 35.01
CA LEU A 78 -2.72 -23.88 35.99
C LEU A 78 -3.63 -24.31 37.12
N ASN A 79 -3.12 -24.36 38.33
CA ASN A 79 -3.95 -24.74 39.46
C ASN A 79 -4.56 -23.49 40.12
N PHE A 80 -5.81 -23.19 39.78
CA PHE A 80 -6.47 -22.02 40.33
C PHE A 80 -7.11 -22.27 41.68
N VAL A 81 -6.92 -23.46 42.24
CA VAL A 81 -7.51 -23.78 43.53
C VAL A 81 -6.87 -22.86 44.57
N THR A 82 -5.70 -22.33 44.24
CA THR A 82 -4.97 -21.43 45.13
C THR A 82 -4.10 -20.44 44.36
N GLY A 83 -3.94 -19.25 44.92
CA GLY A 83 -3.10 -18.26 44.27
C GLY A 83 -3.90 -17.07 43.82
N LEU A 84 -5.21 -17.21 43.82
CA LEU A 84 -6.05 -16.12 43.40
C LEU A 84 -6.15 -15.10 44.54
N LEU A 85 -6.27 -13.83 44.18
CA LEU A 85 -6.36 -12.78 45.18
C LEU A 85 -7.79 -12.33 45.38
N PRO A 86 -8.25 -12.33 46.64
CA PRO A 86 -9.61 -11.89 46.98
C PRO A 86 -9.92 -10.62 46.20
N PRO A 87 -11.18 -10.41 45.83
CA PRO A 87 -12.30 -11.33 46.11
C PRO A 87 -12.49 -12.39 45.03
N LEU A 88 -11.42 -12.80 44.36
CA LEU A 88 -11.55 -13.81 43.33
C LEU A 88 -11.70 -15.21 43.90
N LEU A 89 -12.59 -15.97 43.27
CA LEU A 89 -12.89 -17.35 43.64
C LEU A 89 -12.44 -18.27 42.51
N THR A 90 -12.00 -19.48 42.86
CA THR A 90 -11.57 -20.43 41.84
C THR A 90 -12.72 -20.66 40.84
N GLY A 91 -13.97 -20.54 41.30
CA GLY A 91 -15.12 -20.73 40.45
C GLY A 91 -15.26 -19.62 39.43
N ASP A 92 -14.63 -18.48 39.68
CA ASP A 92 -14.69 -17.39 38.73
C ASP A 92 -13.84 -17.71 37.50
N THR A 93 -12.95 -18.70 37.61
CA THR A 93 -12.09 -19.07 36.48
C THR A 93 -12.74 -20.13 35.58
N GLU A 94 -13.99 -20.51 35.87
CA GLU A 94 -14.67 -21.52 35.08
C GLU A 94 -15.18 -20.98 33.75
N PRO A 95 -14.87 -21.69 32.65
CA PRO A 95 -15.27 -21.28 31.30
C PRO A 95 -16.78 -21.34 31.13
N ALA A 96 -17.29 -20.59 30.15
CA ALA A 96 -18.72 -20.58 29.87
C ALA A 96 -19.16 -21.97 29.47
N PHE A 97 -18.27 -22.68 28.78
CA PHE A 97 -18.53 -24.04 28.33
C PHE A 97 -18.14 -25.02 29.43
N HIS A 98 -18.27 -24.55 30.67
CA HIS A 98 -17.97 -25.31 31.87
C HIS A 98 -16.73 -26.20 31.77
N ASN A 99 -16.89 -27.50 31.89
CA ASN A 99 -15.70 -28.36 31.83
C ASN A 99 -15.63 -29.29 30.62
N ASP A 100 -16.33 -28.94 29.55
CA ASP A 100 -16.27 -29.77 28.35
C ASP A 100 -14.85 -29.66 27.80
N VAL A 101 -14.47 -30.60 26.95
CA VAL A 101 -13.13 -30.56 26.35
C VAL A 101 -13.26 -29.77 25.06
N VAL A 102 -12.36 -28.80 24.88
CA VAL A 102 -12.38 -27.97 23.69
C VAL A 102 -11.03 -27.82 23.02
N THR A 103 -10.97 -26.89 22.08
CA THR A 103 -9.76 -26.58 21.34
C THR A 103 -9.84 -25.06 21.15
N TYR A 104 -10.28 -24.39 22.22
CA TYR A 104 -10.48 -22.95 22.22
C TYR A 104 -9.17 -22.19 22.33
N GLY A 105 -9.15 -21.02 21.70
CA GLY A 105 -7.99 -20.15 21.72
C GLY A 105 -6.69 -20.72 21.18
N ALA A 106 -6.79 -21.68 20.25
CA ALA A 106 -5.60 -22.29 19.66
C ALA A 106 -4.69 -21.22 19.10
N GLN A 107 -3.41 -21.27 19.48
CA GLN A 107 -2.44 -20.28 19.03
C GLN A 107 -1.04 -20.89 18.91
N THR A 108 -0.16 -20.20 18.20
CA THR A 108 1.20 -20.66 18.04
C THR A 108 2.06 -19.99 19.06
N VAL A 109 2.94 -20.77 19.68
CA VAL A 109 3.82 -20.24 20.71
C VAL A 109 5.21 -20.89 20.64
N ALA A 110 6.25 -20.06 20.52
CA ALA A 110 7.62 -20.55 20.40
C ALA A 110 8.31 -20.78 21.73
N ILE A 111 8.90 -21.95 21.89
CA ILE A 111 9.59 -22.32 23.10
C ILE A 111 11.06 -22.65 22.83
N GLY A 112 11.96 -22.10 23.65
CA GLY A 112 13.37 -22.35 23.45
C GLY A 112 13.80 -23.60 24.19
N LEU A 113 14.45 -24.52 23.49
CA LEU A 113 14.91 -25.74 24.12
C LEU A 113 16.43 -25.80 24.08
N SER A 114 17.04 -26.07 25.22
CA SER A 114 18.50 -26.15 25.29
C SER A 114 18.93 -27.25 26.25
N SER A 115 20.23 -27.56 26.22
CA SER A 115 20.81 -28.59 27.09
C SER A 115 21.88 -27.90 27.93
N GLY A 116 21.55 -26.70 28.39
CA GLY A 116 22.46 -25.90 29.19
C GLY A 116 22.93 -24.74 28.33
N GLY A 117 23.49 -25.06 27.16
CA GLY A 117 24.01 -24.05 26.25
C GLY A 117 23.00 -23.14 25.57
N THR A 118 23.19 -22.95 24.26
CA THR A 118 22.32 -22.10 23.45
C THR A 118 20.95 -22.74 23.12
N PRO A 119 19.85 -21.96 23.25
CA PRO A 119 18.48 -22.41 22.97
C PRO A 119 18.06 -22.39 21.51
N GLN A 120 17.31 -23.41 21.12
CA GLN A 120 16.79 -23.51 19.78
C GLN A 120 15.29 -23.43 19.95
N TYR A 121 14.64 -22.53 19.23
CA TYR A 121 13.20 -22.34 19.38
C TYR A 121 12.27 -23.13 18.50
N MET A 122 11.28 -23.75 19.14
CA MET A 122 10.29 -24.57 18.46
C MET A 122 8.97 -23.86 18.42
N SER A 123 8.30 -23.91 17.27
CA SER A 123 6.99 -23.29 17.13
C SER A 123 5.99 -24.36 17.52
N LYS A 124 5.38 -24.24 18.69
CA LYS A 124 4.40 -25.22 19.13
C LYS A 124 2.98 -24.70 19.14
N ASN A 125 2.03 -25.62 19.10
CA ASN A 125 0.62 -25.30 19.09
C ASN A 125 0.07 -25.46 20.50
N LEU A 126 -0.65 -24.46 20.98
CA LEU A 126 -1.24 -24.49 22.32
C LEU A 126 -2.68 -23.96 22.36
N TRP A 127 -3.52 -24.53 23.21
CA TRP A 127 -4.92 -24.08 23.31
C TRP A 127 -5.56 -24.49 24.62
N VAL A 128 -6.67 -23.86 24.96
CA VAL A 128 -7.39 -24.19 26.18
C VAL A 128 -8.08 -25.49 25.88
N GLU A 129 -7.72 -26.53 26.63
CA GLU A 129 -8.31 -27.83 26.39
C GLU A 129 -9.48 -28.14 27.30
N GLN A 130 -9.30 -27.98 28.60
CA GLN A 130 -10.37 -28.28 29.52
C GLN A 130 -10.12 -27.76 30.93
N TRP A 131 -11.19 -27.35 31.60
CA TRP A 131 -11.10 -26.81 32.95
C TRP A 131 -11.86 -27.71 33.88
N GLN A 132 -11.17 -28.29 34.85
CA GLN A 132 -11.86 -29.18 35.76
C GLN A 132 -11.43 -29.03 37.21
N ASP A 133 -12.41 -28.78 38.08
CA ASP A 133 -12.17 -28.60 39.52
C ASP A 133 -11.10 -27.55 39.81
N GLY A 134 -11.28 -26.37 39.22
CA GLY A 134 -10.34 -25.27 39.42
C GLY A 134 -8.98 -25.42 38.75
N VAL A 135 -8.80 -26.45 37.93
CA VAL A 135 -7.53 -26.64 37.25
C VAL A 135 -7.68 -26.53 35.74
N LEU A 136 -7.12 -25.47 35.18
CA LEU A 136 -7.19 -25.25 33.75
C LEU A 136 -6.08 -26.04 33.06
N ARG A 137 -6.42 -26.90 32.11
CA ARG A 137 -5.40 -27.66 31.40
C ARG A 137 -5.29 -27.24 29.95
N LEU A 138 -4.12 -26.79 29.56
CA LEU A 138 -3.87 -26.37 28.20
C LEU A 138 -3.07 -27.44 27.49
N ARG A 139 -3.44 -27.76 26.26
CA ARG A 139 -2.72 -28.76 25.52
C ARG A 139 -1.60 -28.03 24.78
N VAL A 140 -0.42 -28.63 24.79
CA VAL A 140 0.72 -28.03 24.11
C VAL A 140 1.43 -29.10 23.29
N GLU A 141 1.21 -29.10 21.98
CA GLU A 141 1.82 -30.11 21.12
C GLU A 141 2.26 -29.59 19.76
N GLY A 142 2.94 -30.46 19.01
CA GLY A 142 3.46 -30.09 17.70
C GLY A 142 4.80 -29.39 17.78
N GLY A 143 5.31 -29.00 16.62
CA GLY A 143 6.49 -28.07 16.58
C GLY A 143 7.48 -28.62 15.56
N GLY A 144 8.43 -29.15 16.27
CA GLY A 144 8.53 -30.60 16.19
C GLY A 144 9.29 -30.60 17.49
N SER A 145 10.19 -31.52 17.61
CA SER A 145 11.18 -31.32 18.65
C SER A 145 12.62 -31.92 18.54
N ILE A 146 13.27 -31.97 19.71
CA ILE A 146 14.62 -32.49 19.79
C ILE A 146 15.06 -32.72 21.27
N THR A 147 16.16 -33.47 21.46
CA THR A 147 16.70 -33.70 22.79
C THR A 147 16.90 -32.37 23.51
N HIS A 148 16.70 -32.37 24.82
CA HIS A 148 16.94 -31.18 25.63
C HIS A 148 16.66 -31.50 27.08
N SER A 149 17.13 -30.64 27.97
CA SER A 149 16.93 -30.81 29.41
C SER A 149 16.28 -29.57 30.01
N ASN A 150 16.36 -28.45 29.29
CA ASN A 150 15.77 -27.20 29.76
C ASN A 150 14.90 -26.58 28.68
N SER A 151 13.88 -25.86 29.12
CA SER A 151 12.94 -25.21 28.22
C SER A 151 12.57 -23.79 28.67
N LYS A 152 12.67 -22.83 27.76
CA LYS A 152 12.35 -21.45 28.08
C LYS A 152 11.00 -21.09 27.46
N TRP A 153 10.05 -20.68 28.28
CA TRP A 153 8.72 -20.33 27.80
C TRP A 153 8.49 -18.83 27.69
N PRO A 154 7.68 -18.42 26.72
CA PRO A 154 7.38 -17.00 26.50
C PRO A 154 6.21 -16.55 27.37
N ALA A 155 5.98 -15.24 27.41
CA ALA A 155 4.86 -14.72 28.15
C ALA A 155 3.67 -15.07 27.26
N MET A 156 2.65 -15.65 27.86
CA MET A 156 1.50 -16.02 27.07
C MET A 156 0.26 -15.54 27.78
N THR A 157 -0.71 -15.06 27.01
CA THR A 157 -1.95 -14.62 27.60
C THR A 157 -2.98 -15.63 27.13
N VAL A 158 -3.68 -16.21 28.09
CA VAL A 158 -4.68 -17.21 27.81
C VAL A 158 -6.03 -16.61 28.09
N SER A 159 -6.94 -16.76 27.13
CA SER A 159 -8.28 -16.21 27.26
C SER A 159 -9.36 -17.23 26.93
N TYR A 160 -10.59 -16.94 27.33
CA TYR A 160 -11.72 -17.79 27.05
C TYR A 160 -13.00 -17.29 27.71
N PRO A 161 -14.17 -17.59 27.10
CA PRO A 161 -15.46 -17.17 27.63
C PRO A 161 -15.50 -17.55 29.09
N ARG A 162 -16.01 -16.66 29.92
CA ARG A 162 -16.07 -16.97 31.32
C ARG A 162 -17.48 -17.32 31.76
N SER A 163 -17.57 -18.26 32.69
CA SER A 163 -18.85 -18.72 33.21
C SER A 163 -19.56 -17.65 33.99
N PHE A 164 -20.89 -17.62 33.94
CA PHE A 164 -21.68 -16.64 34.68
C PHE A 164 -22.96 -17.24 35.27
N ASN B 5 -40.56 -3.42 26.14
CA ASN B 5 -39.81 -2.22 25.81
C ASN B 5 -38.30 -2.47 25.86
N LEU B 6 -37.93 -3.74 25.78
CA LEU B 6 -36.52 -4.16 25.78
C LEU B 6 -35.97 -4.69 24.46
N ARG B 7 -34.90 -4.07 23.98
CA ARG B 7 -34.28 -4.51 22.73
C ARG B 7 -33.00 -5.29 23.00
N TYR B 8 -32.94 -6.52 22.48
CA TYR B 8 -31.78 -7.40 22.62
C TYR B 8 -30.51 -6.61 22.28
N PRO B 9 -29.38 -6.92 22.93
CA PRO B 9 -29.11 -7.96 23.93
C PRO B 9 -29.70 -7.71 25.32
N ILE B 10 -30.39 -6.60 25.48
CA ILE B 10 -31.01 -6.29 26.75
C ILE B 10 -32.32 -7.02 26.75
N ALA B 11 -32.52 -7.82 27.78
CA ALA B 11 -33.75 -8.56 27.86
C ALA B 11 -34.13 -8.84 29.31
N ASP B 12 -35.24 -9.54 29.50
CA ASP B 12 -35.71 -9.86 30.85
C ASP B 12 -34.97 -11.06 31.43
N VAL B 13 -34.26 -10.85 32.53
CA VAL B 13 -33.56 -11.96 33.19
C VAL B 13 -34.15 -12.14 34.59
N SER B 14 -34.95 -13.20 34.75
CA SER B 14 -35.63 -13.51 36.02
C SER B 14 -36.33 -12.28 36.61
N GLY B 15 -37.34 -11.81 35.89
CA GLY B 15 -38.12 -10.65 36.32
C GLY B 15 -37.49 -9.29 36.06
N GLY B 16 -36.21 -9.17 36.38
CA GLY B 16 -35.54 -7.90 36.19
C GLY B 16 -34.89 -7.68 34.84
N ILE B 17 -34.45 -6.46 34.62
CA ILE B 17 -33.79 -6.10 33.38
C ILE B 17 -32.34 -6.59 33.44
N GLY B 18 -32.03 -7.59 32.61
CA GLY B 18 -30.68 -8.12 32.61
C GLY B 18 -30.12 -8.22 31.21
N MET B 19 -29.13 -9.10 31.06
CA MET B 19 -28.50 -9.31 29.77
C MET B 19 -28.77 -10.73 29.26
N SER B 20 -29.26 -10.84 28.04
CA SER B 20 -29.58 -12.11 27.45
C SER B 20 -28.38 -13.06 27.39
N PRO B 21 -28.50 -14.24 28.03
CA PRO B 21 -27.42 -15.23 28.06
C PRO B 21 -27.00 -15.67 26.64
N ASN B 22 -27.91 -15.60 25.69
CA ASN B 22 -27.60 -15.99 24.31
C ASN B 22 -26.61 -15.02 23.70
N TYR B 23 -26.55 -13.83 24.28
CA TYR B 23 -25.65 -12.77 23.84
C TYR B 23 -24.27 -13.03 24.43
N ARG B 24 -24.29 -13.45 25.69
CA ARG B 24 -23.06 -13.73 26.42
C ARG B 24 -22.36 -15.00 25.98
N PHE B 25 -23.09 -16.11 25.88
CA PHE B 25 -22.50 -17.37 25.41
C PHE B 25 -23.46 -18.16 24.54
N ARG B 26 -23.01 -18.46 23.33
CA ARG B 26 -23.79 -19.20 22.35
C ARG B 26 -22.82 -20.16 21.71
N GLN B 27 -23.01 -21.46 21.91
CA GLN B 27 -22.09 -22.42 21.32
C GLN B 27 -22.67 -23.23 20.17
N SER B 28 -21.85 -23.45 19.13
CA SER B 28 -22.29 -24.18 17.94
C SER B 28 -21.19 -25.03 17.29
N MET B 29 -21.37 -25.34 16.01
CA MET B 29 -20.43 -26.17 15.29
C MET B 29 -20.51 -26.03 13.79
N TRP B 30 -19.39 -26.25 13.13
CA TRP B 30 -19.36 -26.18 11.67
C TRP B 30 -18.63 -27.39 11.15
N ILE B 31 -19.25 -28.08 10.20
CA ILE B 31 -18.62 -29.24 9.59
C ILE B 31 -18.65 -28.95 8.12
N GLY B 32 -17.74 -28.10 7.68
CA GLY B 32 -17.72 -27.74 6.28
C GLY B 32 -16.40 -27.94 5.56
N ILE B 33 -16.22 -27.16 4.50
CA ILE B 33 -15.03 -27.28 3.70
C ILE B 33 -14.10 -26.06 3.71
N VAL B 34 -12.87 -26.35 4.07
CA VAL B 34 -11.82 -25.35 4.09
C VAL B 34 -11.11 -25.55 2.77
N SER B 35 -10.87 -24.48 2.01
CA SER B 35 -10.22 -24.62 0.72
C SER B 35 -9.08 -23.67 0.53
N TYR B 36 -7.91 -24.23 0.23
CA TYR B 36 -6.72 -23.43 0.00
C TYR B 36 -6.65 -23.08 -1.49
N SER B 37 -5.91 -22.03 -1.82
CA SER B 37 -5.77 -21.61 -3.19
C SER B 37 -4.73 -20.49 -3.32
N GLY B 38 -4.07 -20.42 -4.47
CA GLY B 38 -3.04 -19.39 -4.67
C GLY B 38 -1.92 -19.97 -5.49
N SER B 39 -1.49 -19.23 -6.50
CA SER B 39 -0.41 -19.66 -7.40
C SER B 39 -0.78 -20.98 -8.10
N GLY B 40 -2.05 -21.12 -8.46
CA GLY B 40 -2.52 -22.31 -9.14
C GLY B 40 -2.78 -23.52 -8.27
N LEU B 41 -2.26 -23.49 -7.04
CA LEU B 41 -2.45 -24.60 -6.11
C LEU B 41 -3.86 -24.62 -5.53
N ASN B 42 -4.55 -25.77 -5.65
CA ASN B 42 -5.91 -25.87 -5.12
C ASN B 42 -6.17 -27.21 -4.44
N TRP B 43 -6.88 -27.16 -3.34
CA TRP B 43 -7.29 -28.36 -2.60
C TRP B 43 -8.26 -27.99 -1.48
N ARG B 44 -9.05 -28.96 -1.05
CA ARG B 44 -10.02 -28.70 0.00
C ARG B 44 -9.99 -29.78 1.07
N VAL B 45 -10.51 -29.47 2.26
CA VAL B 45 -10.58 -30.44 3.34
C VAL B 45 -11.82 -30.25 4.19
N GLN B 46 -12.46 -31.37 4.51
CA GLN B 46 -13.66 -31.34 5.29
C GLN B 46 -13.16 -31.30 6.71
N VAL B 47 -13.82 -30.49 7.54
CA VAL B 47 -13.37 -30.32 8.92
C VAL B 47 -14.50 -30.09 9.91
N ASN B 48 -14.25 -30.46 11.16
CA ASN B 48 -15.22 -30.32 12.25
C ASN B 48 -14.70 -29.32 13.29
N SER B 49 -15.29 -28.13 13.33
CA SER B 49 -14.83 -27.13 14.27
C SER B 49 -15.94 -26.60 15.17
N ASP B 50 -15.57 -26.26 16.40
CA ASP B 50 -16.52 -25.70 17.33
C ASP B 50 -16.69 -24.24 17.01
N ILE B 51 -17.82 -23.67 17.41
CA ILE B 51 -18.06 -22.25 17.16
C ILE B 51 -18.65 -21.62 18.39
N PHE B 52 -17.99 -20.58 18.89
CA PHE B 52 -18.44 -19.87 20.09
C PHE B 52 -18.73 -18.42 19.78
N ILE B 53 -19.86 -17.94 20.27
CA ILE B 53 -20.21 -16.55 20.08
C ILE B 53 -20.27 -15.99 21.48
N VAL B 54 -19.33 -15.10 21.76
CA VAL B 54 -19.26 -14.47 23.06
C VAL B 54 -19.41 -12.97 22.84
N ASP B 55 -20.50 -12.42 23.37
CA ASP B 55 -20.72 -11.00 23.21
C ASP B 55 -20.82 -10.69 21.71
N ASP B 56 -20.01 -9.73 21.26
CA ASP B 56 -20.05 -9.33 19.86
C ASP B 56 -18.94 -9.96 19.05
N TYR B 57 -18.38 -11.04 19.57
CA TYR B 57 -17.33 -11.76 18.87
C TYR B 57 -17.80 -13.13 18.47
N ILE B 58 -17.14 -13.68 17.47
CA ILE B 58 -17.44 -15.03 17.04
C ILE B 58 -16.11 -15.72 16.88
N HIS B 59 -16.01 -16.92 17.45
CA HIS B 59 -14.79 -17.68 17.43
C HIS B 59 -15.00 -18.98 16.72
N ILE B 60 -14.10 -19.27 15.79
CA ILE B 60 -14.18 -20.50 15.03
C ILE B 60 -12.95 -21.31 15.40
N CYS B 61 -13.14 -22.39 16.14
CA CYS B 61 -12.02 -23.20 16.56
C CYS B 61 -11.69 -24.32 15.57
N LEU B 62 -10.87 -23.98 14.58
CA LEU B 62 -10.47 -24.96 13.58
C LEU B 62 -9.52 -25.95 14.20
N PRO B 63 -9.78 -27.25 14.02
CA PRO B 63 -8.87 -28.22 14.60
C PRO B 63 -7.70 -28.34 13.63
N ALA B 64 -6.67 -29.07 14.04
CA ALA B 64 -5.52 -29.25 13.17
C ALA B 64 -5.93 -30.12 11.97
N PHE B 65 -5.26 -29.97 10.83
CA PHE B 65 -5.57 -30.79 9.66
C PHE B 65 -4.39 -30.85 8.69
N ASP B 66 -4.38 -31.85 7.81
CA ASP B 66 -3.30 -32.03 6.83
C ASP B 66 -3.72 -31.56 5.46
N GLY B 67 -2.77 -31.07 4.67
CA GLY B 67 -3.09 -30.58 3.34
C GLY B 67 -1.96 -30.84 2.36
N PHE B 68 -2.07 -30.26 1.17
CA PHE B 68 -1.04 -30.46 0.15
C PHE B 68 -0.22 -29.19 -0.07
N SER B 69 0.48 -29.15 -1.20
CA SER B 69 1.33 -28.00 -1.54
C SER B 69 0.64 -26.68 -1.27
N ILE B 70 1.43 -25.66 -0.91
CA ILE B 70 0.90 -24.31 -0.65
C ILE B 70 1.89 -23.27 -1.17
N ALA B 71 1.39 -22.20 -1.77
CA ALA B 71 2.24 -21.17 -2.32
C ALA B 71 2.68 -20.23 -1.22
N ASP B 72 3.62 -19.35 -1.55
CA ASP B 72 4.09 -18.40 -0.57
C ASP B 72 2.94 -17.51 -0.10
N GLY B 73 2.14 -17.03 -1.06
CA GLY B 73 0.98 -16.21 -0.74
C GLY B 73 -0.28 -16.97 -1.14
N GLY B 74 -1.20 -17.17 -0.21
CA GLY B 74 -2.41 -17.89 -0.53
C GLY B 74 -3.62 -17.51 0.29
N ASP B 75 -4.78 -18.06 -0.07
CA ASP B 75 -6.04 -17.80 0.61
C ASP B 75 -6.68 -19.08 1.13
N LEU B 76 -7.07 -19.08 2.40
CA LEU B 76 -7.73 -20.22 3.00
C LEU B 76 -9.19 -19.82 3.17
N SER B 77 -10.11 -20.57 2.56
CA SER B 77 -11.51 -20.20 2.62
C SER B 77 -12.44 -21.18 3.32
N LEU B 78 -13.12 -20.70 4.35
CA LEU B 78 -14.09 -21.54 5.04
C LEU B 78 -15.45 -21.30 4.38
N ASN B 79 -16.09 -22.35 3.87
CA ASN B 79 -17.39 -22.17 3.24
C ASN B 79 -18.51 -22.38 4.27
N PHE B 80 -19.05 -21.28 4.78
CA PHE B 80 -20.11 -21.33 5.78
C PHE B 80 -21.49 -21.45 5.20
N VAL B 81 -21.57 -21.56 3.88
CA VAL B 81 -22.85 -21.71 3.24
C VAL B 81 -23.49 -23.02 3.70
N THR B 82 -22.64 -23.93 4.17
CA THR B 82 -23.10 -25.24 4.63
C THR B 82 -22.21 -25.79 5.73
N GLY B 83 -22.79 -26.54 6.65
CA GLY B 83 -21.99 -27.13 7.70
C GLY B 83 -22.35 -26.57 9.04
N LEU B 84 -23.04 -25.44 9.05
CA LEU B 84 -23.47 -24.82 10.30
C LEU B 84 -24.62 -25.65 10.88
N LEU B 85 -24.66 -25.83 12.19
CA LEU B 85 -25.74 -26.61 12.81
C LEU B 85 -26.86 -25.71 13.29
N PRO B 86 -28.12 -26.09 13.03
CA PRO B 86 -29.26 -25.28 13.47
C PRO B 86 -29.18 -24.93 14.96
N PRO B 87 -29.65 -23.72 15.34
CA PRO B 87 -30.27 -22.68 14.51
C PRO B 87 -29.30 -21.67 13.91
N LEU B 88 -28.06 -22.07 13.63
CA LEU B 88 -27.12 -21.12 13.07
C LEU B 88 -27.38 -20.86 11.61
N LEU B 89 -27.19 -19.60 11.21
CA LEU B 89 -27.38 -19.20 9.83
C LEU B 89 -26.05 -18.73 9.28
N THR B 90 -25.82 -18.95 8.00
CA THR B 90 -24.58 -18.50 7.38
C THR B 90 -24.45 -16.99 7.60
N GLY B 91 -25.57 -16.30 7.63
CA GLY B 91 -25.57 -14.86 7.83
C GLY B 91 -25.14 -14.46 9.23
N ASP B 92 -25.06 -15.46 10.12
CA ASP B 92 -24.66 -15.23 11.50
C ASP B 92 -23.14 -15.22 11.61
N THR B 93 -22.45 -15.54 10.53
CA THR B 93 -20.99 -15.53 10.54
C THR B 93 -20.46 -14.30 9.82
N GLU B 94 -21.34 -13.33 9.54
CA GLU B 94 -20.92 -12.10 8.86
C GLU B 94 -20.28 -11.15 9.85
N PRO B 95 -19.09 -10.63 9.53
CA PRO B 95 -18.32 -9.70 10.38
C PRO B 95 -19.06 -8.38 10.56
N ALA B 96 -18.76 -7.67 11.63
CA ALA B 96 -19.40 -6.39 11.89
C ALA B 96 -19.02 -5.41 10.77
N PHE B 97 -17.84 -5.59 10.20
CA PHE B 97 -17.40 -4.74 9.12
C PHE B 97 -17.81 -5.35 7.78
N HIS B 98 -18.94 -6.05 7.85
CA HIS B 98 -19.56 -6.73 6.71
C HIS B 98 -18.57 -7.42 5.79
N ASN B 99 -18.50 -6.99 4.54
CA ASN B 99 -17.59 -7.66 3.60
C ASN B 99 -16.40 -6.84 3.11
N ASP B 100 -16.05 -5.82 3.88
CA ASP B 100 -14.91 -4.98 3.52
C ASP B 100 -13.66 -5.86 3.61
N VAL B 101 -12.57 -5.44 2.99
CA VAL B 101 -11.34 -6.20 3.05
C VAL B 101 -10.55 -5.64 4.22
N VAL B 102 -10.08 -6.53 5.09
CA VAL B 102 -9.34 -6.10 6.27
C VAL B 102 -8.04 -6.90 6.46
N THR B 103 -7.47 -6.74 7.65
CA THR B 103 -6.25 -7.43 8.02
C THR B 103 -6.44 -7.65 9.51
N TYR B 104 -7.67 -8.02 9.83
CA TYR B 104 -8.06 -8.25 11.22
C TYR B 104 -7.54 -9.56 11.78
N GLY B 105 -7.27 -9.55 13.08
CA GLY B 105 -6.80 -10.74 13.77
C GLY B 105 -5.51 -11.33 13.25
N ALA B 106 -4.64 -10.51 12.65
CA ALA B 106 -3.36 -10.99 12.13
C ALA B 106 -2.58 -11.71 13.23
N GLN B 107 -2.15 -12.93 12.93
CA GLN B 107 -1.43 -13.74 13.90
C GLN B 107 -0.37 -14.62 13.22
N THR B 108 0.56 -15.14 14.01
CA THR B 108 1.59 -16.00 13.45
C THR B 108 1.17 -17.45 13.67
N VAL B 109 1.35 -18.27 12.65
CA VAL B 109 0.95 -19.67 12.71
C VAL B 109 1.96 -20.56 11.97
N ALA B 110 2.47 -21.57 12.67
CA ALA B 110 3.47 -22.50 12.14
C ALA B 110 2.86 -23.68 11.39
N ILE B 111 3.35 -23.90 10.17
CA ILE B 111 2.89 -24.99 9.31
C ILE B 111 4.01 -25.96 8.96
N GLY B 112 3.79 -27.26 9.12
CA GLY B 112 4.82 -28.23 8.80
C GLY B 112 4.74 -28.62 7.34
N LEU B 113 5.86 -28.52 6.63
CA LEU B 113 5.90 -28.86 5.22
C LEU B 113 6.84 -30.04 5.00
N SER B 114 6.35 -31.07 4.30
CA SER B 114 7.17 -32.26 4.03
C SER B 114 6.88 -32.80 2.62
N SER B 115 7.74 -33.68 2.13
CA SER B 115 7.52 -34.30 0.84
C SER B 115 7.04 -35.76 1.14
N GLY B 116 6.19 -35.96 2.17
CA GLY B 116 5.76 -37.26 2.72
C GLY B 116 6.59 -37.21 4.09
N GLY B 117 7.93 -37.01 3.96
CA GLY B 117 8.95 -36.99 5.06
C GLY B 117 9.01 -36.75 6.62
N THR B 118 9.67 -35.65 6.95
CA THR B 118 9.96 -35.19 8.29
C THR B 118 9.72 -33.81 7.93
N PRO B 119 8.69 -33.32 8.55
CA PRO B 119 8.13 -32.00 8.43
C PRO B 119 9.06 -30.92 8.90
N GLN B 120 9.15 -29.86 8.11
CA GLN B 120 9.95 -28.71 8.48
C GLN B 120 8.95 -27.57 8.66
N TYR B 121 8.90 -26.99 9.85
CA TYR B 121 7.94 -25.94 10.15
C TYR B 121 8.25 -24.50 9.76
N MET B 122 7.29 -23.87 9.10
CA MET B 122 7.39 -22.49 8.65
C MET B 122 6.48 -21.59 9.47
N SER B 123 7.00 -20.45 9.89
CA SER B 123 6.20 -19.50 10.65
C SER B 123 5.56 -18.58 9.61
N LYS B 124 4.26 -18.75 9.41
CA LYS B 124 3.54 -17.92 8.43
C LYS B 124 2.58 -16.94 9.10
N ASN B 125 2.24 -15.89 8.35
CA ASN B 125 1.34 -14.86 8.83
C ASN B 125 -0.04 -15.10 8.27
N LEU B 126 -1.04 -15.07 9.13
CA LEU B 126 -2.43 -15.29 8.72
C LEU B 126 -3.41 -14.32 9.38
N TRP B 127 -4.47 -13.94 8.67
CA TRP B 127 -5.46 -13.02 9.22
C TRP B 127 -6.78 -13.10 8.48
N VAL B 128 -7.81 -12.54 9.09
CA VAL B 128 -9.12 -12.50 8.49
C VAL B 128 -9.01 -11.44 7.41
N GLU B 129 -9.17 -11.84 6.16
CA GLU B 129 -9.07 -10.89 5.06
C GLU B 129 -10.40 -10.33 4.59
N GLN B 130 -11.37 -11.19 4.32
CA GLN B 130 -12.68 -10.76 3.83
C GLN B 130 -13.72 -11.86 3.87
N TRP B 131 -14.96 -11.48 4.16
CA TRP B 131 -16.08 -12.41 4.23
C TRP B 131 -17.06 -12.06 3.13
N GLN B 132 -17.29 -12.96 2.18
CA GLN B 132 -18.23 -12.63 1.13
C GLN B 132 -19.14 -13.79 0.76
N ASP B 133 -20.44 -13.53 0.81
CA ASP B 133 -21.46 -14.50 0.48
C ASP B 133 -21.27 -15.82 1.27
N GLY B 134 -21.14 -15.68 2.60
CA GLY B 134 -20.98 -16.84 3.47
C GLY B 134 -19.64 -17.55 3.41
N VAL B 135 -18.69 -16.98 2.69
CA VAL B 135 -17.37 -17.59 2.56
C VAL B 135 -16.32 -16.69 3.16
N LEU B 136 -15.76 -17.13 4.28
CA LEU B 136 -14.72 -16.39 4.98
C LEU B 136 -13.36 -16.69 4.37
N ARG B 137 -12.65 -15.66 3.91
CA ARG B 137 -11.36 -15.88 3.31
C ARG B 137 -10.22 -15.33 4.15
N LEU B 138 -9.32 -16.21 4.59
CA LEU B 138 -8.18 -15.78 5.40
C LEU B 138 -6.95 -15.77 4.52
N ARG B 139 -6.14 -14.71 4.63
CA ARG B 139 -4.94 -14.63 3.84
C ARG B 139 -3.85 -15.34 4.63
N VAL B 140 -3.04 -16.14 3.95
CA VAL B 140 -1.97 -16.88 4.60
C VAL B 140 -0.70 -16.69 3.79
N GLU B 141 0.21 -15.85 4.27
CA GLU B 141 1.43 -15.55 3.54
C GLU B 141 2.65 -15.34 4.40
N GLY B 142 3.80 -15.21 3.75
CA GLY B 142 5.04 -14.98 4.46
C GLY B 142 5.67 -16.21 5.09
N GLY B 143 6.77 -15.98 5.80
CA GLY B 143 7.46 -17.07 6.46
C GLY B 143 8.42 -17.83 5.57
N GLY B 144 8.63 -17.37 4.34
CA GLY B 144 9.54 -18.08 3.46
C GLY B 144 8.91 -19.42 3.06
N SER B 145 9.53 -20.12 2.12
CA SER B 145 9.01 -21.41 1.65
C SER B 145 10.11 -22.36 1.16
N ILE B 146 9.73 -23.62 0.97
CA ILE B 146 10.60 -24.68 0.48
C ILE B 146 9.73 -25.57 -0.41
N THR B 147 10.33 -26.54 -1.09
CA THR B 147 9.55 -27.43 -1.95
C THR B 147 8.96 -28.56 -1.12
N HIS B 148 7.69 -28.82 -1.37
CA HIS B 148 6.98 -29.84 -0.61
C HIS B 148 5.74 -30.27 -1.36
N SER B 149 5.13 -31.35 -0.89
CA SER B 149 3.93 -31.88 -1.49
C SER B 149 2.85 -32.04 -0.44
N ASN B 150 3.24 -32.02 0.83
CA ASN B 150 2.30 -32.14 1.94
C ASN B 150 2.49 -31.03 2.95
N SER B 151 1.40 -30.63 3.61
CA SER B 151 1.43 -29.59 4.62
C SER B 151 0.56 -29.92 5.84
N LYS B 152 1.13 -29.79 7.03
CA LYS B 152 0.41 -30.07 8.28
C LYS B 152 0.03 -28.76 8.96
N TRP B 153 -1.26 -28.57 9.19
CA TRP B 153 -1.73 -27.33 9.81
C TRP B 153 -2.10 -27.52 11.26
N PRO B 154 -1.87 -26.47 12.06
CA PRO B 154 -2.18 -26.51 13.48
C PRO B 154 -3.63 -26.13 13.74
N ALA B 155 -4.05 -26.32 14.98
CA ALA B 155 -5.40 -25.96 15.37
C ALA B 155 -5.32 -24.45 15.46
N MET B 156 -6.27 -23.77 14.83
CA MET B 156 -6.25 -22.33 14.88
C MET B 156 -7.64 -21.85 15.24
N THR B 157 -7.70 -20.81 16.04
CA THR B 157 -8.99 -20.26 16.39
C THR B 157 -9.02 -18.92 15.70
N VAL B 158 -10.06 -18.70 14.90
CA VAL B 158 -10.23 -17.45 14.17
C VAL B 158 -11.36 -16.68 14.80
N SER B 159 -11.12 -15.39 15.08
CA SER B 159 -12.12 -14.54 15.72
C SER B 159 -12.27 -13.23 14.97
N TYR B 160 -13.37 -12.54 15.26
CA TYR B 160 -13.64 -11.25 14.66
C TYR B 160 -15.01 -10.72 15.09
N PRO B 161 -15.17 -9.37 15.13
CA PRO B 161 -16.43 -8.76 15.51
C PRO B 161 -17.52 -9.36 14.67
N ARG B 162 -18.64 -9.65 15.29
CA ARG B 162 -19.72 -10.26 14.56
C ARG B 162 -20.80 -9.24 14.20
N SER B 163 -21.41 -9.40 13.02
CA SER B 163 -22.45 -8.48 12.60
C SER B 163 -23.71 -8.65 13.42
N PHE B 164 -24.45 -7.54 13.60
CA PHE B 164 -25.71 -7.51 14.35
C PHE B 164 -26.70 -6.64 13.58
N SER C 3 -33.21 8.47 25.67
CA SER C 3 -33.87 8.48 27.00
C SER C 3 -32.97 9.18 28.03
N PRO C 4 -33.59 10.00 28.90
CA PRO C 4 -32.91 10.76 29.96
C PRO C 4 -32.27 9.98 31.13
N ASN C 5 -32.85 8.83 31.50
CA ASN C 5 -32.39 8.01 32.63
C ASN C 5 -31.49 6.82 32.25
N LEU C 6 -30.97 6.89 31.03
CA LEU C 6 -30.07 5.84 30.52
C LEU C 6 -28.61 6.25 30.35
N ARG C 7 -27.72 5.49 30.98
CA ARG C 7 -26.30 5.76 30.91
C ARG C 7 -25.58 4.80 29.96
N TYR C 8 -24.93 5.36 28.94
CA TYR C 8 -24.14 4.60 27.95
C TYR C 8 -23.35 3.53 28.72
N PRO C 9 -23.05 2.38 28.08
CA PRO C 9 -23.52 1.90 26.77
C PRO C 9 -24.98 1.56 26.64
N ILE C 10 -25.75 1.73 27.72
CA ILE C 10 -27.19 1.46 27.66
C ILE C 10 -27.82 2.71 27.09
N ALA C 11 -28.61 2.52 26.04
CA ALA C 11 -29.30 3.62 25.36
C ALA C 11 -30.64 3.22 24.70
N ASP C 12 -31.27 4.19 24.02
CA ASP C 12 -32.54 3.95 23.35
C ASP C 12 -32.40 3.38 21.94
N VAL C 13 -32.91 2.17 21.72
CA VAL C 13 -32.80 1.55 20.39
C VAL C 13 -34.17 1.18 19.88
N SER C 14 -34.52 1.63 18.67
CA SER C 14 -35.83 1.33 18.10
C SER C 14 -36.91 1.39 19.20
N GLY C 15 -36.92 2.49 19.96
CA GLY C 15 -37.87 2.62 21.05
C GLY C 15 -37.30 1.92 22.27
N GLY C 16 -37.37 0.60 22.32
CA GLY C 16 -36.84 -0.10 23.48
C GLY C 16 -35.48 0.24 24.09
N ILE C 17 -35.34 -0.06 25.38
CA ILE C 17 -34.07 0.09 26.08
C ILE C 17 -33.15 -0.98 25.46
N GLY C 18 -32.11 -0.55 24.77
CA GLY C 18 -31.21 -1.51 24.15
C GLY C 18 -29.76 -1.17 24.42
N MET C 19 -28.89 -1.66 23.54
CA MET C 19 -27.47 -1.42 23.66
C MET C 19 -26.94 -0.57 22.52
N SER C 20 -26.22 0.51 22.84
CA SER C 20 -25.68 1.40 21.81
C SER C 20 -24.78 0.72 20.80
N PRO C 21 -25.13 0.78 19.51
CA PRO C 21 -24.33 0.17 18.44
C PRO C 21 -22.90 0.68 18.42
N ASN C 22 -22.70 1.92 18.87
CA ASN C 22 -21.37 2.51 18.89
C ASN C 22 -20.48 1.79 19.89
N TYR C 23 -21.12 1.13 20.86
CA TYR C 23 -20.42 0.38 21.88
C TYR C 23 -20.06 -0.98 21.34
N ARG C 24 -20.99 -1.54 20.57
CA ARG C 24 -20.83 -2.85 19.97
C ARG C 24 -19.79 -2.86 18.84
N PHE C 25 -19.92 -1.95 17.89
CA PHE C 25 -18.95 -1.85 16.79
C PHE C 25 -18.70 -0.40 16.38
N ARG C 26 -17.42 -0.03 16.41
CA ARG C 26 -16.99 1.30 16.06
C ARG C 26 -15.70 1.14 15.27
N GLN C 27 -15.73 1.51 13.99
CA GLN C 27 -14.57 1.34 13.17
C GLN C 27 -13.83 2.61 12.83
N SER C 28 -12.50 2.56 12.84
CA SER C 28 -11.70 3.75 12.53
C SER C 28 -10.35 3.42 11.85
N MET C 29 -9.40 4.33 11.98
CA MET C 29 -8.12 4.17 11.32
C MET C 29 -7.01 5.00 11.92
N TRP C 30 -5.78 4.53 11.78
CA TRP C 30 -4.64 5.27 12.28
C TRP C 30 -3.55 5.25 11.21
N ILE C 31 -3.03 6.43 10.93
CA ILE C 31 -1.97 6.56 9.94
C ILE C 31 -0.86 7.30 10.66
N GLY C 32 -0.17 6.59 11.55
CA GLY C 32 0.87 7.24 12.30
C GLY C 32 2.24 6.63 12.19
N ILE C 33 3.03 6.85 13.25
CA ILE C 33 4.38 6.36 13.28
C ILE C 33 4.70 5.30 14.32
N VAL C 34 5.20 4.18 13.82
CA VAL C 34 5.60 3.08 14.66
C VAL C 34 7.10 3.27 14.79
N SER C 35 7.62 3.20 16.02
CA SER C 35 9.05 3.43 16.22
C SER C 35 9.69 2.35 17.05
N TYR C 36 10.73 1.73 16.51
CA TYR C 36 11.44 0.70 17.24
C TYR C 36 12.56 1.37 18.02
N SER C 37 13.06 0.68 19.03
CA SER C 37 14.14 1.20 19.86
C SER C 37 14.62 0.14 20.85
N GLY C 38 15.90 0.21 21.20
CA GLY C 38 16.47 -0.76 22.13
C GLY C 38 17.89 -1.07 21.72
N SER C 39 18.80 -1.08 22.70
CA SER C 39 20.23 -1.32 22.47
C SER C 39 20.79 -0.33 21.46
N GLY C 40 20.35 0.91 21.55
CA GLY C 40 20.84 1.95 20.67
C GLY C 40 20.25 2.00 19.28
N LEU C 41 19.57 0.93 18.88
CA LEU C 41 18.98 0.88 17.56
C LEU C 41 17.70 1.70 17.51
N ASN C 42 17.61 2.61 16.53
CA ASN C 42 16.43 3.47 16.38
C ASN C 42 15.98 3.65 14.93
N TRP C 43 14.67 3.62 14.73
CA TRP C 43 14.09 3.83 13.41
C TRP C 43 12.58 3.89 13.51
N ARG C 44 11.95 4.54 12.54
CA ARG C 44 10.49 4.66 12.54
C ARG C 44 9.90 4.38 11.17
N VAL C 45 8.60 4.10 11.14
CA VAL C 45 7.90 3.81 9.91
C VAL C 45 6.47 4.34 9.96
N GLN C 46 6.03 4.91 8.84
CA GLN C 46 4.70 5.46 8.71
C GLN C 46 3.83 4.28 8.30
N VAL C 47 2.68 4.11 8.94
CA VAL C 47 1.83 2.99 8.61
C VAL C 47 0.32 3.28 8.62
N ASN C 48 -0.44 2.49 7.87
CA ASN C 48 -1.89 2.64 7.80
C ASN C 48 -2.57 1.42 8.38
N SER C 49 -3.17 1.56 9.55
CA SER C 49 -3.83 0.42 10.18
C SER C 49 -5.27 0.71 10.50
N ASP C 50 -6.10 -0.32 10.42
CA ASP C 50 -7.49 -0.17 10.75
C ASP C 50 -7.58 -0.23 12.26
N ILE C 51 -8.68 0.29 12.80
CA ILE C 51 -8.91 0.27 14.23
C ILE C 51 -10.36 -0.09 14.51
N PHE C 52 -10.56 -1.14 15.30
CA PHE C 52 -11.91 -1.58 15.62
C PHE C 52 -12.11 -1.54 17.12
N ILE C 53 -13.25 -1.03 17.54
CA ILE C 53 -13.58 -1.00 18.96
C ILE C 53 -14.83 -1.86 19.07
N VAL C 54 -14.66 -3.01 19.73
CA VAL C 54 -15.75 -3.95 19.93
C VAL C 54 -15.97 -4.08 21.42
N ASP C 55 -17.14 -3.65 21.90
CA ASP C 55 -17.42 -3.70 23.32
C ASP C 55 -16.37 -2.90 24.08
N ASP C 56 -15.73 -3.55 25.05
CA ASP C 56 -14.72 -2.89 25.84
C ASP C 56 -13.31 -3.16 25.37
N TYR C 57 -13.18 -3.60 24.13
CA TYR C 57 -11.85 -3.87 23.61
C TYR C 57 -11.56 -2.95 22.47
N ILE C 58 -10.28 -2.81 22.18
CA ILE C 58 -9.85 -1.99 21.07
C ILE C 58 -8.82 -2.81 20.33
N HIS C 59 -9.00 -2.91 19.02
CA HIS C 59 -8.10 -3.67 18.18
C HIS C 59 -7.41 -2.77 17.18
N ILE C 60 -6.10 -2.92 17.08
CA ILE C 60 -5.30 -2.15 16.15
C ILE C 60 -4.69 -3.11 15.17
N CYS C 61 -5.19 -3.09 13.94
CA CYS C 61 -4.71 -4.00 12.92
C CYS C 61 -3.54 -3.46 12.11
N LEU C 62 -2.36 -3.68 12.66
CA LEU C 62 -1.13 -3.24 12.03
C LEU C 62 -0.85 -4.07 10.81
N PRO C 63 -0.61 -3.42 9.67
CA PRO C 63 -0.32 -4.20 8.47
C PRO C 63 1.14 -4.63 8.55
N ALA C 64 1.55 -5.51 7.66
CA ALA C 64 2.93 -5.94 7.64
C ALA C 64 3.74 -4.74 7.15
N PHE C 65 4.98 -4.64 7.60
CA PHE C 65 5.87 -3.54 7.21
C PHE C 65 7.34 -3.96 7.30
N ASP C 66 8.21 -3.16 6.70
CA ASP C 66 9.64 -3.47 6.69
C ASP C 66 10.43 -2.52 7.58
N GLY C 67 11.50 -3.03 8.21
CA GLY C 67 12.32 -2.20 9.08
C GLY C 67 13.81 -2.51 9.03
N PHE C 68 14.56 -1.93 9.95
CA PHE C 68 16.01 -2.15 10.00
C PHE C 68 16.43 -3.02 11.17
N SER C 69 17.72 -3.01 11.48
CA SER C 69 18.25 -3.82 12.58
C SER C 69 17.38 -3.73 13.84
N ILE C 70 17.36 -4.81 14.63
CA ILE C 70 16.59 -4.85 15.88
C ILE C 70 17.40 -5.61 16.94
N ALA C 71 17.35 -5.15 18.19
CA ALA C 71 18.07 -5.82 19.26
C ALA C 71 17.28 -7.01 19.77
N ASP C 72 17.91 -7.83 20.61
CA ASP C 72 17.22 -9.00 21.15
C ASP C 72 16.01 -8.52 21.95
N GLY C 73 16.22 -7.47 22.75
CA GLY C 73 15.14 -6.90 23.54
C GLY C 73 14.86 -5.50 23.07
N GLY C 74 13.62 -5.21 22.71
CA GLY C 74 13.29 -3.88 22.23
C GLY C 74 11.86 -3.43 22.47
N ASP C 75 11.59 -2.17 22.15
CA ASP C 75 10.26 -1.59 22.33
C ASP C 75 9.72 -1.05 21.02
N LEU C 76 8.50 -1.41 20.67
CA LEU C 76 7.87 -0.90 19.46
C LEU C 76 6.80 0.08 19.95
N SER C 77 6.88 1.34 19.52
CA SER C 77 5.92 2.32 19.99
C SER C 77 5.02 2.95 18.92
N LEU C 78 3.72 2.84 19.13
CA LEU C 78 2.76 3.43 18.22
C LEU C 78 2.44 4.81 18.77
N ASN C 79 2.66 5.85 17.98
CA ASN C 79 2.36 7.19 18.44
C ASN C 79 0.94 7.59 18.07
N PHE C 80 0.02 7.46 19.02
CA PHE C 80 -1.38 7.79 18.78
C PHE C 80 -1.71 9.26 18.95
N VAL C 81 -0.70 10.06 19.23
CA VAL C 81 -0.94 11.48 19.42
C VAL C 81 -1.40 12.07 18.08
N THR C 82 -1.10 11.37 17.00
CA THR C 82 -1.46 11.81 15.65
C THR C 82 -1.68 10.64 14.70
N GLY C 83 -2.63 10.80 13.79
CA GLY C 83 -2.87 9.76 12.83
C GLY C 83 -4.26 9.20 13.00
N LEU C 84 -4.89 9.52 14.11
CA LEU C 84 -6.22 9.02 14.36
C LEU C 84 -7.25 9.77 13.55
N LEU C 85 -8.34 9.09 13.21
CA LEU C 85 -9.42 9.69 12.44
C LEU C 85 -10.54 10.28 13.27
N PRO C 86 -10.87 11.55 13.00
CA PRO C 86 -11.94 12.26 13.70
C PRO C 86 -13.11 11.25 13.43
N PRO C 87 -13.98 11.03 14.42
CA PRO C 87 -14.01 11.68 15.74
C PRO C 87 -12.97 11.11 16.76
N LEU C 88 -12.29 10.01 16.47
CA LEU C 88 -11.33 9.47 17.43
C LEU C 88 -10.34 10.43 18.07
N LEU C 89 -10.15 10.20 19.37
CA LEU C 89 -9.24 10.99 20.20
C LEU C 89 -8.13 10.09 20.71
N THR C 90 -6.94 10.63 20.88
CA THR C 90 -5.83 9.83 21.37
C THR C 90 -6.22 9.21 22.71
N GLY C 91 -7.07 9.92 23.44
CA GLY C 91 -7.50 9.43 24.74
C GLY C 91 -8.29 8.14 24.63
N ASP C 92 -8.97 7.98 23.50
CA ASP C 92 -9.76 6.79 23.23
C ASP C 92 -8.89 5.53 23.13
N THR C 93 -7.58 5.69 22.96
CA THR C 93 -6.68 4.55 22.84
C THR C 93 -6.11 4.16 24.20
N GLU C 94 -6.58 4.80 25.26
CA GLU C 94 -6.10 4.51 26.61
C GLU C 94 -6.69 3.20 27.15
N PRO C 95 -5.82 2.30 27.68
CA PRO C 95 -6.19 0.99 28.25
C PRO C 95 -7.02 1.14 29.51
N ALA C 96 -7.84 0.14 29.80
CA ALA C 96 -8.67 0.16 31.00
C ALA C 96 -7.76 0.24 32.22
N PHE C 97 -6.58 -0.37 32.12
CA PHE C 97 -5.62 -0.37 33.22
C PHE C 97 -4.71 0.86 33.06
N HIS C 98 -5.28 1.90 32.46
CA HIS C 98 -4.60 3.18 32.24
C HIS C 98 -3.18 3.07 31.76
N ASN C 99 -2.24 3.56 32.56
CA ASN C 99 -0.85 3.50 32.14
C ASN C 99 0.08 2.59 32.95
N ASP C 100 -0.50 1.64 33.67
CA ASP C 100 0.34 0.73 34.45
C ASP C 100 1.15 -0.06 33.44
N VAL C 101 2.20 -0.71 33.93
CA VAL C 101 3.02 -1.55 33.07
C VAL C 101 2.42 -2.97 33.18
N VAL C 102 2.21 -3.61 32.04
CA VAL C 102 1.63 -4.95 32.01
C VAL C 102 2.37 -5.91 31.06
N THR C 103 1.76 -7.06 30.84
CA THR C 103 2.30 -8.07 29.94
C THR C 103 1.06 -8.65 29.30
N TYR C 104 0.15 -7.75 28.95
CA TYR C 104 -1.13 -8.09 28.35
C TYR C 104 -1.00 -8.46 26.88
N GLY C 105 -1.85 -9.39 26.46
CA GLY C 105 -1.89 -9.85 25.08
C GLY C 105 -0.62 -10.47 24.55
N ALA C 106 0.19 -11.06 25.42
CA ALA C 106 1.44 -11.68 25.01
C ALA C 106 1.18 -12.73 23.93
N GLN C 107 1.92 -12.63 22.83
CA GLN C 107 1.75 -13.52 21.69
C GLN C 107 3.08 -13.76 20.98
N THR C 108 3.12 -14.79 20.15
CA THR C 108 4.32 -15.09 19.39
C THR C 108 4.18 -14.48 18.03
N VAL C 109 5.26 -13.89 17.54
CA VAL C 109 5.26 -13.24 16.24
C VAL C 109 6.59 -13.45 15.52
N ALA C 110 6.54 -13.99 14.31
CA ALA C 110 7.74 -14.26 13.53
C ALA C 110 8.17 -13.09 12.66
N ILE C 111 9.46 -12.74 12.76
CA ILE C 111 10.02 -11.64 11.98
C ILE C 111 11.17 -12.12 11.10
N GLY C 112 11.17 -11.69 9.85
CA GLY C 112 12.22 -12.10 8.95
C GLY C 112 13.40 -11.16 9.03
N LEU C 113 14.58 -11.70 9.22
CA LEU C 113 15.78 -10.89 9.31
C LEU C 113 16.71 -11.22 8.16
N SER C 114 17.15 -10.20 7.43
CA SER C 114 18.06 -10.43 6.32
C SER C 114 19.11 -9.35 6.24
N SER C 115 20.09 -9.61 5.39
CA SER C 115 21.16 -8.67 5.20
C SER C 115 21.09 -8.31 3.72
N GLY C 116 19.87 -8.14 3.23
CA GLY C 116 19.68 -7.82 1.83
C GLY C 116 19.17 -9.04 1.06
N GLY C 117 19.89 -10.17 1.15
CA GLY C 117 19.47 -11.38 0.45
C GLY C 117 18.21 -12.05 0.99
N THR C 118 18.33 -13.34 1.29
CA THR C 118 17.23 -14.15 1.79
C THR C 118 17.00 -14.02 3.32
N PRO C 119 15.72 -13.82 3.73
CA PRO C 119 15.27 -13.66 5.12
C PRO C 119 15.22 -14.94 5.94
N GLN C 120 15.64 -14.85 7.20
CA GLN C 120 15.59 -15.98 8.12
C GLN C 120 14.62 -15.53 9.22
N TYR C 121 13.54 -16.28 9.41
CA TYR C 121 12.52 -15.91 10.40
C TYR C 121 12.72 -16.33 11.85
N MET C 122 12.58 -15.35 12.75
CA MET C 122 12.73 -15.55 14.19
C MET C 122 11.37 -15.47 14.88
N SER C 123 11.13 -16.42 15.78
CA SER C 123 9.88 -16.43 16.52
C SER C 123 10.13 -15.58 17.76
N LYS C 124 9.56 -14.38 17.78
CA LYS C 124 9.74 -13.50 18.91
C LYS C 124 8.47 -13.31 19.72
N ASN C 125 8.65 -12.93 20.98
CA ASN C 125 7.55 -12.73 21.91
C ASN C 125 7.22 -11.25 21.97
N LEU C 126 5.93 -10.93 21.88
CA LEU C 126 5.51 -9.54 21.91
C LEU C 126 4.23 -9.34 22.74
N TRP C 127 4.12 -8.20 23.41
CA TRP C 127 2.94 -7.95 24.23
C TRP C 127 2.77 -6.47 24.49
N VAL C 128 1.57 -6.11 24.93
CA VAL C 128 1.29 -4.73 25.24
C VAL C 128 1.96 -4.48 26.59
N GLU C 129 2.95 -3.58 26.62
CA GLU C 129 3.68 -3.29 27.84
C GLU C 129 3.14 -2.12 28.64
N GLN C 130 2.97 -0.96 27.99
CA GLN C 130 2.47 0.21 28.68
C GLN C 130 2.05 1.31 27.73
N TRP C 131 1.00 2.05 28.13
CA TRP C 131 0.47 3.15 27.33
C TRP C 131 0.67 4.45 28.10
N GLN C 132 1.43 5.37 27.54
CA GLN C 132 1.63 6.62 28.24
C GLN C 132 1.65 7.83 27.33
N ASP C 133 0.80 8.81 27.66
CA ASP C 133 0.67 10.04 26.89
C ASP C 133 0.40 9.79 25.42
N GLY C 134 -0.60 8.96 25.13
CA GLY C 134 -0.95 8.65 23.75
C GLY C 134 0.02 7.77 22.99
N VAL C 135 1.04 7.25 23.66
CA VAL C 135 2.02 6.39 23.01
C VAL C 135 1.99 5.00 23.58
N LEU C 136 1.53 4.06 22.76
CA LEU C 136 1.45 2.66 23.16
C LEU C 136 2.80 1.98 22.92
N ARG C 137 3.38 1.39 23.96
CA ARG C 137 4.67 0.73 23.83
C ARG C 137 4.57 -0.77 24.02
N LEU C 138 4.93 -1.50 22.97
CA LEU C 138 4.88 -2.96 22.99
C LEU C 138 6.29 -3.49 23.18
N ARG C 139 6.44 -4.47 24.03
CA ARG C 139 7.75 -5.06 24.26
C ARG C 139 7.89 -6.17 23.23
N VAL C 140 9.06 -6.26 22.60
CA VAL C 140 9.33 -7.29 21.60
C VAL C 140 10.70 -7.92 21.88
N GLU C 141 10.70 -9.12 22.48
CA GLU C 141 11.95 -9.77 22.80
C GLU C 141 11.93 -11.28 22.68
N GLY C 142 13.07 -11.90 22.91
CA GLY C 142 13.16 -13.35 22.85
C GLY C 142 13.34 -13.88 21.45
N GLY C 143 13.39 -15.22 21.34
CA GLY C 143 13.53 -15.89 20.05
C GLY C 143 14.95 -15.96 19.52
N GLY C 144 15.94 -15.59 20.33
CA GLY C 144 17.32 -15.59 19.88
C GLY C 144 17.53 -14.59 18.75
N SER C 145 18.76 -14.41 18.30
CA SER C 145 19.03 -13.45 17.21
C SER C 145 20.25 -13.80 16.35
N ILE C 146 20.41 -13.06 15.25
CA ILE C 146 21.53 -13.25 14.34
C ILE C 146 21.83 -11.85 13.82
N THR C 147 22.96 -11.68 13.14
CA THR C 147 23.31 -10.37 12.60
C THR C 147 22.52 -10.05 11.33
N HIS C 148 22.04 -8.81 11.23
CA HIS C 148 21.24 -8.39 10.08
C HIS C 148 21.17 -6.88 9.99
N SER C 149 20.63 -6.39 8.88
CA SER C 149 20.50 -4.95 8.65
C SER C 149 19.05 -4.59 8.30
N ASN C 150 18.28 -5.60 7.90
CA ASN C 150 16.88 -5.40 7.54
C ASN C 150 15.98 -6.38 8.27
N SER C 151 14.74 -5.97 8.54
CA SER C 151 13.76 -6.80 9.23
C SER C 151 12.38 -6.67 8.60
N LYS C 152 11.75 -7.80 8.32
CA LYS C 152 10.41 -7.81 7.74
C LYS C 152 9.40 -8.21 8.81
N TRP C 153 8.42 -7.36 9.03
CA TRP C 153 7.42 -7.64 10.06
C TRP C 153 6.10 -8.10 9.49
N PRO C 154 5.39 -8.95 10.24
CA PRO C 154 4.10 -9.45 9.80
C PRO C 154 2.96 -8.52 10.20
N ALA C 155 1.78 -8.79 9.69
CA ALA C 155 0.61 -8.02 10.03
C ALA C 155 0.30 -8.49 11.43
N MET C 156 0.13 -7.56 12.36
CA MET C 156 -0.18 -7.96 13.71
C MET C 156 -1.38 -7.16 14.18
N THR C 157 -2.26 -7.82 14.93
CA THR C 157 -3.41 -7.12 15.47
C THR C 157 -3.15 -7.06 16.96
N VAL C 158 -3.17 -5.86 17.51
CA VAL C 158 -2.93 -5.66 18.93
C VAL C 158 -4.22 -5.27 19.59
N SER C 159 -4.56 -5.92 20.70
CA SER C 159 -5.80 -5.65 21.40
C SER C 159 -5.57 -5.47 22.89
N TYR C 160 -6.56 -4.92 23.56
CA TYR C 160 -6.51 -4.72 25.02
C TYR C 160 -7.75 -3.97 25.51
N PRO C 161 -8.12 -4.21 26.78
CA PRO C 161 -9.29 -3.56 27.39
C PRO C 161 -9.14 -2.09 27.17
N ARG C 162 -10.22 -1.43 26.80
CA ARG C 162 -10.13 -0.02 26.56
C ARG C 162 -10.71 0.78 27.73
N SER C 163 -10.12 1.93 27.98
CA SER C 163 -10.56 2.77 29.07
C SER C 163 -11.93 3.40 28.81
N PHE C 164 -12.69 3.62 29.89
CA PHE C 164 -14.02 4.22 29.81
C PHE C 164 -14.32 5.19 30.95
N PRO D 4 34.57 29.18 -33.96
CA PRO D 4 35.08 28.22 -32.98
C PRO D 4 35.12 26.81 -33.38
N ASN D 5 35.51 26.08 -32.36
CA ASN D 5 35.68 24.66 -32.48
C ASN D 5 34.39 23.95 -32.09
N LEU D 6 33.29 24.61 -31.65
CA LEU D 6 32.17 23.86 -31.10
C LEU D 6 30.90 23.91 -31.82
N ARG D 7 30.41 22.72 -32.12
CA ARG D 7 29.15 22.56 -32.79
C ARG D 7 28.02 22.15 -31.85
N TYR D 8 26.97 22.97 -31.82
CA TYR D 8 25.78 22.75 -30.99
C TYR D 8 25.39 21.27 -31.14
N PRO D 9 24.84 20.64 -30.08
CA PRO D 9 24.53 21.14 -28.74
C PRO D 9 25.72 21.37 -27.82
N ILE D 10 26.91 21.12 -28.33
CA ILE D 10 28.07 21.36 -27.51
C ILE D 10 28.47 22.81 -27.79
N ALA D 11 28.85 23.59 -26.81
CA ALA D 11 29.28 24.95 -27.15
C ALA D 11 30.02 25.46 -25.94
N ASP D 12 30.37 26.74 -25.94
CA ASP D 12 31.12 27.29 -24.81
C ASP D 12 30.16 27.61 -23.67
N VAL D 13 30.61 27.31 -22.45
CA VAL D 13 29.80 27.53 -21.26
C VAL D 13 30.69 27.91 -20.07
N SER D 14 30.35 29.00 -19.38
CA SER D 14 31.15 29.48 -18.24
C SER D 14 32.64 29.13 -18.43
N GLY D 15 33.17 29.57 -19.58
CA GLY D 15 34.56 29.32 -19.91
C GLY D 15 34.92 27.92 -20.44
N GLY D 16 34.38 26.88 -19.82
CA GLY D 16 34.68 25.52 -20.27
C GLY D 16 33.72 24.97 -21.33
N ILE D 17 34.04 23.77 -21.83
CA ILE D 17 33.23 23.09 -22.84
C ILE D 17 32.08 22.39 -22.13
N GLY D 18 30.86 22.85 -22.38
CA GLY D 18 29.72 22.22 -21.73
C GLY D 18 28.62 21.92 -22.71
N MET D 19 27.41 21.81 -22.18
CA MET D 19 26.26 21.50 -23.02
C MET D 19 25.28 22.68 -23.00
N SER D 20 24.91 23.15 -24.18
CA SER D 20 23.97 24.27 -24.28
C SER D 20 22.64 24.04 -23.56
N PRO D 21 22.30 24.93 -22.62
CA PRO D 21 21.05 24.81 -21.86
C PRO D 21 19.81 24.84 -22.75
N ASN D 22 19.93 25.47 -23.92
CA ASN D 22 18.82 25.54 -24.87
C ASN D 22 18.49 24.15 -25.42
N TYR D 23 19.50 23.28 -25.39
CA TYR D 23 19.37 21.91 -25.87
C TYR D 23 18.71 21.08 -24.78
N ARG D 24 19.09 21.36 -23.54
CA ARG D 24 18.60 20.66 -22.38
C ARG D 24 17.15 21.02 -22.06
N PHE D 25 16.83 22.31 -21.97
CA PHE D 25 15.47 22.73 -21.69
C PHE D 25 15.12 23.98 -22.47
N ARG D 26 14.02 23.91 -23.22
CA ARG D 26 13.56 25.02 -24.02
C ARG D 26 12.04 24.96 -23.91
N GLN D 27 11.45 25.99 -23.31
CA GLN D 27 10.00 26.01 -23.13
C GLN D 27 9.26 26.99 -24.03
N SER D 28 8.10 26.58 -24.53
CA SER D 28 7.31 27.45 -25.40
C SER D 28 5.79 27.22 -25.31
N MET D 29 5.09 27.60 -26.37
CA MET D 29 3.64 27.46 -26.38
C MET D 29 3.02 27.47 -27.76
N TRP D 30 1.87 26.84 -27.88
CA TRP D 30 1.18 26.75 -29.15
C TRP D 30 -0.28 27.06 -28.88
N ILE D 31 -0.81 28.01 -29.65
CA ILE D 31 -2.21 28.37 -29.52
C ILE D 31 -2.75 28.21 -30.93
N GLY D 32 -2.98 26.96 -31.33
CA GLY D 32 -3.46 26.71 -32.67
C GLY D 32 -4.74 25.93 -32.79
N ILE D 33 -4.91 25.29 -33.94
CA ILE D 33 -6.12 24.52 -34.16
C ILE D 33 -5.92 23.03 -34.31
N VAL D 34 -6.65 22.31 -33.48
CA VAL D 34 -6.65 20.87 -33.49
C VAL D 34 -7.86 20.52 -34.34
N SER D 35 -7.71 19.63 -35.30
CA SER D 35 -8.84 19.28 -36.16
C SER D 35 -9.05 17.78 -36.29
N TYR D 36 -10.26 17.32 -35.95
CA TYR D 36 -10.58 15.91 -36.05
C TYR D 36 -11.12 15.66 -37.46
N SER D 37 -11.09 14.41 -37.89
CA SER D 37 -11.58 14.04 -39.21
C SER D 37 -11.59 12.53 -39.38
N GLY D 38 -12.52 12.03 -40.19
CA GLY D 38 -12.62 10.59 -40.42
C GLY D 38 -14.07 10.16 -40.52
N SER D 39 -14.38 9.36 -41.54
CA SER D 39 -15.74 8.88 -41.76
C SER D 39 -16.68 10.07 -41.99
N GLY D 40 -16.17 11.10 -42.68
CA GLY D 40 -16.96 12.29 -42.97
C GLY D 40 -17.14 13.29 -41.84
N LEU D 41 -16.83 12.88 -40.61
CA LEU D 41 -16.97 13.77 -39.45
C LEU D 41 -15.82 14.78 -39.42
N ASN D 42 -16.17 16.06 -39.34
CA ASN D 42 -15.19 17.14 -39.31
C ASN D 42 -15.50 18.24 -38.29
N TRP D 43 -14.47 18.69 -37.60
CA TRP D 43 -14.60 19.76 -36.62
C TRP D 43 -13.22 20.17 -36.12
N ARG D 44 -13.13 21.41 -35.63
CA ARG D 44 -11.86 21.94 -35.14
C ARG D 44 -12.04 22.68 -33.82
N VAL D 45 -10.97 22.92 -33.09
CA VAL D 45 -11.10 23.68 -31.85
C VAL D 45 -9.81 24.41 -31.55
N GLN D 46 -9.91 25.53 -30.85
CA GLN D 46 -8.68 26.14 -30.49
C GLN D 46 -8.16 25.63 -29.18
N VAL D 47 -6.86 25.75 -29.03
CA VAL D 47 -6.24 24.97 -28.01
C VAL D 47 -4.94 25.61 -27.48
N ASN D 48 -4.87 25.96 -26.19
CA ASN D 48 -3.62 26.55 -25.67
C ASN D 48 -2.78 25.47 -24.99
N SER D 49 -1.65 25.11 -25.59
CA SER D 49 -0.82 24.06 -25.02
C SER D 49 0.61 24.48 -24.82
N ASP D 50 1.22 23.94 -23.77
CA ASP D 50 2.62 24.23 -23.47
C ASP D 50 3.44 23.36 -24.39
N ILE D 51 4.68 23.78 -24.64
CA ILE D 51 5.58 23.01 -25.48
C ILE D 51 6.96 22.98 -24.84
N PHE D 52 7.45 21.77 -24.57
CA PHE D 52 8.76 21.61 -23.97
C PHE D 52 9.68 20.84 -24.89
N ILE D 53 10.91 21.32 -25.02
CA ILE D 53 11.90 20.66 -25.84
C ILE D 53 12.99 20.25 -24.86
N VAL D 54 13.13 18.95 -24.63
CA VAL D 54 14.15 18.44 -23.73
C VAL D 54 15.04 17.54 -24.54
N ASP D 55 16.30 17.91 -24.66
CA ASP D 55 17.27 17.16 -25.45
C ASP D 55 16.76 17.03 -26.88
N ASP D 56 16.65 15.79 -27.38
CA ASP D 56 16.20 15.57 -28.74
C ASP D 56 14.72 15.22 -28.83
N TYR D 57 13.98 15.54 -27.78
CA TYR D 57 12.56 15.25 -27.77
C TYR D 57 11.78 16.55 -27.75
N ILE D 58 10.54 16.47 -28.17
CA ILE D 58 9.67 17.62 -28.13
C ILE D 58 8.35 17.12 -27.55
N HIS D 59 7.85 17.86 -26.56
CA HIS D 59 6.62 17.49 -25.88
C HIS D 59 5.56 18.55 -26.09
N ILE D 60 4.36 18.11 -26.45
CA ILE D 60 3.27 19.02 -26.67
C ILE D 60 2.20 18.66 -25.66
N CYS D 61 2.03 19.52 -24.66
CA CYS D 61 1.06 19.24 -23.61
C CYS D 61 -0.31 19.81 -23.92
N LEU D 62 -1.10 18.99 -24.62
CA LEU D 62 -2.45 19.39 -24.99
C LEU D 62 -3.33 19.36 -23.77
N PRO D 63 -4.05 20.46 -23.53
CA PRO D 63 -4.91 20.46 -22.36
C PRO D 63 -6.21 19.76 -22.73
N ALA D 64 -7.14 19.79 -21.80
CA ALA D 64 -8.43 19.18 -22.02
C ALA D 64 -9.11 19.93 -23.15
N PHE D 65 -9.96 19.28 -23.94
CA PHE D 65 -10.74 20.05 -24.89
C PHE D 65 -12.07 19.37 -24.80
N ASP D 66 -12.83 19.47 -25.89
CA ASP D 66 -14.21 19.02 -25.87
C ASP D 66 -14.53 19.07 -27.32
N GLY D 67 -15.26 18.09 -27.82
CA GLY D 67 -15.51 18.06 -29.24
C GLY D 67 -16.83 17.44 -29.61
N PHE D 68 -17.02 17.17 -30.90
CA PHE D 68 -18.26 16.59 -31.37
C PHE D 68 -18.09 15.13 -31.76
N SER D 69 -19.06 14.60 -32.49
CA SER D 69 -19.03 13.23 -32.94
C SER D 69 -17.64 12.80 -33.47
N ILE D 70 -17.30 11.53 -33.29
CA ILE D 70 -16.02 10.98 -33.76
C ILE D 70 -16.23 9.56 -34.27
N ALA D 71 -15.55 9.23 -35.37
CA ALA D 71 -15.68 7.90 -35.96
C ALA D 71 -14.81 6.91 -35.21
N ASP D 72 -14.98 5.62 -35.50
CA ASP D 72 -14.19 4.58 -34.84
C ASP D 72 -12.72 4.83 -35.17
N GLY D 73 -12.44 5.12 -36.43
CA GLY D 73 -11.08 5.40 -36.85
C GLY D 73 -11.01 6.83 -37.35
N GLY D 74 -10.10 7.61 -36.78
CA GLY D 74 -9.97 9.00 -37.20
C GLY D 74 -8.58 9.60 -37.04
N ASP D 75 -8.44 10.84 -37.53
CA ASP D 75 -7.18 11.57 -37.49
C ASP D 75 -7.34 12.90 -36.75
N LEU D 76 -6.46 13.15 -35.77
CA LEU D 76 -6.46 14.41 -35.03
C LEU D 76 -5.24 15.19 -35.53
N SER D 77 -5.45 16.37 -36.10
CA SER D 77 -4.33 17.12 -36.64
C SER D 77 -4.05 18.46 -35.97
N LEU D 78 -2.82 18.63 -35.50
CA LEU D 78 -2.39 19.87 -34.88
C LEU D 78 -1.77 20.71 -35.99
N ASN D 79 -2.30 21.91 -36.25
CA ASN D 79 -1.73 22.74 -37.29
C ASN D 79 -0.67 23.66 -36.71
N PHE D 80 0.60 23.29 -36.86
CA PHE D 80 1.71 24.09 -36.33
C PHE D 80 2.16 25.19 -37.25
N VAL D 81 1.47 25.37 -38.36
CA VAL D 81 1.82 26.44 -39.29
C VAL D 81 1.60 27.79 -38.58
N THR D 82 0.75 27.80 -37.57
CA THR D 82 0.44 29.01 -36.82
C THR D 82 0.12 28.70 -35.35
N GLY D 83 0.47 29.61 -34.46
CA GLY D 83 0.16 29.39 -33.07
C GLY D 83 1.41 29.24 -32.24
N LEU D 84 2.54 29.04 -32.92
CA LEU D 84 3.81 28.90 -32.22
C LEU D 84 4.23 30.24 -31.69
N LEU D 85 5.04 30.20 -30.65
CA LEU D 85 5.49 31.41 -29.99
C LEU D 85 6.97 31.47 -30.08
N PRO D 86 7.52 32.51 -30.72
CA PRO D 86 8.98 32.63 -30.87
C PRO D 86 9.77 32.50 -29.57
N PRO D 87 11.09 32.28 -29.65
CA PRO D 87 11.86 32.18 -30.87
C PRO D 87 11.63 30.86 -31.68
N LEU D 88 10.37 30.39 -31.80
CA LEU D 88 10.08 29.14 -32.54
C LEU D 88 9.65 29.21 -34.00
N LEU D 89 9.72 28.05 -34.66
CA LEU D 89 9.35 27.92 -36.06
C LEU D 89 8.59 26.62 -36.27
N THR D 90 7.68 26.61 -37.24
CA THR D 90 6.91 25.41 -37.51
C THR D 90 7.90 24.29 -37.87
N GLY D 91 9.02 24.68 -38.46
CA GLY D 91 10.05 23.73 -38.84
C GLY D 91 10.59 23.02 -37.62
N ASP D 92 10.54 23.68 -36.47
CA ASP D 92 11.03 23.10 -35.21
C ASP D 92 10.17 21.96 -34.67
N THR D 93 8.97 21.80 -35.22
CA THR D 93 8.08 20.73 -34.77
C THR D 93 8.27 19.47 -35.64
N GLU D 94 9.21 19.52 -36.57
CA GLU D 94 9.45 18.37 -37.44
C GLU D 94 10.16 17.22 -36.73
N PRO D 95 9.60 15.99 -36.82
CA PRO D 95 10.16 14.80 -36.18
C PRO D 95 11.51 14.43 -36.79
N ALA D 96 12.31 13.70 -36.03
CA ALA D 96 13.62 13.28 -36.54
C ALA D 96 13.45 12.37 -37.75
N PHE D 97 12.35 11.61 -37.77
CA PHE D 97 12.05 10.71 -38.87
C PHE D 97 11.24 11.48 -39.92
N HIS D 98 11.51 12.77 -39.99
CA HIS D 98 10.86 13.69 -40.93
C HIS D 98 9.39 13.48 -41.12
N ASN D 99 8.98 13.15 -42.34
CA ASN D 99 7.55 12.97 -42.56
C ASN D 99 7.12 11.56 -42.91
N ASP D 100 7.93 10.58 -42.54
CA ASP D 100 7.55 9.20 -42.79
C ASP D 100 6.31 8.91 -41.95
N VAL D 101 5.60 7.83 -42.29
CA VAL D 101 4.42 7.43 -41.54
C VAL D 101 4.91 6.47 -40.48
N VAL D 102 4.51 6.69 -39.22
CA VAL D 102 4.92 5.83 -38.12
C VAL D 102 3.77 5.44 -37.21
N THR D 103 4.13 4.87 -36.07
CA THR D 103 3.16 4.45 -35.08
C THR D 103 3.90 4.71 -33.78
N TYR D 104 4.56 5.87 -33.76
CA TYR D 104 5.34 6.31 -32.62
C TYR D 104 4.49 6.81 -31.44
N GLY D 105 4.98 6.57 -30.23
CA GLY D 105 4.30 7.01 -29.03
C GLY D 105 2.89 6.48 -28.81
N ALA D 106 2.59 5.29 -29.34
CA ALA D 106 1.26 4.71 -29.18
C ALA D 106 0.90 4.63 -27.70
N GLN D 107 -0.27 5.12 -27.35
CA GLN D 107 -0.73 5.12 -25.96
C GLN D 107 -2.25 5.00 -25.89
N THR D 108 -2.73 4.65 -24.71
CA THR D 108 -4.17 4.50 -24.49
C THR D 108 -4.69 5.80 -23.92
N VAL D 109 -5.84 6.24 -24.42
CA VAL D 109 -6.43 7.49 -23.98
C VAL D 109 -7.97 7.38 -23.94
N ALA D 110 -8.55 7.66 -22.77
CA ALA D 110 -10.01 7.58 -22.57
C ALA D 110 -10.74 8.86 -22.93
N ILE D 111 -11.78 8.70 -23.75
CA ILE D 111 -12.60 9.81 -24.21
C ILE D 111 -14.07 9.63 -23.80
N GLY D 112 -14.67 10.68 -23.22
CA GLY D 112 -16.05 10.59 -22.81
C GLY D 112 -16.96 10.94 -23.95
N LEU D 113 -17.93 10.07 -24.22
CA LEU D 113 -18.88 10.32 -25.29
C LEU D 113 -20.29 10.46 -24.70
N SER D 114 -20.98 11.54 -25.06
CA SER D 114 -22.33 11.75 -24.56
C SER D 114 -23.22 12.35 -25.63
N SER D 115 -24.52 12.36 -25.34
CA SER D 115 -25.52 12.91 -26.25
C SER D 115 -26.19 14.05 -25.49
N GLY D 116 -25.36 14.80 -24.77
CA GLY D 116 -25.84 15.92 -23.98
C GLY D 116 -25.78 15.55 -22.52
N GLY D 117 -26.39 14.42 -22.18
CA GLY D 117 -26.41 13.99 -20.80
C GLY D 117 -25.10 13.52 -20.22
N THR D 118 -25.14 12.33 -19.62
CA THR D 118 -24.00 11.70 -18.98
C THR D 118 -23.02 11.03 -19.95
N PRO D 119 -21.71 11.31 -19.77
CA PRO D 119 -20.64 10.74 -20.61
C PRO D 119 -20.25 9.30 -20.27
N GLN D 120 -20.00 8.53 -21.31
CA GLN D 120 -19.57 7.15 -21.16
C GLN D 120 -18.16 7.14 -21.77
N TYR D 121 -17.17 6.74 -20.98
CA TYR D 121 -15.79 6.74 -21.47
C TYR D 121 -15.27 5.53 -22.25
N MET D 122 -14.65 5.82 -23.38
CA MET D 122 -14.08 4.81 -24.26
C MET D 122 -12.57 4.84 -24.20
N SER D 123 -11.95 3.66 -24.09
CA SER D 123 -10.50 3.58 -24.06
C SER D 123 -10.06 3.46 -25.51
N LYS D 124 -9.50 4.52 -26.05
CA LYS D 124 -9.04 4.51 -27.44
C LYS D 124 -7.52 4.53 -27.58
N ASN D 125 -7.05 4.05 -28.72
CA ASN D 125 -5.61 3.98 -29.01
C ASN D 125 -5.24 5.18 -29.86
N LEU D 126 -4.15 5.86 -29.48
CA LEU D 126 -3.68 7.02 -30.22
C LEU D 126 -2.16 7.04 -30.34
N TRP D 127 -1.65 7.56 -31.44
CA TRP D 127 -0.20 7.64 -31.64
C TRP D 127 0.17 8.67 -32.70
N VAL D 128 1.44 9.05 -32.72
CA VAL D 128 1.91 10.01 -33.71
C VAL D 128 1.97 9.24 -35.01
N GLU D 129 1.20 9.65 -35.99
CA GLU D 129 1.20 8.93 -37.24
C GLU D 129 2.10 9.55 -38.31
N GLN D 130 1.99 10.85 -38.52
CA GLN D 130 2.81 11.49 -39.54
C GLN D 130 2.77 13.01 -39.46
N TRP D 131 3.90 13.64 -39.78
CA TRP D 131 4.02 15.10 -39.74
C TRP D 131 4.31 15.60 -41.14
N GLN D 132 3.42 16.42 -41.68
CA GLN D 132 3.67 16.91 -43.02
C GLN D 132 3.29 18.37 -43.19
N ASP D 133 4.26 19.16 -43.67
CA ASP D 133 4.04 20.59 -43.91
C ASP D 133 3.54 21.32 -42.67
N GLY D 134 4.20 21.09 -41.54
CA GLY D 134 3.82 21.76 -40.31
C GLY D 134 2.54 21.26 -39.67
N VAL D 135 1.96 20.19 -40.20
CA VAL D 135 0.74 19.64 -39.62
C VAL D 135 0.97 18.23 -39.08
N LEU D 136 0.93 18.10 -37.77
CA LEU D 136 1.12 16.83 -37.12
C LEU D 136 -0.21 16.05 -37.08
N ARG D 137 -0.23 14.84 -37.63
CA ARG D 137 -1.46 14.05 -37.62
C ARG D 137 -1.35 12.84 -36.72
N LEU D 138 -2.23 12.75 -35.75
CA LEU D 138 -2.24 11.63 -34.81
C LEU D 138 -3.40 10.74 -35.17
N ARG D 139 -3.17 9.42 -35.18
CA ARG D 139 -4.25 8.50 -35.49
C ARG D 139 -4.93 8.19 -34.17
N VAL D 140 -6.26 8.16 -34.19
CA VAL D 140 -7.02 7.85 -32.99
C VAL D 140 -8.11 6.83 -33.34
N GLU D 141 -7.88 5.58 -32.97
CA GLU D 141 -8.84 4.52 -33.28
C GLU D 141 -8.95 3.45 -32.22
N GLY D 142 -9.87 2.50 -32.46
CA GLY D 142 -10.05 1.40 -31.54
C GLY D 142 -10.93 1.71 -30.36
N GLY D 143 -11.13 0.69 -29.54
CA GLY D 143 -11.95 0.85 -28.36
C GLY D 143 -13.42 0.77 -28.70
N GLY D 144 -13.73 0.84 -29.99
CA GLY D 144 -15.12 0.78 -30.40
C GLY D 144 -15.82 2.05 -29.92
N SER D 145 -17.11 2.20 -30.25
CA SER D 145 -17.91 3.37 -29.88
C SER D 145 -19.36 3.05 -29.64
N ILE D 146 -20.15 4.11 -29.57
CA ILE D 146 -21.59 4.07 -29.45
C ILE D 146 -22.02 5.24 -30.34
N THR D 147 -23.27 5.66 -30.17
CA THR D 147 -23.77 6.79 -30.93
C THR D 147 -23.70 7.95 -29.93
N HIS D 148 -23.24 9.10 -30.42
CA HIS D 148 -23.07 10.28 -29.58
C HIS D 148 -23.00 11.51 -30.47
N SER D 149 -23.04 12.68 -29.84
CA SER D 149 -22.98 13.93 -30.54
C SER D 149 -21.88 14.82 -29.96
N ASN D 150 -21.47 14.51 -28.72
CA ASN D 150 -20.42 15.27 -28.05
C ASN D 150 -19.35 14.34 -27.54
N SER D 151 -18.12 14.86 -27.49
CA SER D 151 -16.95 14.09 -27.03
C SER D 151 -16.05 14.93 -26.12
N LYS D 152 -15.71 14.39 -24.97
CA LYS D 152 -14.85 15.08 -24.03
C LYS D 152 -13.46 14.46 -24.05
N TRP D 153 -12.44 15.25 -24.37
CA TRP D 153 -11.08 14.75 -24.45
C TRP D 153 -10.23 15.08 -23.25
N PRO D 154 -9.30 14.18 -22.89
CA PRO D 154 -8.42 14.40 -21.74
C PRO D 154 -7.20 15.20 -22.13
N ALA D 155 -6.43 15.62 -21.14
CA ALA D 155 -5.21 16.36 -21.40
C ALA D 155 -4.28 15.27 -21.86
N MET D 156 -3.59 15.51 -22.96
CA MET D 156 -2.68 14.53 -23.49
C MET D 156 -1.37 15.19 -23.81
N THR D 157 -0.28 14.51 -23.54
CA THR D 157 1.02 15.05 -23.86
C THR D 157 1.54 14.17 -24.97
N VAL D 158 1.90 14.79 -26.09
CA VAL D 158 2.40 14.05 -27.24
C VAL D 158 3.88 14.35 -27.38
N SER D 159 4.68 13.31 -27.57
CA SER D 159 6.12 13.47 -27.71
C SER D 159 6.64 12.69 -28.89
N TYR D 160 7.88 13.00 -29.25
CA TYR D 160 8.55 12.32 -30.34
C TYR D 160 9.89 12.95 -30.65
N PRO D 161 10.85 12.15 -31.18
CA PRO D 161 12.18 12.62 -31.53
C PRO D 161 12.01 13.84 -32.36
N ARG D 162 12.84 14.84 -32.10
CA ARG D 162 12.75 16.07 -32.84
C ARG D 162 13.83 16.18 -33.88
N SER D 163 13.48 16.70 -35.03
CA SER D 163 14.39 16.90 -36.20
C SER D 163 15.37 18.07 -36.16
N PHE D 164 16.60 17.70 -36.35
CA PHE D 164 17.75 18.45 -35.88
C PHE D 164 18.65 18.76 -37.02
N THR D 165 19.96 18.61 -36.79
CA THR D 165 21.08 18.83 -37.70
C THR D 165 22.05 19.84 -37.12
N ASN E 5 40.82 12.53 -29.68
CA ASN E 5 40.67 12.68 -28.25
C ASN E 5 39.20 12.84 -27.85
N LEU E 6 38.29 12.42 -28.74
CA LEU E 6 36.85 12.48 -28.49
C LEU E 6 36.17 11.14 -28.27
N ARG E 7 35.49 11.00 -27.13
CA ARG E 7 34.76 9.77 -26.83
C ARG E 7 33.26 9.93 -27.07
N TYR E 8 32.70 9.06 -27.91
CA TYR E 8 31.27 9.05 -28.22
C TYR E 8 30.49 9.17 -26.88
N PRO E 9 29.32 9.84 -26.89
CA PRO E 9 28.59 10.45 -28.01
C PRO E 9 29.20 11.76 -28.53
N ILE E 10 30.31 12.17 -27.92
CA ILE E 10 30.99 13.38 -28.35
C ILE E 10 31.84 12.99 -29.52
N ALA E 11 31.65 13.69 -30.62
CA ALA E 11 32.40 13.39 -31.82
C ALA E 11 32.59 14.64 -32.67
N ASP E 12 33.21 14.45 -33.82
CA ASP E 12 33.46 15.54 -34.74
C ASP E 12 32.28 15.77 -35.65
N VAL E 13 31.70 16.96 -35.59
CA VAL E 13 30.59 17.28 -36.47
C VAL E 13 31.03 18.46 -37.32
N SER E 14 31.24 18.19 -38.61
CA SER E 14 31.69 19.18 -39.59
C SER E 14 32.85 20.05 -39.06
N GLY E 15 34.00 19.41 -38.84
CA GLY E 15 35.16 20.13 -38.36
C GLY E 15 35.18 20.40 -36.87
N GLY E 16 34.06 20.88 -36.32
CA GLY E 16 34.00 21.19 -34.90
C GLY E 16 33.53 20.08 -33.97
N ILE E 17 33.77 20.28 -32.67
CA ILE E 17 33.35 19.32 -31.65
C ILE E 17 31.84 19.39 -31.50
N GLY E 18 31.16 18.33 -31.90
CA GLY E 18 29.71 18.33 -31.79
C GLY E 18 29.21 17.05 -31.18
N MET E 19 27.96 16.74 -31.45
CA MET E 19 27.36 15.54 -30.92
C MET E 19 26.99 14.59 -32.07
N SER E 20 27.41 13.33 -31.95
CA SER E 20 27.15 12.34 -32.99
C SER E 20 25.66 12.14 -33.26
N PRO E 21 25.25 12.37 -34.51
CA PRO E 21 23.84 12.20 -34.89
C PRO E 21 23.31 10.78 -34.60
N ASN E 22 24.21 9.80 -34.57
CA ASN E 22 23.84 8.42 -34.31
C ASN E 22 23.35 8.29 -32.88
N TYR E 23 23.80 9.22 -32.03
CA TYR E 23 23.42 9.25 -30.63
C TYR E 23 22.05 9.92 -30.48
N ARG E 24 21.83 10.95 -31.29
CA ARG E 24 20.59 11.70 -31.28
C ARG E 24 19.41 10.94 -31.90
N PHE E 25 19.60 10.43 -33.12
CA PHE E 25 18.55 9.64 -33.77
C PHE E 25 19.11 8.46 -34.53
N ARG E 26 18.60 7.27 -34.20
CA ARG E 26 19.01 6.02 -34.83
C ARG E 26 17.74 5.21 -35.00
N GLN E 27 17.34 4.98 -36.24
CA GLN E 27 16.11 4.24 -36.51
C GLN E 27 16.32 2.81 -36.99
N SER E 28 15.51 1.89 -36.48
CA SER E 28 15.61 0.49 -36.86
C SER E 28 14.28 -0.27 -36.90
N MET E 29 14.35 -1.59 -36.80
CA MET E 29 13.16 -2.43 -36.85
C MET E 29 13.34 -3.78 -36.23
N TRP E 30 12.25 -4.35 -35.74
CA TRP E 30 12.29 -5.67 -35.14
C TRP E 30 11.11 -6.46 -35.68
N ILE E 31 11.38 -7.65 -36.21
CA ILE E 31 10.31 -8.50 -36.72
C ILE E 31 10.51 -9.80 -35.96
N GLY E 32 10.07 -9.82 -34.71
CA GLY E 32 10.27 -11.01 -33.90
C GLY E 32 9.02 -11.58 -33.28
N ILE E 33 9.22 -12.29 -32.19
CA ILE E 33 8.10 -12.92 -31.52
C ILE E 33 7.78 -12.41 -30.13
N VAL E 34 6.52 -12.02 -29.98
CA VAL E 34 6.00 -11.54 -28.72
C VAL E 34 5.30 -12.77 -28.13
N SER E 35 5.56 -13.09 -26.87
CA SER E 35 4.95 -14.27 -26.29
C SER E 35 4.31 -13.99 -24.96
N TYR E 36 3.03 -14.31 -24.85
CA TYR E 36 2.32 -14.11 -23.59
C TYR E 36 2.47 -15.38 -22.74
N SER E 37 2.24 -15.26 -21.44
CA SER E 37 2.38 -16.39 -20.54
C SER E 37 1.88 -16.05 -19.14
N GLY E 38 1.36 -17.03 -18.42
CA GLY E 38 0.87 -16.77 -17.09
C GLY E 38 -0.38 -17.57 -16.81
N SER E 39 -0.42 -18.21 -15.65
CA SER E 39 -1.56 -19.03 -15.27
C SER E 39 -1.78 -20.16 -16.29
N GLY E 40 -0.67 -20.70 -16.81
CA GLY E 40 -0.74 -21.77 -17.77
C GLY E 40 -1.07 -21.39 -19.19
N LEU E 41 -1.54 -20.16 -19.39
CA LEU E 41 -1.89 -19.69 -20.74
C LEU E 41 -0.63 -19.33 -21.52
N ASN E 42 -0.49 -19.90 -22.72
CA ASN E 42 0.68 -19.65 -23.57
C ASN E 42 0.34 -19.46 -25.03
N TRP E 43 0.98 -18.49 -25.67
CA TRP E 43 0.80 -18.22 -27.08
C TRP E 43 1.80 -17.18 -27.56
N ARG E 44 2.11 -17.19 -28.84
CA ARG E 44 3.06 -16.26 -29.42
C ARG E 44 2.51 -15.61 -30.68
N VAL E 45 3.04 -14.44 -31.02
CA VAL E 45 2.61 -13.75 -32.23
C VAL E 45 3.80 -13.11 -32.88
N GLN E 46 3.87 -13.19 -34.20
CA GLN E 46 4.95 -12.58 -34.95
C GLN E 46 4.50 -11.18 -35.24
N VAL E 47 5.42 -10.23 -35.07
CA VAL E 47 5.12 -8.82 -35.25
C VAL E 47 6.26 -7.95 -35.84
N ASN E 48 5.85 -6.88 -36.50
CA ASN E 48 6.75 -5.92 -37.12
C ASN E 48 6.67 -4.58 -36.43
N SER E 49 7.72 -4.21 -35.71
CA SER E 49 7.69 -2.94 -34.99
C SER E 49 8.90 -2.09 -35.31
N ASP E 50 8.68 -0.80 -35.29
CA ASP E 50 9.76 0.15 -35.54
C ASP E 50 10.55 0.27 -34.25
N ILE E 51 11.80 0.71 -34.38
CA ILE E 51 12.64 0.88 -33.21
C ILE E 51 13.43 2.17 -33.36
N PHE E 52 13.26 3.05 -32.37
CA PHE E 52 13.93 4.35 -32.38
C PHE E 52 14.82 4.50 -31.15
N ILE E 53 16.04 4.96 -31.39
CA ILE E 53 16.95 5.19 -30.30
C ILE E 53 17.23 6.68 -30.32
N VAL E 54 16.74 7.37 -29.28
CA VAL E 54 16.90 8.81 -29.16
C VAL E 54 17.69 9.06 -27.90
N ASP E 55 18.90 9.58 -28.06
CA ASP E 55 19.75 9.86 -26.91
C ASP E 55 20.01 8.55 -26.16
N ASP E 56 19.70 8.52 -24.87
CA ASP E 56 19.93 7.33 -24.07
C ASP E 56 18.68 6.51 -23.86
N TYR E 57 17.69 6.73 -24.72
CA TYR E 57 16.46 5.97 -24.62
C TYR E 57 16.31 5.09 -25.82
N ILE E 58 15.50 4.05 -25.68
CA ILE E 58 15.20 3.17 -26.79
C ILE E 58 13.69 2.99 -26.78
N HIS E 59 13.08 3.18 -27.95
CA HIS E 59 11.64 3.06 -28.09
C HIS E 59 11.29 1.93 -29.03
N ILE E 60 10.37 1.08 -28.60
CA ILE E 60 9.95 -0.02 -29.44
C ILE E 60 8.47 0.19 -29.70
N CYS E 61 8.15 0.52 -30.94
CA CYS E 61 6.77 0.79 -31.29
C CYS E 61 6.04 -0.47 -31.77
N LEU E 62 5.44 -1.17 -30.82
CA LEU E 62 4.70 -2.38 -31.14
C LEU E 62 3.40 -2.00 -31.77
N PRO E 63 3.07 -2.63 -32.90
CA PRO E 63 1.81 -2.30 -33.55
C PRO E 63 0.70 -3.08 -32.83
N ALA E 64 -0.58 -2.81 -33.13
CA ALA E 64 -1.67 -3.52 -32.46
C ALA E 64 -1.66 -4.93 -33.00
N PHE E 65 -2.15 -5.89 -32.21
CA PHE E 65 -2.19 -7.29 -32.65
C PHE E 65 -3.26 -8.08 -31.90
N ASP E 66 -3.58 -9.26 -32.43
CA ASP E 66 -4.61 -10.09 -31.82
C ASP E 66 -3.98 -11.28 -31.11
N GLY E 67 -4.61 -11.71 -30.02
CA GLY E 67 -4.10 -12.85 -29.28
C GLY E 67 -5.21 -13.70 -28.71
N PHE E 68 -4.84 -14.64 -27.85
CA PHE E 68 -5.82 -15.52 -27.23
C PHE E 68 -6.00 -15.23 -25.75
N SER E 69 -6.60 -16.18 -25.03
CA SER E 69 -6.88 -16.01 -23.61
C SER E 69 -5.67 -15.42 -22.85
N ILE E 70 -5.94 -14.65 -21.81
CA ILE E 70 -4.89 -14.06 -20.96
C ILE E 70 -5.33 -14.09 -19.50
N ALA E 71 -4.39 -14.37 -18.61
CA ALA E 71 -4.69 -14.44 -17.17
C ALA E 71 -4.74 -13.04 -16.59
N ASP E 72 -5.20 -12.94 -15.35
CA ASP E 72 -5.27 -11.64 -14.71
C ASP E 72 -3.85 -11.08 -14.60
N GLY E 73 -2.91 -11.94 -14.21
CA GLY E 73 -1.52 -11.53 -14.10
C GLY E 73 -0.69 -12.31 -15.11
N GLY E 74 0.04 -11.61 -15.98
CA GLY E 74 0.84 -12.30 -16.95
C GLY E 74 2.08 -11.55 -17.42
N ASP E 75 2.90 -12.22 -18.23
CA ASP E 75 4.14 -11.66 -18.77
C ASP E 75 4.16 -11.67 -20.30
N LEU E 76 4.47 -10.53 -20.90
CA LEU E 76 4.55 -10.43 -22.34
C LEU E 76 6.04 -10.32 -22.66
N SER E 77 6.59 -11.24 -23.45
CA SER E 77 8.01 -11.19 -23.73
C SER E 77 8.40 -11.01 -25.18
N LEU E 78 9.20 -9.99 -25.45
CA LEU E 78 9.69 -9.74 -26.79
C LEU E 78 11.04 -10.45 -26.92
N ASN E 79 11.18 -11.34 -27.87
CA ASN E 79 12.46 -12.01 -28.02
C ASN E 79 13.35 -11.27 -29.01
N PHE E 80 14.29 -10.49 -28.47
CA PHE E 80 15.20 -9.72 -29.32
C PHE E 80 16.40 -10.48 -29.79
N VAL E 81 16.44 -11.77 -29.48
CA VAL E 81 17.58 -12.58 -29.90
C VAL E 81 17.57 -12.66 -31.44
N THR E 82 16.39 -12.43 -32.02
CA THR E 82 16.21 -12.46 -33.47
C THR E 82 15.13 -11.49 -33.94
N GLY E 83 15.32 -10.94 -35.13
CA GLY E 83 14.31 -10.05 -35.66
C GLY E 83 14.85 -8.65 -35.80
N LEU E 84 15.99 -8.39 -35.18
CA LEU E 84 16.59 -7.08 -35.27
C LEU E 84 17.24 -6.95 -36.63
N LEU E 85 17.12 -5.79 -37.23
CA LEU E 85 17.71 -5.54 -38.53
C LEU E 85 19.09 -4.91 -38.39
N PRO E 86 20.09 -5.47 -39.10
CA PRO E 86 21.46 -4.97 -39.06
C PRO E 86 21.55 -3.48 -39.31
N PRO E 87 22.52 -2.82 -38.67
CA PRO E 87 23.50 -3.37 -37.74
C PRO E 87 23.04 -3.45 -36.28
N LEU E 88 21.75 -3.64 -36.01
CA LEU E 88 21.36 -3.70 -34.59
C LEU E 88 21.72 -5.04 -33.96
N LEU E 89 22.17 -4.99 -32.70
CA LEU E 89 22.57 -6.16 -31.94
C LEU E 89 21.60 -6.38 -30.80
N THR E 90 21.33 -7.64 -30.44
CA THR E 90 20.41 -7.91 -29.35
C THR E 90 20.91 -7.17 -28.10
N GLY E 91 22.24 -7.02 -28.03
CA GLY E 91 22.87 -6.35 -26.90
C GLY E 91 22.48 -4.89 -26.83
N ASP E 92 22.10 -4.34 -27.98
CA ASP E 92 21.70 -2.94 -28.01
C ASP E 92 20.37 -2.72 -27.33
N THR E 93 19.62 -3.78 -27.10
CA THR E 93 18.32 -3.64 -26.47
C THR E 93 18.41 -3.73 -24.96
N GLU E 94 19.62 -3.85 -24.42
CA GLU E 94 19.80 -3.97 -22.96
C GLU E 94 19.58 -2.65 -22.23
N PRO E 95 18.75 -2.65 -21.16
CA PRO E 95 18.47 -1.45 -20.38
C PRO E 95 19.70 -0.97 -19.65
N ALA E 96 19.72 0.31 -19.30
CA ALA E 96 20.85 0.85 -18.57
C ALA E 96 20.94 0.17 -17.20
N PHE E 97 19.79 -0.25 -16.65
CA PHE E 97 19.78 -0.93 -15.36
C PHE E 97 19.92 -2.43 -15.60
N HIS E 98 20.64 -2.73 -16.68
CA HIS E 98 20.92 -4.10 -17.10
C HIS E 98 19.77 -5.07 -16.95
N ASN E 99 19.90 -6.10 -16.13
CA ASN E 99 18.83 -7.06 -16.01
C ASN E 99 18.13 -7.09 -14.66
N ASP E 100 18.24 -6.02 -13.91
CA ASP E 100 17.57 -5.98 -12.62
C ASP E 100 16.07 -6.01 -12.90
N VAL E 101 15.29 -6.32 -11.88
CA VAL E 101 13.84 -6.34 -12.03
C VAL E 101 13.35 -4.94 -11.64
N VAL E 102 12.51 -4.35 -12.49
CA VAL E 102 11.99 -3.02 -12.23
C VAL E 102 10.49 -2.90 -12.43
N THR E 103 10.01 -1.66 -12.44
CA THR E 103 8.60 -1.35 -12.62
C THR E 103 8.66 -0.06 -13.42
N TYR E 104 9.58 -0.04 -14.38
CA TYR E 104 9.79 1.12 -15.22
C TYR E 104 8.75 1.27 -16.31
N GLY E 105 8.47 2.53 -16.65
CA GLY E 105 7.52 2.85 -17.70
C GLY E 105 6.09 2.36 -17.48
N ALA E 106 5.70 2.16 -16.22
CA ALA E 106 4.35 1.70 -15.90
C ALA E 106 3.31 2.59 -16.58
N GLN E 107 2.40 1.97 -17.34
CA GLN E 107 1.37 2.70 -18.06
C GLN E 107 0.07 1.90 -18.13
N THR E 108 -1.02 2.59 -18.44
CA THR E 108 -2.32 1.94 -18.55
C THR E 108 -2.54 1.60 -20.02
N VAL E 109 -3.04 0.39 -20.28
CA VAL E 109 -3.29 -0.03 -21.64
C VAL E 109 -4.56 -0.89 -21.73
N ALA E 110 -5.49 -0.49 -22.60
CA ALA E 110 -6.76 -1.19 -22.75
C ALA E 110 -6.72 -2.33 -23.75
N ILE E 111 -7.22 -3.48 -23.33
CA ILE E 111 -7.25 -4.66 -24.19
C ILE E 111 -8.67 -5.17 -24.38
N GLY E 112 -9.03 -5.47 -25.63
CA GLY E 112 -10.35 -5.96 -25.90
C GLY E 112 -10.43 -7.47 -25.75
N LEU E 113 -11.39 -7.93 -24.97
CA LEU E 113 -11.55 -9.36 -24.76
C LEU E 113 -12.88 -9.82 -25.31
N SER E 114 -12.86 -10.85 -26.15
CA SER E 114 -14.09 -11.37 -26.72
C SER E 114 -14.07 -12.88 -26.82
N SER E 115 -15.24 -13.45 -27.10
CA SER E 115 -15.41 -14.88 -27.25
C SER E 115 -15.88 -15.10 -28.68
N GLY E 116 -15.30 -14.33 -29.60
CA GLY E 116 -15.65 -14.41 -31.01
C GLY E 116 -16.49 -13.21 -31.43
N GLY E 117 -17.54 -12.94 -30.65
CA GLY E 117 -18.44 -11.84 -30.92
C GLY E 117 -17.87 -10.45 -30.66
N THR E 118 -18.60 -9.67 -29.88
CA THR E 118 -18.21 -8.29 -29.55
C THR E 118 -17.22 -8.19 -28.38
N PRO E 119 -16.13 -7.40 -28.57
CA PRO E 119 -15.06 -7.16 -27.60
C PRO E 119 -15.40 -6.21 -26.45
N GLN E 120 -14.97 -6.57 -25.25
CA GLN E 120 -15.20 -5.73 -24.08
C GLN E 120 -13.80 -5.34 -23.62
N TYR E 121 -13.54 -4.04 -23.56
CA TYR E 121 -12.22 -3.55 -23.18
C TYR E 121 -11.86 -3.40 -21.70
N MET E 122 -10.71 -3.96 -21.35
CA MET E 122 -10.21 -3.93 -19.98
C MET E 122 -9.02 -2.99 -19.87
N SER E 123 -9.03 -2.15 -18.83
CA SER E 123 -7.92 -1.22 -18.62
C SER E 123 -6.91 -1.99 -17.76
N LYS E 124 -5.81 -2.39 -18.37
CA LYS E 124 -4.79 -3.13 -17.63
C LYS E 124 -3.51 -2.32 -17.44
N ASN E 125 -2.74 -2.72 -16.42
CA ASN E 125 -1.49 -2.05 -16.09
C ASN E 125 -0.33 -2.85 -16.69
N LEU E 126 0.60 -2.15 -17.34
CA LEU E 126 1.75 -2.78 -17.98
C LEU E 126 3.02 -1.97 -17.77
N TRP E 127 4.16 -2.65 -17.64
CA TRP E 127 5.44 -1.97 -17.46
C TRP E 127 6.62 -2.86 -17.80
N VAL E 128 7.77 -2.24 -17.98
CA VAL E 128 8.98 -2.97 -18.29
C VAL E 128 9.36 -3.62 -16.98
N GLU E 129 9.37 -4.94 -16.94
CA GLU E 129 9.72 -5.63 -15.71
C GLU E 129 11.18 -6.08 -15.63
N GLN E 130 11.69 -6.73 -16.68
CA GLN E 130 13.07 -7.20 -16.67
C GLN E 130 13.53 -7.66 -18.04
N TRP E 131 14.80 -7.43 -18.32
CA TRP E 131 15.42 -7.81 -19.59
C TRP E 131 16.50 -8.83 -19.32
N GLN E 132 16.36 -10.04 -19.86
CA GLN E 132 17.40 -11.02 -19.62
C GLN E 132 17.71 -11.86 -20.85
N ASP E 133 18.99 -11.89 -21.20
CA ASP E 133 19.49 -12.64 -22.35
C ASP E 133 18.73 -12.33 -23.64
N GLY E 134 18.62 -11.04 -23.94
CA GLY E 134 17.95 -10.60 -25.15
C GLY E 134 16.43 -10.71 -25.17
N VAL E 135 15.84 -11.06 -24.03
CA VAL E 135 14.38 -11.19 -23.95
C VAL E 135 13.80 -10.19 -22.97
N LEU E 136 13.10 -9.22 -23.50
CA LEU E 136 12.48 -8.20 -22.68
C LEU E 136 11.12 -8.72 -22.15
N ARG E 137 10.93 -8.72 -20.85
CA ARG E 137 9.67 -9.20 -20.29
C ARG E 137 8.87 -8.07 -19.66
N LEU E 138 7.66 -7.84 -20.16
CA LEU E 138 6.81 -6.80 -19.61
C LEU E 138 5.73 -7.45 -18.77
N ARG E 139 5.47 -6.90 -17.60
CA ARG E 139 4.43 -7.47 -16.76
C ARG E 139 3.11 -6.81 -17.20
N VAL E 140 2.05 -7.61 -17.28
CA VAL E 140 0.74 -7.09 -17.68
C VAL E 140 -0.32 -7.64 -16.73
N GLU E 141 -0.77 -6.80 -15.80
CA GLU E 141 -1.77 -7.25 -14.83
C GLU E 141 -2.78 -6.18 -14.42
N GLY E 142 -3.75 -6.59 -13.59
CA GLY E 142 -4.78 -5.68 -13.10
C GLY E 142 -5.90 -5.39 -14.07
N GLY E 143 -6.82 -4.53 -13.65
CA GLY E 143 -7.94 -4.16 -14.50
C GLY E 143 -9.08 -5.14 -14.48
N GLY E 144 -9.02 -6.13 -13.59
CA GLY E 144 -10.08 -7.13 -13.51
C GLY E 144 -10.12 -7.98 -14.77
N SER E 145 -10.98 -9.00 -14.79
CA SER E 145 -11.05 -9.86 -15.96
C SER E 145 -12.41 -10.47 -16.16
N ILE E 146 -12.58 -11.17 -17.28
CA ILE E 146 -13.83 -11.83 -17.61
C ILE E 146 -13.41 -13.06 -18.42
N THR E 147 -14.33 -13.98 -18.69
CA THR E 147 -13.98 -15.15 -19.48
C THR E 147 -13.95 -14.79 -20.96
N HIS E 148 -12.96 -15.33 -21.67
CA HIS E 148 -12.77 -15.03 -23.08
C HIS E 148 -11.83 -16.04 -23.72
N SER E 149 -11.76 -16.01 -25.05
CA SER E 149 -10.89 -16.90 -25.82
C SER E 149 -10.00 -16.10 -26.76
N ASN E 150 -10.37 -14.85 -27.01
CA ASN E 150 -9.61 -13.99 -27.89
C ASN E 150 -9.33 -12.64 -27.22
N SER E 151 -8.19 -12.03 -27.57
CA SER E 151 -7.78 -10.74 -27.02
C SER E 151 -7.17 -9.83 -28.08
N LYS E 152 -7.66 -8.60 -28.14
CA LYS E 152 -7.18 -7.60 -29.11
C LYS E 152 -6.30 -6.60 -28.39
N TRP E 153 -5.06 -6.47 -28.84
CA TRP E 153 -4.12 -5.55 -28.23
C TRP E 153 -3.90 -4.29 -29.02
N PRO E 154 -3.65 -3.18 -28.31
CA PRO E 154 -3.42 -1.89 -28.96
C PRO E 154 -1.97 -1.73 -29.34
N ALA E 155 -1.70 -0.68 -30.10
CA ALA E 155 -0.33 -0.38 -30.49
C ALA E 155 0.25 0.20 -29.22
N MET E 156 1.41 -0.29 -28.83
CA MET E 156 2.02 0.22 -27.63
C MET E 156 3.46 0.54 -27.92
N THR E 157 3.94 1.62 -27.34
CA THR E 157 5.34 1.97 -27.52
C THR E 157 5.96 1.75 -26.17
N VAL E 158 7.01 0.96 -26.14
CA VAL E 158 7.70 0.65 -24.90
C VAL E 158 9.05 1.34 -24.93
N SER E 159 9.38 2.04 -23.86
CA SER E 159 10.65 2.77 -23.76
C SER E 159 11.36 2.48 -22.46
N TYR E 160 12.63 2.85 -22.42
CA TYR E 160 13.45 2.67 -21.22
C TYR E 160 14.90 3.05 -21.49
N PRO E 161 15.60 3.50 -20.45
CA PRO E 161 17.00 3.90 -20.55
C PRO E 161 17.74 2.78 -21.23
N ARG E 162 18.63 3.13 -22.15
CA ARG E 162 19.36 2.11 -22.86
C ARG E 162 20.78 1.96 -22.33
N SER E 163 21.28 0.74 -22.31
CA SER E 163 22.63 0.50 -21.83
C SER E 163 23.67 1.07 -22.77
N PHE E 164 24.79 1.53 -22.21
CA PHE E 164 25.89 2.11 -22.99
C PHE E 164 27.24 1.69 -22.40
N ASN F 5 39.17 22.27 -18.09
CA ASN F 5 38.41 23.20 -18.91
C ASN F 5 37.11 22.58 -19.39
N LEU F 6 36.68 21.51 -18.71
CA LEU F 6 35.42 20.82 -19.04
C LEU F 6 34.29 20.99 -18.04
N ARG F 7 33.13 21.45 -18.52
CA ARG F 7 31.96 21.63 -17.67
C ARG F 7 30.93 20.54 -17.87
N TYR F 8 30.59 19.86 -16.78
CA TYR F 8 29.57 18.78 -16.80
C TYR F 8 28.37 19.28 -17.61
N PRO F 9 27.66 18.36 -18.30
CA PRO F 9 27.85 16.91 -18.42
C PRO F 9 29.04 16.48 -19.26
N ILE F 10 29.80 17.44 -19.78
CA ILE F 10 30.99 17.13 -20.57
C ILE F 10 32.10 16.89 -19.57
N ALA F 11 32.74 15.73 -19.69
CA ALA F 11 33.79 15.34 -18.77
C ALA F 11 34.83 14.45 -19.42
N ASP F 12 35.81 14.01 -18.62
CA ASP F 12 36.87 13.13 -19.13
C ASP F 12 36.47 11.66 -19.07
N VAL F 13 36.38 11.02 -20.24
CA VAL F 13 36.06 9.60 -20.26
C VAL F 13 37.26 8.88 -20.85
N SER F 14 37.94 8.09 -20.01
CA SER F 14 39.12 7.31 -20.41
C SER F 14 40.07 8.14 -21.27
N GLY F 15 40.59 9.21 -20.69
CA GLY F 15 41.53 10.07 -21.39
C GLY F 15 40.91 11.10 -22.33
N GLY F 16 39.95 10.69 -23.15
CA GLY F 16 39.36 11.64 -24.07
C GLY F 16 38.15 12.41 -23.56
N ILE F 17 37.75 13.41 -24.34
CA ILE F 17 36.59 14.22 -23.99
C ILE F 17 35.34 13.44 -24.30
N GLY F 18 34.60 13.07 -23.26
CA GLY F 18 33.38 12.31 -23.48
C GLY F 18 32.21 12.86 -22.71
N MET F 19 31.23 12.02 -22.43
CA MET F 19 30.05 12.43 -21.70
C MET F 19 29.98 11.67 -20.38
N SER F 20 29.80 12.40 -19.28
CA SER F 20 29.75 11.79 -17.96
C SER F 20 28.62 10.76 -17.81
N PRO F 21 28.98 9.51 -17.48
CA PRO F 21 27.99 8.46 -17.29
C PRO F 21 26.93 8.79 -16.25
N ASN F 22 27.28 9.64 -15.29
CA ASN F 22 26.34 10.01 -14.25
C ASN F 22 25.22 10.86 -14.85
N TYR F 23 25.51 11.45 -16.00
CA TYR F 23 24.53 12.27 -16.72
C TYR F 23 23.61 11.37 -17.52
N ARG F 24 24.21 10.34 -18.09
CA ARG F 24 23.49 9.37 -18.90
C ARG F 24 22.59 8.46 -18.07
N PHE F 25 23.14 7.85 -17.03
CA PHE F 25 22.32 7.00 -16.17
C PHE F 25 22.70 7.10 -14.72
N ARG F 26 21.71 7.40 -13.89
CA ARG F 26 21.92 7.54 -12.46
C ARG F 26 20.67 6.92 -11.84
N GLN F 27 20.88 5.89 -11.02
CA GLN F 27 19.73 5.20 -10.42
C GLN F 27 19.65 5.38 -8.94
N SER F 28 18.42 5.57 -8.45
CA SER F 28 18.20 5.76 -7.02
C SER F 28 16.88 5.20 -6.48
N MET F 29 16.44 5.73 -5.35
CA MET F 29 15.22 5.23 -4.73
C MET F 29 14.57 6.22 -3.78
N TRP F 30 13.26 6.13 -3.64
CA TRP F 30 12.54 7.01 -2.74
C TRP F 30 11.58 6.16 -1.94
N ILE F 31 11.62 6.32 -0.62
CA ILE F 31 10.73 5.58 0.28
C ILE F 31 10.04 6.65 1.07
N GLY F 32 9.09 7.34 0.45
CA GLY F 32 8.41 8.41 1.15
C GLY F 32 6.92 8.32 1.23
N ILE F 33 6.29 9.48 1.38
CA ILE F 33 4.85 9.51 1.50
C ILE F 33 4.11 10.20 0.38
N VAL F 34 3.17 9.44 -0.19
CA VAL F 34 2.31 9.95 -1.24
C VAL F 34 1.03 10.35 -0.51
N SER F 35 0.52 11.54 -0.77
CA SER F 35 -0.67 12.01 -0.07
C SER F 35 -1.75 12.51 -1.00
N TYR F 36 -2.93 11.92 -0.91
CA TYR F 36 -4.03 12.38 -1.75
C TYR F 36 -4.76 13.49 -1.00
N SER F 37 -5.52 14.29 -1.73
CA SER F 37 -6.26 15.40 -1.13
C SER F 37 -7.19 16.04 -2.15
N GLY F 38 -8.32 16.57 -1.69
CA GLY F 38 -9.27 17.21 -2.58
C GLY F 38 -10.68 16.92 -2.14
N SER F 39 -11.51 17.96 -2.11
CA SER F 39 -12.90 17.84 -1.68
C SER F 39 -12.98 17.31 -0.25
N GLY F 40 -12.03 17.74 0.58
CA GLY F 40 -12.01 17.32 1.98
C GLY F 40 -11.43 15.95 2.26
N LEU F 41 -11.27 15.13 1.23
CA LEU F 41 -10.73 13.78 1.39
C LEU F 41 -9.23 13.82 1.57
N ASN F 42 -8.74 13.19 2.64
CA ASN F 42 -7.31 13.18 2.92
C ASN F 42 -6.81 11.82 3.40
N TRP F 43 -5.64 11.44 2.91
CA TRP F 43 -5.02 10.19 3.31
C TRP F 43 -3.62 10.08 2.70
N ARG F 44 -2.75 9.30 3.35
CA ARG F 44 -1.37 9.11 2.91
C ARG F 44 -0.95 7.66 2.87
N VAL F 45 0.11 7.38 2.12
CA VAL F 45 0.62 6.03 2.01
C VAL F 45 2.12 6.04 1.87
N GLN F 46 2.77 5.13 2.57
CA GLN F 46 4.22 5.02 2.51
C GLN F 46 4.52 4.15 1.30
N VAL F 47 5.48 4.56 0.48
CA VAL F 47 5.78 3.78 -0.72
C VAL F 47 7.26 3.66 -1.06
N ASN F 48 7.61 2.60 -1.80
CA ASN F 48 8.98 2.35 -2.25
C ASN F 48 9.05 2.40 -3.77
N SER F 49 9.67 3.44 -4.31
CA SER F 49 9.76 3.55 -5.75
C SER F 49 11.18 3.77 -6.22
N ASP F 50 11.47 3.25 -7.40
CA ASP F 50 12.80 3.43 -7.97
C ASP F 50 12.83 4.80 -8.60
N ILE F 51 14.04 5.31 -8.79
CA ILE F 51 14.20 6.62 -9.40
C ILE F 51 15.35 6.59 -10.38
N PHE F 52 15.06 6.93 -11.62
CA PHE F 52 16.07 6.94 -12.66
C PHE F 52 16.24 8.32 -13.23
N ILE F 53 17.48 8.72 -13.42
CA ILE F 53 17.78 9.99 -14.02
C ILE F 53 18.53 9.66 -15.31
N VAL F 54 17.89 9.96 -16.44
CA VAL F 54 18.48 9.69 -17.74
C VAL F 54 18.59 11.01 -18.43
N ASP F 55 19.82 11.44 -18.72
CA ASP F 55 20.03 12.73 -19.37
C ASP F 55 19.40 13.82 -18.54
N ASP F 56 18.53 14.61 -19.17
CA ASP F 56 17.90 15.70 -18.49
C ASP F 56 16.53 15.36 -17.97
N TYR F 57 16.25 14.08 -17.86
CA TYR F 57 14.94 13.68 -17.38
C TYR F 57 15.09 12.95 -16.07
N ILE F 58 14.01 12.92 -15.31
CA ILE F 58 14.01 12.17 -14.07
C ILE F 58 12.71 11.36 -14.08
N HIS F 59 12.85 10.07 -13.76
CA HIS F 59 11.74 9.14 -13.76
C HIS F 59 11.50 8.61 -12.38
N ILE F 60 10.25 8.65 -11.94
CA ILE F 60 9.89 8.15 -10.64
C ILE F 60 8.94 6.99 -10.84
N CYS F 61 9.42 5.78 -10.61
CA CYS F 61 8.60 4.59 -10.81
C CYS F 61 7.78 4.22 -9.59
N LEU F 62 6.61 4.81 -9.48
CA LEU F 62 5.74 4.52 -8.38
C LEU F 62 5.11 3.14 -8.55
N PRO F 63 5.20 2.29 -7.51
CA PRO F 63 4.61 0.96 -7.63
C PRO F 63 3.11 1.09 -7.42
N ALA F 64 2.36 0.02 -7.66
CA ALA F 64 0.92 0.10 -7.46
C ALA F 64 0.69 0.14 -5.95
N PHE F 65 -0.40 0.78 -5.53
CA PHE F 65 -0.71 0.89 -4.10
C PHE F 65 -2.23 1.03 -3.87
N ASP F 66 -2.64 0.86 -2.61
CA ASP F 66 -4.06 0.96 -2.26
C ASP F 66 -4.36 2.24 -1.49
N GLY F 67 -5.56 2.77 -1.68
CA GLY F 67 -5.94 3.98 -0.99
C GLY F 67 -7.39 4.01 -0.63
N PHE F 68 -7.85 5.17 -0.17
CA PHE F 68 -9.23 5.34 0.22
C PHE F 68 -10.02 6.22 -0.75
N SER F 69 -11.19 6.69 -0.32
CA SER F 69 -12.03 7.53 -1.14
C SER F 69 -11.22 8.61 -1.86
N ILE F 70 -11.68 8.99 -3.05
CA ILE F 70 -11.03 10.03 -3.83
C ILE F 70 -12.10 10.90 -4.53
N ALA F 71 -11.87 12.21 -4.59
CA ALA F 71 -12.82 13.12 -5.23
C ALA F 71 -12.64 13.09 -6.73
N ASP F 72 -13.58 13.70 -7.44
CA ASP F 72 -13.50 13.74 -8.89
C ASP F 72 -12.21 14.49 -9.28
N GLY F 73 -11.95 15.60 -8.60
CA GLY F 73 -10.75 16.38 -8.84
C GLY F 73 -9.88 16.35 -7.60
N GLY F 74 -8.63 15.92 -7.73
CA GLY F 74 -7.75 15.86 -6.58
C GLY F 74 -6.28 16.03 -6.89
N ASP F 75 -5.47 16.11 -5.83
CA ASP F 75 -4.01 16.28 -5.93
C ASP F 75 -3.27 15.17 -5.22
N LEU F 76 -2.34 14.53 -5.92
CA LEU F 76 -1.53 13.48 -5.34
C LEU F 76 -0.14 14.08 -5.13
N SER F 77 0.33 14.08 -3.89
CA SER F 77 1.62 14.71 -3.61
C SER F 77 2.71 13.80 -3.06
N LEU F 78 3.84 13.78 -3.75
CA LEU F 78 4.99 13.00 -3.31
C LEU F 78 5.85 13.91 -2.48
N ASN F 79 6.12 13.55 -1.23
CA ASN F 79 6.96 14.38 -0.41
C ASN F 79 8.42 13.95 -0.54
N PHE F 80 9.19 14.66 -1.36
CA PHE F 80 10.61 14.31 -1.55
C PHE F 80 11.52 14.92 -0.52
N VAL F 81 10.96 15.59 0.48
CA VAL F 81 11.77 16.18 1.52
C VAL F 81 12.48 15.07 2.30
N THR F 82 11.91 13.87 2.25
CA THR F 82 12.47 12.69 2.91
C THR F 82 12.16 11.40 2.16
N GLY F 83 13.10 10.46 2.23
CA GLY F 83 12.89 9.18 1.58
C GLY F 83 13.88 8.95 0.47
N LEU F 84 14.60 9.98 0.09
CA LEU F 84 15.58 9.84 -0.99
C LEU F 84 16.81 9.19 -0.41
N LEU F 85 17.47 8.38 -1.22
CA LEU F 85 18.67 7.68 -0.78
C LEU F 85 19.94 8.40 -1.22
N PRO F 86 20.90 8.61 -0.27
CA PRO F 86 22.17 9.29 -0.59
C PRO F 86 22.82 8.68 -1.83
N PRO F 87 23.49 9.51 -2.65
CA PRO F 87 23.67 10.97 -2.51
C PRO F 87 22.58 11.87 -3.11
N LEU F 88 21.34 11.39 -3.14
CA LEU F 88 20.26 12.19 -3.70
C LEU F 88 19.77 13.29 -2.77
N LEU F 89 19.52 14.47 -3.33
CA LEU F 89 19.03 15.61 -2.59
C LEU F 89 17.62 15.97 -3.07
N THR F 90 16.79 16.46 -2.16
CA THR F 90 15.44 16.83 -2.55
C THR F 90 15.50 17.84 -3.68
N GLY F 91 16.58 18.60 -3.71
CA GLY F 91 16.80 19.60 -4.74
C GLY F 91 16.98 18.98 -6.11
N ASP F 92 17.41 17.73 -6.12
CA ASP F 92 17.62 16.99 -7.36
C ASP F 92 16.31 16.64 -8.07
N THR F 93 15.19 16.69 -7.33
CA THR F 93 13.89 16.37 -7.90
C THR F 93 13.20 17.60 -8.49
N GLU F 94 13.88 18.74 -8.49
CA GLU F 94 13.30 19.97 -9.01
C GLU F 94 13.24 19.98 -10.53
N PRO F 95 12.07 20.27 -11.12
CA PRO F 95 11.86 20.32 -12.57
C PRO F 95 12.65 21.44 -13.20
N ALA F 96 12.93 21.32 -14.49
CA ALA F 96 13.69 22.37 -15.17
C ALA F 96 12.86 23.66 -15.20
N PHE F 97 11.54 23.51 -15.19
CA PHE F 97 10.66 24.67 -15.18
C PHE F 97 10.37 25.05 -13.74
N HIS F 98 11.35 24.76 -12.88
CA HIS F 98 11.28 25.03 -11.44
C HIS F 98 9.96 24.75 -10.79
N ASN F 99 9.31 25.78 -10.25
CA ASN F 99 8.02 25.54 -9.60
C ASN F 99 6.80 26.16 -10.27
N ASP F 100 6.90 26.45 -11.55
CA ASP F 100 5.74 27.01 -12.24
C ASP F 100 4.68 25.92 -12.26
N VAL F 101 3.44 26.31 -12.53
CA VAL F 101 2.36 25.35 -12.60
C VAL F 101 2.29 24.91 -14.08
N VAL F 102 2.21 23.60 -14.30
CA VAL F 102 2.16 23.08 -15.66
C VAL F 102 1.10 22.00 -15.84
N THR F 103 1.15 21.33 -16.99
CA THR F 103 0.24 20.24 -17.29
C THR F 103 1.12 19.28 -18.09
N TYR F 104 2.33 19.11 -17.57
CA TYR F 104 3.35 18.26 -18.17
C TYR F 104 3.11 16.77 -17.94
N GLY F 105 3.42 15.96 -18.94
CA GLY F 105 3.27 14.52 -18.85
C GLY F 105 1.86 14.00 -18.67
N ALA F 106 0.88 14.76 -19.17
CA ALA F 106 -0.54 14.38 -19.07
C ALA F 106 -0.72 12.97 -19.64
N GLN F 107 -1.23 12.06 -18.81
CA GLN F 107 -1.45 10.67 -19.22
C GLN F 107 -2.77 10.10 -18.67
N THR F 108 -3.21 8.99 -19.23
CA THR F 108 -4.43 8.36 -18.72
C THR F 108 -4.03 7.24 -17.80
N VAL F 109 -4.75 7.11 -16.70
CA VAL F 109 -4.44 6.09 -15.72
C VAL F 109 -5.72 5.55 -15.07
N ALA F 110 -5.90 4.23 -15.11
CA ALA F 110 -7.08 3.58 -14.56
C ALA F 110 -6.96 3.21 -13.09
N ILE F 111 -7.96 3.59 -12.31
CA ILE F 111 -8.00 3.30 -10.88
C ILE F 111 -9.23 2.48 -10.50
N GLY F 112 -9.02 1.46 -9.69
CA GLY F 112 -10.12 0.63 -9.29
C GLY F 112 -10.78 1.18 -8.05
N LEU F 113 -12.09 1.34 -8.09
CA LEU F 113 -12.82 1.85 -6.95
C LEU F 113 -13.80 0.80 -6.44
N SER F 114 -13.76 0.52 -5.16
CA SER F 114 -14.65 -0.47 -4.60
C SER F 114 -15.14 -0.07 -3.22
N SER F 115 -16.16 -0.77 -2.76
CA SER F 115 -16.72 -0.53 -1.44
C SER F 115 -16.48 -1.83 -0.67
N GLY F 116 -15.27 -2.37 -0.84
CA GLY F 116 -14.90 -3.60 -0.17
C GLY F 116 -14.92 -4.76 -1.16
N GLY F 117 -16.05 -4.91 -1.84
CA GLY F 117 -16.21 -5.99 -2.80
C GLY F 117 -15.40 -5.91 -4.09
N THR F 118 -16.09 -6.04 -5.21
CA THR F 118 -15.44 -6.01 -6.51
C THR F 118 -15.17 -4.58 -7.02
N PRO F 119 -13.94 -4.34 -7.50
CA PRO F 119 -13.47 -3.04 -8.04
C PRO F 119 -13.98 -2.69 -9.42
N GLN F 120 -14.34 -1.43 -9.61
CA GLN F 120 -14.81 -0.96 -10.90
C GLN F 120 -13.77 0.08 -11.31
N TYR F 121 -13.13 -0.12 -12.45
CA TYR F 121 -12.08 0.82 -12.89
C TYR F 121 -12.46 2.06 -13.66
N MET F 122 -11.91 3.19 -13.20
CA MET F 122 -12.15 4.49 -13.82
C MET F 122 -10.92 4.97 -14.56
N SER F 123 -11.12 5.48 -15.76
CA SER F 123 -10.01 6.01 -16.56
C SER F 123 -9.88 7.46 -16.17
N LYS F 124 -8.85 7.79 -15.40
CA LYS F 124 -8.65 9.16 -14.97
C LYS F 124 -7.43 9.82 -15.64
N ASN F 125 -7.45 11.15 -15.66
CA ASN F 125 -6.39 11.94 -16.27
C ASN F 125 -5.46 12.41 -15.18
N LEU F 126 -4.16 12.23 -15.39
CA LEU F 126 -3.16 12.65 -14.41
C LEU F 126 -1.93 13.29 -15.07
N TRP F 127 -1.35 14.28 -14.40
CA TRP F 127 -0.17 14.97 -14.93
C TRP F 127 0.62 15.68 -13.85
N VAL F 128 1.85 16.03 -14.19
CA VAL F 128 2.70 16.75 -13.26
C VAL F 128 2.14 18.18 -13.24
N GLU F 129 1.65 18.62 -12.09
CA GLU F 129 1.10 19.96 -11.99
C GLU F 129 2.09 21.01 -11.49
N GLN F 130 2.74 20.74 -10.36
CA GLN F 130 3.68 21.71 -9.81
C GLN F 130 4.55 21.11 -8.72
N TRP F 131 5.78 21.60 -8.66
CA TRP F 131 6.75 21.12 -7.67
C TRP F 131 7.14 22.27 -6.77
N GLN F 132 6.86 22.17 -5.48
CA GLN F 132 7.24 23.26 -4.60
C GLN F 132 7.76 22.80 -3.26
N ASP F 133 8.94 23.31 -2.91
CA ASP F 133 9.60 22.97 -1.66
C ASP F 133 9.75 21.47 -1.46
N GLY F 134 10.30 20.78 -2.47
CA GLY F 134 10.50 19.35 -2.40
C GLY F 134 9.24 18.49 -2.46
N VAL F 135 8.10 19.09 -2.74
CA VAL F 135 6.88 18.33 -2.81
C VAL F 135 6.28 18.42 -4.19
N LEU F 136 6.30 17.29 -4.89
CA LEU F 136 5.76 17.20 -6.23
C LEU F 136 4.24 16.94 -6.18
N ARG F 137 3.45 17.82 -6.80
CA ARG F 137 2.01 17.66 -6.79
C ARG F 137 1.46 17.31 -8.17
N LEU F 138 0.82 16.15 -8.26
CA LEU F 138 0.23 15.72 -9.52
C LEU F 138 -1.26 15.91 -9.44
N ARG F 139 -1.85 16.43 -10.50
CA ARG F 139 -3.30 16.63 -10.53
C ARG F 139 -3.90 15.31 -11.04
N VAL F 140 -4.99 14.88 -10.42
CA VAL F 140 -5.65 13.65 -10.82
C VAL F 140 -7.15 13.90 -10.91
N GLU F 141 -7.67 14.07 -12.12
CA GLU F 141 -9.10 14.33 -12.27
C GLU F 141 -9.71 13.70 -13.54
N GLY F 142 -11.03 13.86 -13.68
CA GLY F 142 -11.75 13.35 -14.84
C GLY F 142 -12.15 11.89 -14.76
N GLY F 143 -12.80 11.40 -15.81
CA GLY F 143 -13.20 9.99 -15.84
C GLY F 143 -14.49 9.64 -15.12
N GLY F 144 -15.24 10.66 -14.72
CA GLY F 144 -16.46 10.40 -14.02
C GLY F 144 -16.12 9.73 -12.70
N SER F 145 -17.14 9.53 -11.87
CA SER F 145 -16.94 8.92 -10.55
C SER F 145 -18.17 8.15 -10.09
N ILE F 146 -18.00 7.42 -8.98
CA ILE F 146 -19.04 6.64 -8.34
C ILE F 146 -18.70 6.64 -6.85
N THR F 147 -19.64 6.19 -6.02
CA THR F 147 -19.42 6.14 -4.57
C THR F 147 -18.55 4.95 -4.20
N HIS F 148 -17.59 5.16 -3.30
CA HIS F 148 -16.66 4.12 -2.91
C HIS F 148 -15.96 4.51 -1.62
N SER F 149 -15.24 3.55 -1.03
CA SER F 149 -14.51 3.78 0.21
C SER F 149 -13.05 3.36 0.05
N ASN F 150 -12.77 2.58 -0.99
CA ASN F 150 -11.41 2.12 -1.25
C ASN F 150 -11.04 2.35 -2.70
N SER F 151 -9.75 2.56 -2.95
CA SER F 151 -9.24 2.80 -4.29
C SER F 151 -7.92 2.08 -4.53
N LYS F 152 -7.83 1.37 -5.65
CA LYS F 152 -6.63 0.65 -6.00
C LYS F 152 -5.92 1.37 -7.13
N TRP F 153 -4.66 1.74 -6.90
CA TRP F 153 -3.87 2.46 -7.90
C TRP F 153 -2.86 1.61 -8.62
N PRO F 154 -2.62 1.92 -9.90
CA PRO F 154 -1.67 1.17 -10.71
C PRO F 154 -0.25 1.68 -10.51
N ALA F 155 0.71 0.95 -11.06
CA ALA F 155 2.09 1.37 -10.99
C ALA F 155 2.14 2.47 -12.02
N MET F 156 2.69 3.61 -11.64
CA MET F 156 2.78 4.72 -12.57
C MET F 156 4.20 5.23 -12.55
N THR F 157 4.69 5.61 -13.73
CA THR F 157 6.02 6.19 -13.79
C THR F 157 5.79 7.64 -14.17
N VAL F 158 6.31 8.54 -13.34
CA VAL F 158 6.17 9.97 -13.54
C VAL F 158 7.52 10.52 -13.99
N SER F 159 7.51 11.30 -15.07
CA SER F 159 8.72 11.86 -15.61
C SER F 159 8.56 13.36 -15.87
N TYR F 160 9.69 14.03 -16.06
CA TYR F 160 9.71 15.45 -16.35
C TYR F 160 11.13 15.98 -16.42
N PRO F 161 11.36 17.02 -17.23
CA PRO F 161 12.68 17.63 -17.38
C PRO F 161 13.19 17.95 -15.99
N ARG F 162 14.46 17.68 -15.76
CA ARG F 162 15.01 17.92 -14.45
C ARG F 162 15.84 19.19 -14.42
N SER F 163 15.79 19.87 -13.28
CA SER F 163 16.53 21.11 -13.10
C SER F 163 18.03 20.86 -13.08
N PHE F 164 18.79 21.75 -13.71
CA PHE F 164 20.25 21.63 -13.81
C PHE F 164 20.97 22.92 -13.46
N SER G 3 -21.01 -4.64 54.11
CA SER G 3 -22.45 -4.51 54.28
C SER G 3 -23.03 -5.91 54.41
N VAL G 4 -22.49 -6.86 53.63
CA VAL G 4 -22.94 -8.25 53.65
C VAL G 4 -22.28 -9.00 54.81
N THR G 5 -22.96 -10.02 55.32
CA THR G 5 -22.48 -10.80 56.45
C THR G 5 -22.29 -12.29 56.16
N VAL G 6 -21.13 -12.81 56.52
CA VAL G 6 -20.82 -14.22 56.32
C VAL G 6 -20.07 -14.75 57.53
N HIS G 7 -20.78 -15.44 58.40
CA HIS G 7 -20.15 -15.99 59.59
C HIS G 7 -20.56 -17.44 59.80
N SER G 8 -20.00 -18.05 60.83
CA SER G 8 -20.31 -19.44 61.15
C SER G 8 -20.73 -19.61 62.63
N SER G 9 -21.73 -20.47 62.87
CA SER G 9 -22.22 -20.74 64.22
C SER G 9 -21.31 -21.71 64.96
N GLU G 10 -20.81 -22.70 64.22
CA GLU G 10 -19.92 -23.73 64.75
C GLU G 10 -18.52 -23.57 64.15
N PRO G 11 -17.74 -22.57 64.62
CA PRO G 11 -16.38 -22.30 64.14
C PRO G 11 -15.33 -23.38 64.45
N GLU G 12 -15.77 -24.48 65.04
CA GLU G 12 -14.85 -25.57 65.35
C GLU G 12 -15.63 -26.82 65.71
N VAL G 13 -15.64 -27.78 64.79
CA VAL G 13 -16.35 -29.05 64.98
C VAL G 13 -15.39 -30.15 65.47
N ARG G 14 -15.92 -31.05 66.29
CA ARG G 14 -15.16 -32.17 66.87
C ARG G 14 -16.07 -33.39 66.85
N ILE G 15 -15.94 -34.24 65.84
CA ILE G 15 -16.80 -35.42 65.75
C ILE G 15 -16.03 -36.71 65.48
N PRO G 16 -16.48 -37.83 66.10
CA PRO G 16 -15.86 -39.15 65.95
C PRO G 16 -15.87 -39.64 64.51
N GLU G 17 -14.88 -40.45 64.18
CA GLU G 17 -14.77 -40.99 62.83
C GLU G 17 -16.08 -41.70 62.43
N ASN G 18 -16.26 -41.81 61.11
CA ASN G 18 -17.42 -42.47 60.48
C ASN G 18 -18.81 -41.94 60.83
N ASN G 19 -18.89 -40.66 61.17
CA ASN G 19 -20.17 -40.03 61.50
C ASN G 19 -20.44 -38.89 60.54
N PRO G 20 -21.73 -38.52 60.40
CA PRO G 20 -22.04 -37.41 59.49
C PRO G 20 -21.83 -36.09 60.23
N VAL G 21 -21.46 -35.05 59.49
CA VAL G 21 -21.24 -33.74 60.09
C VAL G 21 -21.49 -32.62 59.09
N LYS G 22 -22.03 -31.53 59.58
CA LYS G 22 -22.34 -30.38 58.76
C LYS G 22 -21.54 -29.16 59.20
N LEU G 23 -20.81 -28.57 58.26
CA LEU G 23 -20.04 -27.36 58.53
C LEU G 23 -20.99 -26.23 58.09
N SER G 24 -21.44 -25.41 59.04
CA SER G 24 -22.38 -24.36 58.69
C SER G 24 -21.76 -22.99 58.38
N CYS G 25 -22.16 -22.46 57.24
CA CYS G 25 -21.73 -21.15 56.77
C CYS G 25 -23.03 -20.42 56.48
N ALA G 26 -23.42 -19.54 57.41
CA ALA G 26 -24.64 -18.77 57.26
C ALA G 26 -24.28 -17.37 56.73
N TYR G 27 -24.80 -17.04 55.55
CA TYR G 27 -24.54 -15.74 54.94
C TYR G 27 -25.83 -14.95 54.69
N SER G 28 -25.68 -13.63 54.67
CA SER G 28 -26.78 -12.72 54.47
C SER G 28 -26.29 -11.42 53.84
N GLY G 29 -27.07 -10.86 52.92
CA GLY G 29 -26.68 -9.62 52.29
C GLY G 29 -26.44 -9.79 50.80
N PHE G 30 -26.63 -11.02 50.32
CA PHE G 30 -26.42 -11.34 48.91
C PHE G 30 -27.73 -11.62 48.18
N SER G 31 -27.71 -11.37 46.87
CA SER G 31 -28.89 -11.60 46.02
C SER G 31 -28.58 -12.70 45.01
N SER G 32 -27.39 -12.61 44.40
CA SER G 32 -26.92 -13.60 43.42
C SER G 32 -25.53 -14.09 43.88
N PRO G 33 -25.46 -14.74 45.07
CA PRO G 33 -24.20 -15.25 45.64
C PRO G 33 -23.67 -16.58 45.09
N ARG G 34 -22.34 -16.74 45.11
CA ARG G 34 -21.67 -17.95 44.65
C ARG G 34 -20.85 -18.44 45.83
N VAL G 35 -21.24 -19.57 46.44
CA VAL G 35 -20.55 -20.13 47.59
C VAL G 35 -19.45 -21.10 47.21
N GLU G 36 -18.35 -21.09 47.97
CA GLU G 36 -17.19 -21.93 47.70
C GLU G 36 -16.41 -22.39 48.94
N TRP G 37 -16.18 -23.70 49.06
CA TRP G 37 -15.45 -24.26 50.19
C TRP G 37 -14.09 -24.84 49.78
N LYS G 38 -13.08 -24.64 50.61
CA LYS G 38 -11.75 -25.19 50.33
C LYS G 38 -11.21 -25.90 51.56
N PHE G 39 -10.75 -27.14 51.38
CA PHE G 39 -10.19 -27.95 52.47
C PHE G 39 -8.71 -27.62 52.61
N ASP G 40 -8.24 -27.54 53.85
CA ASP G 40 -6.85 -27.20 54.12
C ASP G 40 -6.17 -28.10 55.13
N GLN G 41 -5.22 -28.90 54.66
CA GLN G 41 -4.49 -29.82 55.51
C GLN G 41 -3.01 -29.43 55.56
N GLY G 42 -2.71 -28.43 56.38
CA GLY G 42 -1.33 -27.99 56.48
C GLY G 42 -0.89 -27.16 55.29
N ASP G 43 -0.49 -27.83 54.21
CA ASP G 43 -0.03 -27.13 53.01
C ASP G 43 -0.84 -27.47 51.76
N THR G 44 -1.49 -28.62 51.76
CA THR G 44 -2.28 -29.05 50.61
C THR G 44 -3.68 -28.49 50.68
N THR G 45 -4.02 -27.69 49.67
CA THR G 45 -5.35 -27.12 49.60
C THR G 45 -6.13 -27.90 48.54
N ARG G 46 -7.39 -28.21 48.82
CA ARG G 46 -8.23 -28.94 47.89
C ARG G 46 -9.61 -28.29 47.79
N LEU G 47 -10.18 -28.27 46.59
CA LEU G 47 -11.50 -27.68 46.33
C LEU G 47 -12.63 -28.66 46.70
N VAL G 48 -13.54 -28.23 47.57
CA VAL G 48 -14.66 -29.06 48.00
C VAL G 48 -15.96 -28.72 47.30
N CYS G 49 -16.26 -27.42 47.25
CA CYS G 49 -17.47 -26.91 46.61
C CYS G 49 -17.18 -25.56 45.90
N TYR G 50 -17.77 -25.33 44.72
CA TYR G 50 -17.57 -24.09 43.97
C TYR G 50 -18.86 -23.77 43.22
N ASN G 51 -19.31 -22.52 43.29
CA ASN G 51 -20.54 -22.10 42.61
C ASN G 51 -21.79 -22.86 43.09
N ASN G 52 -21.93 -23.02 44.41
CA ASN G 52 -23.06 -23.73 45.02
C ASN G 52 -23.18 -25.12 44.39
N LYS G 53 -22.04 -25.74 44.14
CA LYS G 53 -22.00 -27.04 43.49
C LYS G 53 -20.79 -27.83 44.02
N ILE G 54 -21.01 -29.05 44.51
CA ILE G 54 -19.90 -29.83 45.04
C ILE G 54 -19.01 -30.37 43.93
N THR G 55 -17.70 -30.40 44.15
CA THR G 55 -16.77 -30.90 43.13
C THR G 55 -16.93 -32.40 42.90
N ALA G 56 -16.19 -32.92 41.91
CA ALA G 56 -16.23 -34.33 41.56
C ALA G 56 -15.63 -35.23 42.63
N SER G 57 -14.39 -34.93 43.01
CA SER G 57 -13.66 -35.68 44.04
C SER G 57 -14.39 -35.80 45.38
N TYR G 58 -15.52 -35.12 45.53
CA TYR G 58 -16.30 -35.12 46.77
C TYR G 58 -17.79 -35.40 46.53
N GLU G 59 -18.23 -35.22 45.29
CA GLU G 59 -19.63 -35.40 44.93
C GLU G 59 -20.33 -36.61 45.53
N ASP G 60 -19.60 -37.72 45.63
CA ASP G 60 -20.16 -38.97 46.16
C ASP G 60 -20.35 -39.06 47.67
N ARG G 61 -19.87 -38.06 48.41
CA ARG G 61 -20.01 -38.12 49.87
C ARG G 61 -19.99 -36.74 50.57
N VAL G 62 -20.66 -35.75 49.97
CA VAL G 62 -20.73 -34.38 50.51
C VAL G 62 -21.79 -33.66 49.72
N THR G 63 -22.84 -33.22 50.39
CA THR G 63 -23.91 -32.51 49.72
C THR G 63 -23.86 -31.01 50.06
N PHE G 64 -24.30 -30.18 49.11
CA PHE G 64 -24.31 -28.73 49.29
C PHE G 64 -25.63 -28.19 49.82
N LEU G 65 -25.57 -27.01 50.44
CA LEU G 65 -26.73 -26.32 51.00
C LEU G 65 -26.33 -24.89 51.28
N PRO G 66 -27.25 -23.95 51.03
CA PRO G 66 -26.95 -22.53 51.26
C PRO G 66 -26.48 -22.21 52.69
N THR G 67 -26.64 -23.17 53.59
CA THR G 67 -26.25 -22.99 54.99
C THR G 67 -25.01 -23.81 55.40
N GLY G 68 -24.37 -24.45 54.42
CA GLY G 68 -23.20 -25.26 54.72
C GLY G 68 -23.23 -26.63 54.07
N ILE G 69 -22.05 -27.25 53.94
CA ILE G 69 -21.91 -28.57 53.34
C ILE G 69 -21.93 -29.65 54.41
N THR G 70 -22.55 -30.79 54.10
CA THR G 70 -22.65 -31.89 55.07
C THR G 70 -22.05 -33.18 54.49
N PHE G 71 -21.37 -33.94 55.35
CA PHE G 71 -20.73 -35.19 54.94
C PHE G 71 -21.56 -36.43 55.26
N LYS G 72 -21.53 -37.41 54.36
CA LYS G 72 -22.27 -38.64 54.57
C LYS G 72 -21.58 -39.35 55.74
N SER G 73 -20.26 -39.33 55.72
CA SER G 73 -19.43 -39.95 56.76
C SER G 73 -18.01 -39.38 56.63
N VAL G 74 -17.34 -39.14 57.76
CA VAL G 74 -16.00 -38.57 57.75
C VAL G 74 -14.92 -39.55 58.22
N THR G 75 -13.66 -39.20 57.99
CA THR G 75 -12.54 -40.02 58.42
C THR G 75 -11.46 -39.03 58.87
N ARG G 76 -10.40 -39.49 59.53
CA ARG G 76 -9.35 -38.56 59.98
C ARG G 76 -8.67 -37.88 58.80
N GLU G 77 -8.87 -38.43 57.60
CA GLU G 77 -8.29 -37.87 56.37
C GLU G 77 -8.79 -36.43 56.16
N ASP G 78 -9.99 -36.16 56.68
CA ASP G 78 -10.64 -34.87 56.52
C ASP G 78 -10.45 -33.84 57.64
N THR G 79 -9.53 -34.09 58.56
CA THR G 79 -9.29 -33.13 59.65
C THR G 79 -8.54 -31.92 59.07
N GLY G 80 -9.06 -30.72 59.29
CA GLY G 80 -8.39 -29.55 58.76
C GLY G 80 -9.20 -28.27 58.90
N THR G 81 -8.75 -27.24 58.20
CA THR G 81 -9.41 -25.95 58.24
C THR G 81 -10.14 -25.70 56.93
N TYR G 82 -11.46 -25.85 56.97
CA TYR G 82 -12.31 -25.65 55.80
C TYR G 82 -12.70 -24.18 55.70
N THR G 83 -12.35 -23.54 54.59
CA THR G 83 -12.68 -22.13 54.41
C THR G 83 -13.86 -21.98 53.45
N CYS G 84 -14.90 -21.27 53.90
CA CYS G 84 -16.09 -21.00 53.09
C CYS G 84 -16.06 -19.55 52.64
N MET G 85 -16.15 -19.34 51.33
CA MET G 85 -16.11 -17.98 50.79
C MET G 85 -17.38 -17.70 50.02
N VAL G 86 -17.92 -16.51 50.20
CA VAL G 86 -19.15 -16.15 49.51
C VAL G 86 -18.97 -14.82 48.81
N SER G 87 -18.92 -14.85 47.50
CA SER G 87 -18.76 -13.64 46.73
C SER G 87 -20.06 -13.35 46.02
N GLU G 88 -20.35 -12.07 45.85
CA GLU G 88 -21.56 -11.63 45.17
C GLU G 88 -21.23 -11.63 43.68
N GLU G 89 -22.20 -11.21 42.89
CA GLU G 89 -21.99 -11.13 41.46
C GLU G 89 -21.38 -9.76 41.19
N GLY G 90 -20.18 -9.76 40.61
CA GLY G 90 -19.51 -8.52 40.33
C GLY G 90 -18.31 -8.41 41.24
N GLY G 91 -18.35 -9.17 42.34
CA GLY G 91 -17.26 -9.18 43.30
C GLY G 91 -17.15 -7.96 44.19
N ASN G 92 -18.22 -7.17 44.27
CA ASN G 92 -18.20 -5.98 45.11
C ASN G 92 -18.54 -6.33 46.55
N SER G 93 -19.20 -7.46 46.71
CA SER G 93 -19.60 -7.97 48.02
C SER G 93 -18.87 -9.29 48.24
N TYR G 94 -18.05 -9.34 49.27
CA TYR G 94 -17.27 -10.54 49.55
C TYR G 94 -17.26 -10.88 51.04
N GLY G 95 -17.55 -12.14 51.35
CA GLY G 95 -17.58 -12.58 52.73
C GLY G 95 -16.74 -13.82 52.85
N GLU G 96 -16.38 -14.20 54.07
CA GLU G 96 -15.55 -15.37 54.28
C GLU G 96 -15.40 -15.76 55.75
N VAL G 97 -15.38 -17.06 56.02
CA VAL G 97 -15.24 -17.58 57.37
C VAL G 97 -14.65 -18.99 57.32
N LYS G 98 -13.76 -19.28 58.28
CA LYS G 98 -13.10 -20.58 58.34
C LYS G 98 -13.69 -21.46 59.46
N VAL G 99 -13.84 -22.77 59.20
CA VAL G 99 -14.37 -23.74 60.17
C VAL G 99 -13.28 -24.80 60.35
N LYS G 100 -13.00 -25.16 61.60
CA LYS G 100 -11.97 -26.15 61.90
C LYS G 100 -12.58 -27.49 62.27
N LEU G 101 -12.28 -28.53 61.51
CA LEU G 101 -12.83 -29.84 61.80
C LEU G 101 -11.77 -30.77 62.39
N ILE G 102 -12.17 -31.51 63.43
CA ILE G 102 -11.29 -32.46 64.10
C ILE G 102 -12.00 -33.81 64.20
N VAL G 103 -11.66 -34.75 63.32
CA VAL G 103 -12.29 -36.07 63.36
C VAL G 103 -11.59 -36.92 64.41
N LEU G 104 -12.30 -37.17 65.50
CA LEU G 104 -11.81 -37.94 66.63
C LEU G 104 -12.11 -39.45 66.49
N SER H 3 -44.72 -19.89 20.01
CA SER H 3 -43.52 -20.10 19.22
C SER H 3 -43.54 -18.93 18.24
N VAL H 4 -43.16 -19.23 17.00
CA VAL H 4 -43.12 -18.24 15.94
C VAL H 4 -43.56 -19.03 14.73
N THR H 5 -44.07 -18.33 13.72
CA THR H 5 -44.52 -19.00 12.51
C THR H 5 -43.77 -18.53 11.24
N VAL H 6 -43.39 -19.48 10.39
CA VAL H 6 -42.69 -19.17 9.14
C VAL H 6 -43.15 -20.11 8.02
N HIS H 7 -44.08 -19.65 7.18
CA HIS H 7 -44.58 -20.47 6.10
C HIS H 7 -44.58 -19.74 4.76
N SER H 8 -45.13 -20.40 3.75
CA SER H 8 -45.19 -19.82 2.43
C SER H 8 -46.54 -20.07 1.82
N SER H 9 -47.06 -19.05 1.13
CA SER H 9 -48.35 -19.17 0.48
C SER H 9 -48.16 -19.91 -0.86
N GLU H 10 -47.03 -19.64 -1.51
CA GLU H 10 -46.72 -20.22 -2.80
C GLU H 10 -45.57 -21.21 -2.69
N PRO H 11 -45.82 -22.34 -2.04
CA PRO H 11 -44.77 -23.33 -1.89
C PRO H 11 -44.22 -23.92 -3.19
N GLU H 12 -44.72 -23.47 -4.35
CA GLU H 12 -44.24 -23.99 -5.64
C GLU H 12 -44.63 -23.12 -6.80
N VAL H 13 -43.65 -22.44 -7.35
CA VAL H 13 -43.88 -21.55 -8.45
C VAL H 13 -43.48 -22.17 -9.78
N ARG H 14 -44.19 -21.78 -10.82
CA ARG H 14 -43.95 -22.28 -12.15
C ARG H 14 -44.13 -21.06 -13.06
N ILE H 15 -43.01 -20.46 -13.45
CA ILE H 15 -43.06 -19.28 -14.32
C ILE H 15 -42.15 -19.32 -15.56
N PRO H 16 -42.67 -18.91 -16.73
CA PRO H 16 -41.89 -18.91 -17.97
C PRO H 16 -40.59 -18.14 -17.86
N GLU H 17 -39.61 -18.54 -18.64
CA GLU H 17 -38.30 -17.90 -18.67
C GLU H 17 -38.42 -16.41 -18.87
N ASN H 18 -37.40 -15.70 -18.40
CA ASN H 18 -37.31 -14.25 -18.54
C ASN H 18 -38.45 -13.39 -17.96
N ASN H 19 -39.13 -13.93 -16.95
CA ASN H 19 -40.20 -13.20 -16.30
C ASN H 19 -39.79 -12.91 -14.85
N PRO H 20 -40.37 -11.88 -14.24
CA PRO H 20 -40.02 -11.60 -12.85
C PRO H 20 -40.82 -12.58 -11.99
N VAL H 21 -40.31 -12.92 -10.81
CA VAL H 21 -41.05 -13.81 -9.92
C VAL H 21 -40.66 -13.59 -8.49
N LYS H 22 -41.63 -13.63 -7.60
CA LYS H 22 -41.33 -13.41 -6.20
C LYS H 22 -41.60 -14.66 -5.40
N LEU H 23 -40.63 -15.05 -4.59
CA LEU H 23 -40.78 -16.21 -3.73
C LEU H 23 -41.22 -15.66 -2.39
N SER H 24 -42.43 -15.97 -1.99
CA SER H 24 -42.93 -15.43 -0.74
C SER H 24 -42.73 -16.27 0.51
N CYS H 25 -42.09 -15.65 1.50
CA CYS H 25 -41.82 -16.26 2.82
C CYS H 25 -42.48 -15.29 3.80
N ALA H 26 -43.62 -15.69 4.35
CA ALA H 26 -44.33 -14.83 5.30
C ALA H 26 -44.05 -15.32 6.71
N TYR H 27 -43.42 -14.50 7.54
CA TYR H 27 -43.14 -14.93 8.91
C TYR H 27 -43.74 -14.02 9.94
N SER H 28 -44.01 -14.58 11.11
CA SER H 28 -44.62 -13.84 12.20
C SER H 28 -44.20 -14.43 13.54
N GLY H 29 -44.07 -13.57 14.55
CA GLY H 29 -43.67 -14.03 15.87
C GLY H 29 -42.26 -13.56 16.23
N PHE H 30 -41.61 -12.83 15.33
CA PHE H 30 -40.25 -12.32 15.57
C PHE H 30 -40.25 -10.82 15.82
N SER H 31 -39.24 -10.35 16.56
CA SER H 31 -39.07 -8.92 16.87
C SER H 31 -37.78 -8.39 16.24
N SER H 32 -36.71 -9.18 16.35
CA SER H 32 -35.41 -8.85 15.77
C SER H 32 -34.97 -10.03 14.90
N PRO H 33 -35.71 -10.32 13.83
CA PRO H 33 -35.35 -11.43 12.97
C PRO H 33 -34.31 -11.14 11.89
N ARG H 34 -33.62 -12.21 11.46
CA ARG H 34 -32.61 -12.17 10.40
C ARG H 34 -33.05 -13.21 9.38
N VAL H 35 -33.42 -12.77 8.18
CA VAL H 35 -33.90 -13.68 7.15
C VAL H 35 -32.79 -14.13 6.21
N GLU H 36 -32.87 -15.38 5.77
CA GLU H 36 -31.86 -15.91 4.91
C GLU H 36 -32.36 -16.94 3.91
N TRP H 37 -31.95 -16.77 2.66
CA TRP H 37 -32.34 -17.67 1.60
C TRP H 37 -31.16 -18.39 1.00
N LYS H 38 -31.34 -19.66 0.69
CA LYS H 38 -30.30 -20.46 0.06
C LYS H 38 -30.86 -21.17 -1.18
N PHE H 39 -30.18 -21.05 -2.32
CA PHE H 39 -30.61 -21.71 -3.56
C PHE H 39 -30.07 -23.12 -3.56
N ASP H 40 -30.85 -24.06 -4.08
CA ASP H 40 -30.43 -25.45 -4.09
C ASP H 40 -30.73 -26.12 -5.41
N GLN H 41 -29.64 -26.32 -6.14
CA GLN H 41 -29.76 -27.03 -7.39
C GLN H 41 -28.88 -28.18 -7.43
N GLY H 42 -29.57 -29.23 -6.98
CA GLY H 42 -29.08 -30.58 -6.87
C GLY H 42 -28.13 -30.92 -5.74
N ASP H 43 -26.91 -30.54 -5.99
CA ASP H 43 -25.96 -30.95 -5.01
C ASP H 43 -24.90 -29.79 -5.01
N THR H 44 -25.40 -28.56 -5.00
CA THR H 44 -24.57 -27.36 -4.93
C THR H 44 -25.56 -26.37 -4.32
N THR H 45 -25.16 -25.83 -3.17
CA THR H 45 -25.93 -24.87 -2.40
C THR H 45 -25.27 -23.50 -2.59
N ARG H 46 -26.09 -22.49 -2.81
CA ARG H 46 -25.59 -21.13 -2.99
C ARG H 46 -26.38 -20.17 -2.11
N LEU H 47 -25.69 -19.14 -1.61
CA LEU H 47 -26.31 -18.14 -0.74
C LEU H 47 -26.94 -17.03 -1.57
N VAL H 48 -28.22 -16.79 -1.31
CA VAL H 48 -28.96 -15.78 -2.04
C VAL H 48 -29.08 -14.53 -1.17
N CYS H 49 -29.59 -14.72 0.03
CA CYS H 49 -29.80 -13.62 0.96
C CYS H 49 -29.49 -14.00 2.40
N TYR H 50 -28.89 -13.07 3.13
CA TYR H 50 -28.52 -13.30 4.51
C TYR H 50 -28.67 -11.99 5.26
N ASN H 51 -29.22 -12.06 6.47
CA ASN H 51 -29.42 -10.88 7.29
C ASN H 51 -30.23 -9.83 6.57
N ASN H 52 -31.40 -10.21 6.07
CA ASN H 52 -32.26 -9.27 5.36
C ASN H 52 -31.43 -8.42 4.37
N LYS H 53 -30.48 -9.06 3.72
CA LYS H 53 -29.57 -8.38 2.82
C LYS H 53 -29.23 -9.36 1.71
N ILE H 54 -29.43 -8.98 0.44
CA ILE H 54 -29.10 -9.88 -0.67
C ILE H 54 -27.59 -9.96 -0.84
N THR H 55 -27.08 -11.13 -1.22
CA THR H 55 -25.64 -11.29 -1.42
C THR H 55 -25.14 -10.53 -2.63
N ALA H 56 -23.84 -10.58 -2.86
CA ALA H 56 -23.26 -9.90 -3.99
C ALA H 56 -23.58 -10.60 -5.31
N SER H 57 -23.38 -11.90 -5.36
CA SER H 57 -23.64 -12.66 -6.58
C SER H 57 -25.07 -12.55 -7.10
N TYR H 58 -25.95 -11.94 -6.33
CA TYR H 58 -27.35 -11.79 -6.71
C TYR H 58 -27.87 -10.35 -6.66
N GLU H 59 -27.17 -9.50 -5.92
CA GLU H 59 -27.57 -8.11 -5.74
C GLU H 59 -28.10 -7.38 -6.99
N ASP H 60 -27.57 -7.72 -8.15
CA ASP H 60 -27.97 -7.05 -9.38
C ASP H 60 -29.30 -7.46 -10.02
N ARG H 61 -29.96 -8.47 -9.47
CA ARG H 61 -31.21 -8.92 -10.06
C ARG H 61 -32.14 -9.63 -9.11
N VAL H 62 -32.02 -9.31 -7.84
CA VAL H 62 -32.87 -9.92 -6.83
C VAL H 62 -33.02 -8.94 -5.68
N THR H 63 -34.23 -8.52 -5.35
CA THR H 63 -34.36 -7.60 -4.24
C THR H 63 -35.04 -8.28 -3.08
N PHE H 64 -34.69 -7.78 -1.90
CA PHE H 64 -35.20 -8.32 -0.66
C PHE H 64 -36.45 -7.64 -0.12
N LEU H 65 -37.23 -8.38 0.65
CA LEU H 65 -38.45 -7.87 1.27
C LEU H 65 -38.80 -8.83 2.40
N PRO H 66 -39.28 -8.29 3.53
CA PRO H 66 -39.67 -9.11 4.69
C PRO H 66 -40.69 -10.21 4.35
N THR H 67 -41.24 -10.17 3.13
CA THR H 67 -42.24 -11.15 2.70
C THR H 67 -41.74 -11.97 1.52
N GLY H 68 -40.44 -11.89 1.25
CA GLY H 68 -39.88 -12.68 0.17
C GLY H 68 -39.01 -11.92 -0.80
N ILE H 69 -38.17 -12.68 -1.49
CA ILE H 69 -37.27 -12.11 -2.48
C ILE H 69 -37.90 -12.21 -3.86
N THR H 70 -37.67 -11.19 -4.67
CA THR H 70 -38.23 -11.15 -6.02
C THR H 70 -37.12 -10.93 -7.09
N PHE H 71 -37.22 -11.64 -8.21
CA PHE H 71 -36.24 -11.52 -9.30
C PHE H 71 -36.65 -10.59 -10.43
N LYS H 72 -35.68 -9.85 -10.95
CA LYS H 72 -35.94 -8.94 -12.05
C LYS H 72 -36.34 -9.79 -13.26
N SER H 73 -35.69 -10.93 -13.40
CA SER H 73 -35.98 -11.84 -14.49
C SER H 73 -35.26 -13.14 -14.14
N VAL H 74 -35.91 -14.24 -14.48
CA VAL H 74 -35.36 -15.57 -14.20
C VAL H 74 -34.98 -16.34 -15.48
N THR H 75 -34.17 -17.37 -15.28
CA THR H 75 -33.74 -18.28 -16.35
C THR H 75 -33.79 -19.70 -15.80
N ARG H 76 -33.68 -20.69 -16.67
CA ARG H 76 -33.75 -22.08 -16.21
C ARG H 76 -32.63 -22.37 -15.20
N GLU H 77 -31.58 -21.54 -15.24
CA GLU H 77 -30.44 -21.67 -14.33
C GLU H 77 -30.87 -21.67 -12.86
N ASP H 78 -31.99 -20.99 -12.60
CA ASP H 78 -32.51 -20.83 -11.25
C ASP H 78 -33.60 -21.79 -10.84
N THR H 79 -33.78 -22.89 -11.56
CA THR H 79 -34.80 -23.85 -11.20
C THR H 79 -34.23 -24.64 -10.02
N GLY H 80 -34.95 -24.71 -8.92
CA GLY H 80 -34.45 -25.43 -7.77
C GLY H 80 -35.24 -25.24 -6.51
N THR H 81 -34.71 -25.70 -5.38
CA THR H 81 -35.40 -25.56 -4.10
C THR H 81 -34.78 -24.45 -3.26
N TYR H 82 -35.49 -23.33 -3.17
CA TYR H 82 -35.00 -22.22 -2.38
C TYR H 82 -35.51 -22.35 -0.95
N THR H 83 -34.59 -22.35 0.00
CA THR H 83 -34.99 -22.46 1.38
C THR H 83 -34.83 -21.12 2.12
N CYS H 84 -35.91 -20.67 2.75
CA CYS H 84 -35.93 -19.42 3.50
C CYS H 84 -35.89 -19.77 4.98
N MET H 85 -34.90 -19.21 5.67
CA MET H 85 -34.74 -19.44 7.09
C MET H 85 -34.79 -18.13 7.84
N VAL H 86 -35.56 -18.12 8.92
CA VAL H 86 -35.74 -16.94 9.73
C VAL H 86 -35.44 -17.26 11.18
N SER H 87 -34.32 -16.74 11.64
CA SER H 87 -33.92 -16.95 13.00
C SER H 87 -34.10 -15.66 13.76
N GLU H 88 -34.45 -15.78 15.04
CA GLU H 88 -34.63 -14.64 15.91
C GLU H 88 -33.23 -14.25 16.41
N GLU H 89 -33.17 -13.28 17.31
CA GLU H 89 -31.88 -12.89 17.87
C GLU H 89 -31.64 -13.72 19.11
N GLY H 90 -30.56 -14.50 19.09
CA GLY H 90 -30.26 -15.35 20.22
C GLY H 90 -30.42 -16.78 19.80
N GLY H 91 -31.19 -16.99 18.73
CA GLY H 91 -31.41 -18.31 18.19
C GLY H 91 -32.38 -19.21 18.94
N ASN H 92 -33.23 -18.61 19.77
CA ASN H 92 -34.20 -19.38 20.54
C ASN H 92 -35.49 -19.57 19.74
N SER H 93 -35.66 -18.73 18.72
CA SER H 93 -36.82 -18.78 17.82
C SER H 93 -36.27 -19.04 16.40
N TYR H 94 -36.70 -20.16 15.81
CA TYR H 94 -36.25 -20.55 14.48
C TYR H 94 -37.39 -21.05 13.60
N GLY H 95 -37.45 -20.50 12.38
CA GLY H 95 -38.47 -20.91 11.43
C GLY H 95 -37.84 -21.25 10.09
N GLU H 96 -38.54 -21.97 9.25
CA GLU H 96 -37.96 -22.31 7.96
C GLU H 96 -38.95 -22.97 7.03
N VAL H 97 -38.84 -22.65 5.74
CA VAL H 97 -39.75 -23.20 4.75
C VAL H 97 -39.05 -23.21 3.40
N LYS H 98 -39.40 -24.20 2.57
CA LYS H 98 -38.78 -24.35 1.27
C LYS H 98 -39.76 -23.99 0.17
N VAL H 99 -39.27 -23.31 -0.87
CA VAL H 99 -40.09 -22.94 -2.01
C VAL H 99 -39.44 -23.54 -3.26
N LYS H 100 -40.22 -24.24 -4.08
CA LYS H 100 -39.67 -24.86 -5.29
C LYS H 100 -39.99 -24.07 -6.53
N LEU H 101 -38.95 -23.60 -7.20
CA LEU H 101 -39.10 -22.82 -8.43
C LEU H 101 -38.86 -23.61 -9.72
N ILE H 102 -39.81 -23.55 -10.65
CA ILE H 102 -39.67 -24.27 -11.91
C ILE H 102 -39.77 -23.27 -13.04
N VAL H 103 -38.69 -23.02 -13.78
CA VAL H 103 -38.80 -22.07 -14.88
C VAL H 103 -39.20 -22.74 -16.22
N LEU H 104 -40.48 -22.56 -16.58
CA LEU H 104 -41.09 -23.08 -17.81
C LEU H 104 -40.39 -22.48 -19.06
N SER I 3 -27.43 19.02 19.12
CA SER I 3 -26.34 19.86 18.65
C SER I 3 -25.68 20.30 19.95
N VAL I 4 -24.37 20.07 20.03
CA VAL I 4 -23.59 20.42 21.21
C VAL I 4 -22.73 21.64 20.88
N THR I 5 -22.35 22.38 21.92
CA THR I 5 -21.54 23.58 21.73
C THR I 5 -20.22 23.54 22.49
N VAL I 6 -19.15 23.91 21.80
CA VAL I 6 -17.81 23.94 22.35
C VAL I 6 -17.02 25.13 21.79
N HIS I 7 -16.99 26.22 22.56
CA HIS I 7 -16.29 27.43 22.14
C HIS I 7 -15.35 27.93 23.23
N SER I 8 -14.67 29.04 22.95
CA SER I 8 -13.77 29.62 23.93
C SER I 8 -14.01 31.12 24.10
N SER I 9 -13.88 31.59 25.34
CA SER I 9 -14.08 32.99 25.68
C SER I 9 -12.83 33.81 25.33
N GLU I 10 -11.68 33.20 25.57
CA GLU I 10 -10.39 33.83 25.31
C GLU I 10 -9.66 33.06 24.19
N PRO I 11 -10.07 33.25 22.92
CA PRO I 11 -9.45 32.56 21.78
C PRO I 11 -8.02 33.02 21.48
N GLU I 12 -7.48 33.82 22.38
CA GLU I 12 -6.12 34.31 22.18
C GLU I 12 -5.56 34.98 23.45
N VAL I 13 -4.69 34.26 24.15
CA VAL I 13 -4.08 34.75 25.38
C VAL I 13 -2.67 35.32 25.16
N ARG I 14 -2.32 36.32 25.95
CA ARG I 14 -1.00 36.93 25.89
C ARG I 14 -0.58 37.30 27.28
N ILE I 15 0.28 36.49 27.88
CA ILE I 15 0.72 36.73 29.24
C ILE I 15 2.24 36.65 29.37
N PRO I 16 2.84 37.47 30.26
CA PRO I 16 4.29 37.53 30.53
C PRO I 16 4.84 36.22 31.09
N GLU I 17 6.12 35.95 30.82
CA GLU I 17 6.72 34.71 31.30
C GLU I 17 6.58 34.53 32.80
N ASN I 18 6.68 33.28 33.23
CA ASN I 18 6.61 32.91 34.64
C ASN I 18 5.34 33.29 35.39
N ASN I 19 4.23 33.40 34.69
CA ASN I 19 2.97 33.73 35.33
C ASN I 19 1.99 32.60 35.09
N PRO I 20 0.95 32.51 35.93
CA PRO I 20 -0.04 31.45 35.74
C PRO I 20 -1.08 31.87 34.67
N VAL I 21 -1.62 30.92 33.93
CA VAL I 21 -2.62 31.29 32.92
C VAL I 21 -3.56 30.12 32.69
N LYS I 22 -4.81 30.44 32.42
CA LYS I 22 -5.80 29.40 32.18
C LYS I 22 -6.38 29.53 30.76
N LEU I 23 -6.40 28.40 30.06
CA LEU I 23 -6.95 28.34 28.72
C LEU I 23 -8.37 27.83 28.94
N SER I 24 -9.37 28.65 28.63
CA SER I 24 -10.74 28.23 28.86
C SER I 24 -11.44 27.67 27.62
N CYS I 25 -12.01 26.48 27.82
CA CYS I 25 -12.75 25.74 26.81
C CYS I 25 -14.08 25.49 27.53
N ALA I 26 -15.10 26.26 27.21
CA ALA I 26 -16.41 26.05 27.86
C ALA I 26 -17.27 25.24 26.91
N TYR I 27 -17.73 24.07 27.35
CA TYR I 27 -18.58 23.22 26.49
C TYR I 27 -19.93 22.92 27.10
N SER I 28 -20.90 22.65 26.25
CA SER I 28 -22.23 22.38 26.72
C SER I 28 -22.97 21.51 25.72
N GLY I 29 -23.83 20.64 26.22
CA GLY I 29 -24.58 19.76 25.34
C GLY I 29 -24.14 18.31 25.47
N PHE I 30 -23.16 18.09 26.34
CA PHE I 30 -22.64 16.75 26.58
C PHE I 30 -23.14 16.20 27.90
N SER I 31 -23.13 14.88 28.01
CA SER I 31 -23.55 14.20 29.22
C SER I 31 -22.39 13.34 29.77
N SER I 32 -21.70 12.63 28.87
CA SER I 32 -20.55 11.79 29.21
C SER I 32 -19.43 12.19 28.29
N PRO I 33 -18.92 13.42 28.42
CA PRO I 33 -17.84 13.92 27.56
C PRO I 33 -16.44 13.57 28.04
N ARG I 34 -15.53 13.61 27.07
CA ARG I 34 -14.11 13.34 27.29
C ARG I 34 -13.35 14.52 26.67
N VAL I 35 -12.71 15.32 27.51
CA VAL I 35 -11.98 16.48 27.03
C VAL I 35 -10.53 16.15 26.75
N GLU I 36 -9.99 16.75 25.70
CA GLU I 36 -8.62 16.50 25.33
C GLU I 36 -7.90 17.70 24.69
N TRP I 37 -6.74 18.05 25.24
CA TRP I 37 -5.95 19.18 24.77
C TRP I 37 -4.64 18.75 24.13
N LYS I 38 -4.29 19.40 23.02
CA LYS I 38 -3.06 19.10 22.31
C LYS I 38 -2.25 20.36 22.05
N PHE I 39 -0.99 20.38 22.44
CA PHE I 39 -0.14 21.54 22.21
C PHE I 39 0.40 21.50 20.79
N ASP I 40 0.52 22.67 20.17
CA ASP I 40 0.98 22.73 18.80
C ASP I 40 2.03 23.82 18.61
N GLN I 41 3.27 23.41 18.39
CA GLN I 41 4.35 24.34 18.19
C GLN I 41 4.95 24.18 16.81
N GLY I 42 4.20 24.57 15.78
CA GLY I 42 4.66 24.44 14.42
C GLY I 42 4.64 23.02 13.88
N ASP I 43 5.81 22.38 13.80
CA ASP I 43 5.96 21.03 13.25
C ASP I 43 5.72 19.89 14.28
N THR I 44 5.50 20.25 15.54
CA THR I 44 5.34 19.22 16.56
C THR I 44 4.06 19.31 17.37
N THR I 45 3.42 18.17 17.58
CA THR I 45 2.19 18.14 18.37
C THR I 45 2.50 17.36 19.63
N ARG I 46 1.96 17.80 20.76
CA ARG I 46 2.19 17.09 22.01
C ARG I 46 0.87 16.97 22.77
N LEU I 47 0.70 15.88 23.48
CA LEU I 47 -0.54 15.68 24.22
C LEU I 47 -0.39 16.33 25.58
N VAL I 48 -1.36 17.19 25.92
CA VAL I 48 -1.35 17.87 27.21
C VAL I 48 -2.32 17.22 28.18
N CYS I 49 -3.54 16.97 27.70
CA CYS I 49 -4.61 16.37 28.49
C CYS I 49 -5.48 15.46 27.63
N TYR I 50 -5.88 14.33 28.20
CA TYR I 50 -6.72 13.37 27.50
C TYR I 50 -7.67 12.73 28.51
N ASN I 51 -8.93 12.56 28.13
CA ASN I 51 -9.91 11.97 29.04
C ASN I 51 -10.05 12.72 30.36
N ASN I 52 -10.13 14.04 30.29
CA ASN I 52 -10.28 14.86 31.49
C ASN I 52 -9.17 14.50 32.48
N LYS I 53 -7.98 14.25 31.95
CA LYS I 53 -6.85 13.83 32.77
C LYS I 53 -5.58 14.44 32.14
N ILE I 54 -4.73 15.05 32.96
CA ILE I 54 -3.51 15.64 32.39
C ILE I 54 -2.45 14.58 32.21
N THR I 55 -1.74 14.62 31.07
CA THR I 55 -0.68 13.65 30.79
C THR I 55 0.42 13.70 31.84
N ALA I 56 1.36 12.75 31.77
CA ALA I 56 2.47 12.71 32.71
C ALA I 56 3.47 13.84 32.45
N SER I 57 3.88 14.02 31.20
CA SER I 57 4.85 15.07 30.84
C SER I 57 4.43 16.47 31.26
N TYR I 58 3.18 16.62 31.68
CA TYR I 58 2.67 17.91 32.10
C TYR I 58 2.11 17.89 33.53
N GLU I 59 1.77 16.71 34.02
CA GLU I 59 1.17 16.53 35.34
C GLU I 59 1.69 17.39 36.49
N ASP I 60 2.98 17.70 36.43
CA ASP I 60 3.62 18.49 37.48
C ASP I 60 3.44 20.03 37.44
N ARG I 61 2.82 20.55 36.38
CA ARG I 61 2.60 22.00 36.28
C ARG I 61 1.42 22.47 35.42
N VAL I 62 0.37 21.66 35.38
CA VAL I 62 -0.84 21.97 34.63
C VAL I 62 -1.98 21.18 35.26
N THR I 63 -3.02 21.87 35.70
CA THR I 63 -4.12 21.14 36.29
C THR I 63 -5.31 21.19 35.33
N PHE I 64 -6.20 20.21 35.45
CA PHE I 64 -7.38 20.14 34.59
C PHE I 64 -8.65 20.67 35.24
N LEU I 65 -9.60 21.05 34.40
CA LEU I 65 -10.90 21.54 34.81
C LEU I 65 -11.86 21.48 33.63
N PRO I 66 -13.11 21.13 33.88
CA PRO I 66 -14.06 21.05 32.79
C PRO I 66 -14.18 22.37 31.99
N THR I 67 -13.61 23.47 32.52
CA THR I 67 -13.68 24.79 31.86
C THR I 67 -12.36 25.26 31.27
N GLY I 68 -11.35 24.39 31.34
CA GLY I 68 -10.05 24.70 30.81
C GLY I 68 -8.89 24.25 31.69
N ILE I 69 -7.73 24.13 31.08
CA ILE I 69 -6.53 23.76 31.78
C ILE I 69 -5.75 25.01 32.16
N THR I 70 -5.18 25.00 33.36
CA THR I 70 -4.44 26.14 33.88
C THR I 70 -3.00 25.73 34.28
N PHE I 71 -2.04 26.60 33.94
CA PHE I 71 -0.61 26.42 34.21
C PHE I 71 -0.12 27.09 35.47
N LYS I 72 0.72 26.38 36.20
CA LYS I 72 1.30 26.92 37.44
C LYS I 72 2.18 28.10 37.07
N SER I 73 2.88 27.96 35.96
CA SER I 73 3.75 29.02 35.49
C SER I 73 4.11 28.64 34.08
N VAL I 74 4.18 29.63 33.20
CA VAL I 74 4.50 29.34 31.80
C VAL I 74 5.89 29.86 31.42
N THR I 75 6.34 29.44 30.23
CA THR I 75 7.62 29.86 29.65
C THR I 75 7.43 30.00 28.14
N ARG I 76 8.38 30.62 27.46
CA ARG I 76 8.27 30.82 26.00
C ARG I 76 8.08 29.46 25.33
N GLU I 77 8.61 28.43 25.97
CA GLU I 77 8.53 27.06 25.48
C GLU I 77 7.11 26.66 25.13
N ASP I 78 6.15 27.27 25.81
CA ASP I 78 4.74 26.92 25.62
C ASP I 78 3.93 27.79 24.68
N THR I 79 4.61 28.63 23.89
CA THR I 79 3.89 29.48 22.95
C THR I 79 3.40 28.62 21.79
N GLY I 80 2.09 28.62 21.54
CA GLY I 80 1.57 27.81 20.45
C GLY I 80 0.06 27.77 20.37
N THR I 81 -0.46 26.87 19.53
CA THR I 81 -1.89 26.74 19.35
C THR I 81 -2.41 25.50 20.07
N TYR I 82 -3.05 25.71 21.20
CA TYR I 82 -3.60 24.60 21.95
C TYR I 82 -5.01 24.31 21.47
N THR I 83 -5.25 23.07 21.04
CA THR I 83 -6.57 22.68 20.54
C THR I 83 -7.30 21.79 21.54
N CYS I 84 -8.49 22.24 21.92
CA CYS I 84 -9.32 21.52 22.86
C CYS I 84 -10.41 20.80 22.10
N MET I 85 -10.47 19.49 22.29
CA MET I 85 -11.46 18.65 21.64
C MET I 85 -12.34 17.96 22.65
N VAL I 86 -13.64 18.05 22.44
CA VAL I 86 -14.58 17.44 23.36
C VAL I 86 -15.46 16.47 22.60
N SER I 87 -15.26 15.19 22.85
CA SER I 87 -16.04 14.16 22.20
C SER I 87 -17.00 13.56 23.21
N GLU I 88 -18.20 13.23 22.75
CA GLU I 88 -19.20 12.63 23.63
C GLU I 88 -18.84 11.15 23.65
N GLU I 89 -19.71 10.34 24.25
CA GLU I 89 -19.51 8.90 24.27
C GLU I 89 -20.25 8.27 23.07
N GLY I 90 -19.52 7.60 22.19
CA GLY I 90 -20.16 7.04 21.03
C GLY I 90 -19.65 7.79 19.81
N GLY I 91 -19.18 9.01 20.04
CA GLY I 91 -18.63 9.82 18.95
C GLY I 91 -19.59 10.47 17.99
N ASN I 92 -20.85 10.54 18.38
CA ASN I 92 -21.92 11.15 17.58
C ASN I 92 -22.00 12.66 17.81
N SER I 93 -21.43 13.09 18.94
CA SER I 93 -21.38 14.49 19.30
C SER I 93 -19.90 14.85 19.44
N TYR I 94 -19.46 15.80 18.63
CA TYR I 94 -18.07 16.20 18.62
C TYR I 94 -17.95 17.72 18.57
N GLY I 95 -17.09 18.28 19.40
CA GLY I 95 -16.88 19.73 19.43
C GLY I 95 -15.41 20.04 19.44
N GLU I 96 -15.03 21.26 19.10
CA GLU I 96 -13.62 21.58 19.10
C GLU I 96 -13.38 23.07 18.91
N VAL I 97 -12.31 23.56 19.54
CA VAL I 97 -11.94 24.97 19.47
C VAL I 97 -10.45 25.09 19.80
N LYS I 98 -9.77 25.99 19.13
CA LYS I 98 -8.34 26.20 19.33
C LYS I 98 -8.06 27.53 20.04
N VAL I 99 -7.13 27.53 20.98
CA VAL I 99 -6.77 28.74 21.72
C VAL I 99 -5.30 29.02 21.42
N LYS I 100 -4.98 30.28 21.15
CA LYS I 100 -3.60 30.68 20.82
C LYS I 100 -2.90 31.32 22.01
N LEU I 101 -1.79 30.73 22.47
CA LEU I 101 -1.07 31.29 23.59
C LEU I 101 0.22 31.95 23.14
N ILE I 102 0.49 33.14 23.69
CA ILE I 102 1.71 33.93 23.39
C ILE I 102 2.41 34.37 24.68
N VAL I 103 3.48 33.66 25.07
CA VAL I 103 4.22 33.99 26.30
C VAL I 103 5.29 35.06 26.00
N LEU I 104 5.48 35.98 26.97
CA LEU I 104 6.45 37.09 26.85
C LEU I 104 7.65 37.00 27.80
N SER J 3 21.90 40.79 -30.61
CA SER J 3 21.61 41.89 -31.52
C SER J 3 21.50 41.48 -32.99
N VAL J 4 20.49 40.67 -33.31
CA VAL J 4 20.31 40.24 -34.69
C VAL J 4 19.27 41.11 -35.37
N THR J 5 19.45 41.31 -36.66
CA THR J 5 18.53 42.13 -37.44
C THR J 5 17.89 41.39 -38.63
N VAL J 6 16.56 41.54 -38.75
CA VAL J 6 15.77 40.92 -39.81
C VAL J 6 14.72 41.92 -40.28
N HIS J 7 14.99 42.58 -41.41
CA HIS J 7 14.05 43.54 -41.96
C HIS J 7 13.91 43.32 -43.47
N SER J 8 12.97 44.07 -44.07
CA SER J 8 12.70 44.01 -45.50
C SER J 8 12.91 45.39 -46.10
N SER J 9 13.73 45.45 -47.15
CA SER J 9 14.08 46.66 -47.89
C SER J 9 12.84 47.13 -48.67
N GLU J 10 11.80 46.33 -48.64
CA GLU J 10 10.68 46.71 -49.48
C GLU J 10 9.49 45.87 -48.95
N PRO J 11 8.79 46.37 -47.91
CA PRO J 11 7.66 45.61 -47.35
C PRO J 11 6.26 45.73 -47.91
N GLU J 12 6.16 45.93 -49.22
CA GLU J 12 4.86 45.99 -49.86
C GLU J 12 5.10 46.00 -51.35
N VAL J 13 4.89 44.84 -51.96
CA VAL J 13 5.08 44.67 -53.40
C VAL J 13 3.75 44.69 -54.15
N ARG J 14 3.83 45.16 -55.38
CA ARG J 14 2.68 45.25 -56.27
C ARG J 14 3.26 44.80 -57.60
N ILE J 15 2.59 43.88 -58.26
CA ILE J 15 3.07 43.45 -59.53
C ILE J 15 1.92 42.82 -60.27
N PRO J 16 1.84 43.11 -61.56
CA PRO J 16 0.78 42.58 -62.41
C PRO J 16 0.80 41.04 -62.46
N GLU J 17 -0.37 40.44 -62.68
CA GLU J 17 -0.47 39.00 -62.76
C GLU J 17 0.51 38.42 -63.80
N ASN J 18 0.87 37.15 -63.63
CA ASN J 18 1.78 36.42 -64.52
C ASN J 18 3.18 36.97 -64.70
N ASN J 19 3.67 37.68 -63.69
CA ASN J 19 5.04 38.22 -63.73
C ASN J 19 5.85 37.66 -62.57
N PRO J 20 7.19 37.67 -62.68
CA PRO J 20 8.04 37.15 -61.60
C PRO J 20 8.24 38.22 -60.56
N VAL J 21 8.39 37.82 -59.31
CA VAL J 21 8.56 38.79 -58.23
C VAL J 21 9.36 38.14 -57.12
N LYS J 22 10.18 38.95 -56.46
CA LYS J 22 10.99 38.48 -55.34
C LYS J 22 10.68 39.19 -54.03
N LEU J 23 10.32 38.43 -52.99
CA LEU J 23 10.03 39.02 -51.70
C LEU J 23 11.37 38.96 -50.97
N SER J 24 11.95 40.12 -50.67
CA SER J 24 13.25 40.16 -50.01
C SER J 24 13.21 40.30 -48.47
N CYS J 25 13.90 39.36 -47.82
CA CYS J 25 14.01 39.29 -46.37
C CYS J 25 15.50 39.33 -46.17
N ALA J 26 16.05 40.48 -45.80
CA ALA J 26 17.49 40.58 -45.56
C ALA J 26 17.75 40.51 -44.04
N TYR J 27 18.52 39.50 -43.62
CA TYR J 27 18.84 39.30 -42.21
C TYR J 27 20.33 39.30 -41.94
N SER J 28 20.68 39.71 -40.73
CA SER J 28 22.06 39.76 -40.31
C SER J 28 22.20 39.55 -38.81
N GLY J 29 23.32 38.93 -38.43
CA GLY J 29 23.56 38.67 -37.03
C GLY J 29 23.44 37.20 -36.66
N PHE J 30 23.20 36.35 -37.66
CA PHE J 30 23.07 34.92 -37.41
C PHE J 30 24.30 34.14 -37.94
N SER J 31 24.52 32.95 -37.41
CA SER J 31 25.64 32.11 -37.84
C SER J 31 25.11 30.79 -38.43
N SER J 32 24.10 30.23 -37.75
CA SER J 32 23.46 28.99 -38.19
C SER J 32 21.94 29.25 -38.22
N PRO J 33 21.48 30.11 -39.14
CA PRO J 33 20.03 30.41 -39.19
C PRO J 33 19.14 29.46 -40.00
N ARG J 34 17.86 29.47 -39.68
CA ARG J 34 16.87 28.66 -40.36
C ARG J 34 15.81 29.66 -40.82
N VAL J 35 15.63 29.85 -42.12
CA VAL J 35 14.62 30.80 -42.61
C VAL J 35 13.31 30.10 -42.92
N GLU J 36 12.19 30.80 -42.73
CA GLU J 36 10.89 30.21 -42.96
C GLU J 36 9.84 31.26 -43.37
N TRP J 37 9.09 30.96 -44.42
CA TRP J 37 8.06 31.88 -44.91
C TRP J 37 6.64 31.30 -44.79
N LYS J 38 5.65 32.13 -44.48
CA LYS J 38 4.27 31.69 -44.38
C LYS J 38 3.32 32.61 -45.16
N PHE J 39 2.51 32.04 -46.03
CA PHE J 39 1.57 32.86 -46.77
C PHE J 39 0.33 33.09 -45.90
N ASP J 40 -0.23 34.29 -46.00
CA ASP J 40 -1.41 34.65 -45.25
C ASP J 40 -2.47 35.28 -46.17
N GLN J 41 -3.44 34.47 -46.55
CA GLN J 41 -4.53 34.87 -47.43
C GLN J 41 -5.77 35.02 -46.59
N GLY J 42 -5.94 36.19 -45.94
CA GLY J 42 -7.11 36.41 -45.08
C GLY J 42 -7.30 35.30 -44.06
N ASP J 43 -8.40 34.54 -44.14
CA ASP J 43 -8.77 33.45 -43.23
C ASP J 43 -7.90 32.16 -43.14
N THR J 44 -6.68 32.13 -43.69
CA THR J 44 -5.87 30.90 -43.64
C THR J 44 -4.38 31.18 -43.60
N THR J 45 -3.58 30.13 -43.48
CA THR J 45 -2.14 30.27 -43.44
C THR J 45 -1.57 29.03 -44.11
N ARG J 46 -0.57 29.25 -44.94
CA ARG J 46 0.05 28.17 -45.65
C ARG J 46 1.57 28.29 -45.56
N LEU J 47 2.24 27.15 -45.46
CA LEU J 47 3.70 27.12 -45.37
C LEU J 47 4.31 27.18 -46.77
N VAL J 48 5.20 28.15 -46.98
CA VAL J 48 5.89 28.37 -48.27
C VAL J 48 7.30 27.85 -48.27
N CYS J 49 8.04 28.14 -47.20
CA CYS J 49 9.42 27.69 -47.07
C CYS J 49 9.77 27.44 -45.60
N TYR J 50 10.54 26.38 -45.32
CA TYR J 50 10.95 26.04 -43.95
C TYR J 50 12.36 25.44 -43.98
N ASN J 51 13.21 25.88 -43.05
CA ASN J 51 14.60 25.42 -42.98
C ASN J 51 15.37 25.69 -44.27
N ASN J 52 15.29 26.92 -44.76
CA ASN J 52 15.99 27.33 -45.99
C ASN J 52 15.70 26.33 -47.11
N LYS J 53 14.46 25.82 -47.13
CA LYS J 53 13.99 24.81 -48.07
C LYS J 53 12.52 25.04 -48.47
N ILE J 54 12.24 25.14 -49.78
CA ILE J 54 10.85 25.38 -50.22
C ILE J 54 9.98 24.13 -50.05
N THR J 55 8.73 24.30 -49.60
CA THR J 55 7.83 23.16 -49.43
C THR J 55 7.50 22.52 -50.76
N ALA J 56 6.77 21.43 -50.68
CA ALA J 56 6.37 20.69 -51.87
C ALA J 56 5.33 21.46 -52.68
N SER J 57 4.25 21.87 -52.02
CA SER J 57 3.16 22.61 -52.67
C SER J 57 3.61 23.87 -53.42
N TYR J 58 4.86 24.27 -53.22
CA TYR J 58 5.41 25.45 -53.89
C TYR J 58 6.70 25.18 -54.66
N GLU J 59 7.36 24.08 -54.32
CA GLU J 59 8.62 23.72 -54.95
C GLU J 59 8.72 23.91 -56.46
N ASP J 60 7.62 23.71 -57.17
CA ASP J 60 7.58 23.82 -58.63
C ASP J 60 7.54 25.22 -59.24
N ARG J 61 7.38 26.27 -58.42
CA ARG J 61 7.33 27.63 -58.94
C ARG J 61 7.79 28.73 -57.98
N VAL J 62 8.67 28.38 -57.05
CA VAL J 62 9.17 29.32 -56.06
C VAL J 62 10.53 28.81 -55.62
N THR J 63 11.55 29.64 -55.78
CA THR J 63 12.89 29.24 -55.38
C THR J 63 13.37 30.03 -54.15
N PHE J 64 14.17 29.38 -53.32
CA PHE J 64 14.69 29.98 -52.10
C PHE J 64 16.03 30.69 -52.30
N LEU J 65 16.31 31.64 -51.41
CA LEU J 65 17.54 32.42 -51.40
C LEU J 65 17.69 33.07 -50.02
N PRO J 66 18.93 33.19 -49.53
CA PRO J 66 19.14 33.79 -48.21
C PRO J 66 18.66 35.26 -48.12
N THR J 67 18.28 35.84 -49.27
CA THR J 67 17.80 37.23 -49.32
C THR J 67 16.31 37.35 -49.71
N GLY J 68 15.63 36.21 -49.79
CA GLY J 68 14.21 36.19 -50.14
C GLY J 68 13.85 35.15 -51.19
N ILE J 69 12.58 34.77 -51.19
CA ILE J 69 12.04 33.80 -52.12
C ILE J 69 11.56 34.58 -53.36
N THR J 70 11.67 33.97 -54.55
CA THR J 70 11.22 34.61 -55.79
C THR J 70 10.29 33.68 -56.60
N PHE J 71 9.22 34.24 -57.17
CA PHE J 71 8.25 33.45 -57.94
C PHE J 71 8.55 33.40 -59.46
N LYS J 72 8.33 32.24 -60.08
CA LYS J 72 8.56 32.14 -61.52
C LYS J 72 7.48 33.05 -62.15
N SER J 73 6.26 32.99 -61.60
CA SER J 73 5.12 33.75 -62.09
C SER J 73 4.07 33.75 -60.98
N VAL J 74 3.33 34.85 -60.84
CA VAL J 74 2.30 34.95 -59.79
C VAL J 74 0.88 35.05 -60.35
N THR J 75 -0.09 34.89 -59.45
CA THR J 75 -1.50 35.01 -59.83
C THR J 75 -2.21 35.68 -58.65
N ARG J 76 -3.38 36.27 -58.87
CA ARG J 76 -4.07 36.92 -57.77
C ARG J 76 -4.31 35.95 -56.62
N GLU J 77 -4.11 34.65 -56.87
CA GLU J 77 -4.29 33.60 -55.85
C GLU J 77 -3.28 33.82 -54.74
N ASP J 78 -2.19 34.51 -55.07
CA ASP J 78 -1.09 34.77 -54.13
C ASP J 78 -1.05 36.13 -53.47
N THR J 79 -2.10 36.92 -53.61
CA THR J 79 -2.13 38.23 -52.97
C THR J 79 -2.25 37.93 -51.46
N GLY J 80 -1.35 38.47 -50.65
CA GLY J 80 -1.44 38.22 -49.22
C GLY J 80 -0.27 38.78 -48.42
N THR J 81 -0.26 38.47 -47.11
CA THR J 81 0.81 38.92 -46.22
C THR J 81 1.76 37.75 -45.96
N TYR J 82 2.93 37.80 -46.60
CA TYR J 82 3.97 36.76 -46.46
C TYR J 82 4.93 37.10 -45.33
N THR J 83 4.90 36.29 -44.28
CA THR J 83 5.76 36.52 -43.13
C THR J 83 6.99 35.66 -43.19
N CYS J 84 8.14 36.31 -43.12
CA CYS J 84 9.43 35.64 -43.14
C CYS J 84 10.02 35.65 -41.74
N MET J 85 10.30 34.47 -41.21
CA MET J 85 10.85 34.33 -39.86
C MET J 85 12.25 33.73 -39.87
N VAL J 86 13.16 34.31 -39.10
CA VAL J 86 14.52 33.81 -39.06
C VAL J 86 14.96 33.53 -37.63
N SER J 87 15.01 32.26 -37.27
CA SER J 87 15.41 31.88 -35.91
C SER J 87 16.84 31.39 -35.92
N GLU J 88 17.56 31.62 -34.83
CA GLU J 88 18.93 31.15 -34.76
C GLU J 88 18.95 29.64 -34.57
N GLU J 89 20.13 29.07 -34.79
CA GLU J 89 20.28 27.62 -34.79
C GLU J 89 20.52 27.08 -33.39
N GLY J 90 20.09 27.84 -32.39
CA GLY J 90 20.26 27.40 -30.97
C GLY J 90 19.27 28.19 -30.09
N GLY J 91 18.01 27.94 -30.46
CA GLY J 91 17.24 29.10 -30.97
C GLY J 91 16.99 30.21 -30.07
N ASN J 92 18.05 30.87 -29.60
CA ASN J 92 17.93 31.98 -28.64
C ASN J 92 17.64 33.32 -29.38
N SER J 93 18.07 33.32 -30.66
CA SER J 93 18.01 34.49 -31.59
C SER J 93 16.93 34.67 -32.68
N TYR J 94 15.83 35.36 -32.37
CA TYR J 94 14.75 35.52 -33.35
C TYR J 94 14.52 36.88 -34.07
N GLY J 95 14.29 36.82 -35.40
CA GLY J 95 14.04 37.98 -36.24
C GLY J 95 12.74 37.71 -37.00
N GLU J 96 12.09 38.73 -37.56
CA GLU J 96 10.83 38.50 -38.27
C GLU J 96 10.37 39.78 -38.94
N VAL J 97 9.78 39.64 -40.14
CA VAL J 97 9.26 40.76 -40.92
C VAL J 97 8.20 40.33 -41.92
N LYS J 98 7.14 41.10 -42.05
CA LYS J 98 6.07 40.73 -42.97
C LYS J 98 6.18 41.53 -44.27
N VAL J 99 5.86 40.89 -45.40
CA VAL J 99 5.88 41.59 -46.68
C VAL J 99 4.48 41.44 -47.25
N LYS J 100 3.95 42.50 -47.84
CA LYS J 100 2.58 42.42 -48.37
C LYS J 100 2.62 42.38 -49.88
N LEU J 101 2.02 41.34 -50.47
CA LEU J 101 2.01 41.23 -51.93
C LEU J 101 0.64 41.47 -52.55
N ILE J 102 0.59 42.31 -53.58
CA ILE J 102 -0.67 42.61 -54.26
C ILE J 102 -0.54 42.28 -55.74
N VAL J 103 -1.14 41.18 -56.17
CA VAL J 103 -1.11 40.80 -57.59
C VAL J 103 -2.32 41.47 -58.23
N LEU J 104 -2.06 42.20 -59.32
CA LEU J 104 -3.09 42.97 -60.02
C LEU J 104 -3.77 42.33 -61.24
N SER K 3 37.46 2.34 -41.45
CA SER K 3 37.55 1.03 -42.09
C SER K 3 37.97 0.03 -41.01
N VAL K 4 37.06 -0.19 -40.05
CA VAL K 4 37.33 -1.13 -38.96
C VAL K 4 37.45 -2.54 -39.51
N THR K 5 38.27 -3.35 -38.84
CA THR K 5 38.48 -4.72 -39.27
C THR K 5 38.06 -5.78 -38.22
N VAL K 6 37.31 -6.78 -38.66
CA VAL K 6 36.88 -7.83 -37.75
C VAL K 6 36.98 -9.14 -38.49
N HIS K 7 38.02 -9.92 -38.18
CA HIS K 7 38.22 -11.23 -38.82
C HIS K 7 38.57 -12.32 -37.78
N SER K 8 38.79 -13.53 -38.27
CA SER K 8 39.13 -14.67 -37.41
C SER K 8 40.33 -15.42 -37.95
N SER K 9 41.20 -15.87 -37.04
CA SER K 9 42.40 -16.61 -37.43
C SER K 9 42.05 -18.07 -37.66
N GLU K 10 41.13 -18.56 -36.83
CA GLU K 10 40.65 -19.94 -36.86
C GLU K 10 39.19 -19.99 -37.34
N PRO K 11 38.96 -19.80 -38.65
CA PRO K 11 37.60 -19.83 -39.22
C PRO K 11 36.90 -21.17 -39.14
N GLU K 12 37.59 -22.17 -38.62
CA GLU K 12 37.01 -23.50 -38.49
C GLU K 12 37.78 -24.40 -37.50
N VAL K 13 37.19 -24.58 -36.33
CA VAL K 13 37.81 -25.37 -35.27
C VAL K 13 37.29 -26.78 -35.29
N ARG K 14 38.16 -27.72 -34.92
CA ARG K 14 37.81 -29.13 -34.89
C ARG K 14 38.48 -29.70 -33.66
N ILE K 15 37.71 -29.90 -32.60
CA ILE K 15 38.30 -30.41 -31.37
C ILE K 15 37.48 -31.54 -30.73
N PRO K 16 38.17 -32.56 -30.18
CA PRO K 16 37.51 -33.71 -29.53
C PRO K 16 36.61 -33.27 -28.37
N GLU K 17 35.57 -34.06 -28.10
CA GLU K 17 34.62 -33.75 -27.04
C GLU K 17 35.34 -33.61 -25.69
N ASN K 18 34.71 -32.87 -24.78
CA ASN K 18 35.23 -32.65 -23.42
C ASN K 18 36.58 -31.94 -23.28
N ASN K 19 36.96 -31.15 -24.28
CA ASN K 19 38.19 -30.38 -24.25
C ASN K 19 37.86 -28.88 -24.30
N PRO K 20 38.79 -28.05 -23.83
CA PRO K 20 38.55 -26.61 -23.86
C PRO K 20 38.90 -26.13 -25.25
N VAL K 21 38.26 -25.07 -25.70
CA VAL K 21 38.53 -24.52 -27.02
C VAL K 21 38.18 -23.05 -27.03
N LYS K 22 38.93 -22.28 -27.80
CA LYS K 22 38.68 -20.85 -27.89
C LYS K 22 38.38 -20.42 -29.32
N LEU K 23 37.26 -19.73 -29.50
CA LEU K 23 36.92 -19.24 -30.82
C LEU K 23 37.51 -17.83 -30.83
N SER K 24 38.40 -17.55 -31.78
CA SER K 24 39.02 -16.24 -31.83
C SER K 24 38.46 -15.26 -32.84
N CYS K 25 38.05 -14.10 -32.33
CA CYS K 25 37.49 -12.98 -33.11
C CYS K 25 38.43 -11.82 -32.80
N ALA K 26 39.35 -11.53 -33.72
CA ALA K 26 40.27 -10.42 -33.50
C ALA K 26 39.76 -9.21 -34.25
N TYR K 27 39.43 -8.14 -33.53
CA TYR K 27 38.94 -6.93 -34.17
C TYR K 27 39.83 -5.72 -33.91
N SER K 28 39.80 -4.78 -34.84
CA SER K 28 40.60 -3.56 -34.76
C SER K 28 39.95 -2.38 -35.49
N GLY K 29 40.10 -1.19 -34.92
CA GLY K 29 39.52 -0.01 -35.51
C GLY K 29 38.41 0.56 -34.64
N PHE K 30 38.16 -0.09 -33.51
CA PHE K 30 37.10 0.35 -32.58
C PHE K 30 37.66 1.02 -31.34
N SER K 31 36.90 1.97 -30.78
CA SER K 31 37.29 2.68 -29.58
C SER K 31 36.35 2.32 -28.44
N SER K 32 35.05 2.30 -28.74
CA SER K 32 33.99 1.94 -27.76
C SER K 32 33.14 0.80 -28.37
N PRO K 33 33.75 -0.38 -28.65
CA PRO K 33 33.04 -1.51 -29.23
C PRO K 33 32.23 -2.40 -28.29
N ARG K 34 31.21 -3.06 -28.85
CA ARG K 34 30.33 -3.98 -28.12
C ARG K 34 30.37 -5.27 -28.94
N VAL K 35 30.94 -6.32 -28.36
CA VAL K 35 31.04 -7.59 -29.05
C VAL K 35 29.86 -8.47 -28.71
N GLU K 36 29.49 -9.32 -29.64
CA GLU K 36 28.36 -10.20 -29.42
C GLU K 36 28.47 -11.49 -30.24
N TRP K 37 28.22 -12.63 -29.58
CA TRP K 37 28.30 -13.93 -30.22
C TRP K 37 26.97 -14.67 -30.23
N LYS K 38 26.64 -15.29 -31.36
CA LYS K 38 25.40 -16.04 -31.45
C LYS K 38 25.73 -17.45 -31.98
N PHE K 39 25.17 -18.46 -31.31
CA PHE K 39 25.38 -19.86 -31.71
C PHE K 39 24.29 -20.17 -32.74
N ASP K 40 24.63 -21.03 -33.70
CA ASP K 40 23.68 -21.39 -34.74
C ASP K 40 23.71 -22.89 -35.08
N GLN K 41 22.61 -23.58 -34.81
CA GLN K 41 22.51 -25.01 -35.11
C GLN K 41 21.37 -25.28 -36.07
N GLY K 42 21.64 -24.99 -37.34
CA GLY K 42 20.65 -25.20 -38.37
C GLY K 42 19.64 -24.08 -38.42
N ASP K 43 18.62 -24.14 -37.56
CA ASP K 43 17.58 -23.12 -37.53
C ASP K 43 17.45 -22.40 -36.19
N THR K 44 17.86 -23.07 -35.12
CA THR K 44 17.76 -22.45 -33.80
C THR K 44 18.97 -21.56 -33.51
N THR K 45 18.70 -20.29 -33.24
CA THR K 45 19.74 -19.31 -32.92
C THR K 45 19.70 -19.04 -31.41
N ARG K 46 20.87 -19.02 -30.78
CA ARG K 46 20.98 -18.80 -29.34
C ARG K 46 22.04 -17.74 -29.06
N LEU K 47 21.78 -16.92 -28.03
CA LEU K 47 22.70 -15.83 -27.66
C LEU K 47 23.75 -16.36 -26.71
N VAL K 48 25.02 -16.17 -27.06
CA VAL K 48 26.14 -16.62 -26.25
C VAL K 48 26.75 -15.46 -25.43
N CYS K 49 27.07 -14.39 -26.14
CA CYS K 49 27.65 -13.22 -25.52
C CYS K 49 27.13 -11.92 -26.16
N TYR K 50 26.85 -10.93 -25.33
CA TYR K 50 26.35 -9.64 -25.79
C TYR K 50 26.98 -8.53 -24.97
N ASN K 51 27.44 -7.47 -25.62
CA ASN K 51 28.06 -6.34 -24.92
C ASN K 51 29.25 -6.76 -24.07
N ASN K 52 30.16 -7.53 -24.67
CA ASN K 52 31.36 -8.00 -23.97
C ASN K 52 31.00 -8.67 -22.63
N LYS K 53 29.88 -9.39 -22.62
CA LYS K 53 29.37 -10.02 -21.41
C LYS K 53 28.71 -11.36 -21.82
N ILE K 54 29.08 -12.47 -21.19
CA ILE K 54 28.50 -13.79 -21.52
C ILE K 54 27.12 -13.90 -20.93
N THR K 55 26.17 -14.46 -21.68
CA THR K 55 24.80 -14.59 -21.21
C THR K 55 24.72 -15.54 -20.02
N ALA K 56 23.54 -15.59 -19.40
CA ALA K 56 23.35 -16.47 -18.26
C ALA K 56 23.43 -17.95 -18.63
N SER K 57 22.71 -18.33 -19.68
CA SER K 57 22.68 -19.71 -20.11
C SER K 57 24.06 -20.26 -20.42
N TYR K 58 25.05 -19.39 -20.49
CA TYR K 58 26.41 -19.83 -20.79
C TYR K 58 27.45 -19.41 -19.76
N GLU K 59 27.09 -18.46 -18.92
CA GLU K 59 28.00 -17.94 -17.91
C GLU K 59 28.84 -18.95 -17.14
N ASP K 60 28.28 -20.12 -16.86
CA ASP K 60 28.97 -21.17 -16.08
C ASP K 60 30.06 -22.01 -16.77
N ARG K 61 30.23 -21.84 -18.09
CA ARG K 61 31.25 -22.62 -18.78
C ARG K 61 31.79 -21.98 -20.06
N VAL K 62 31.77 -20.66 -20.12
CA VAL K 62 32.29 -19.95 -21.28
C VAL K 62 32.71 -18.62 -20.77
N THR K 63 33.95 -18.26 -21.01
CA THR K 63 34.42 -16.97 -20.54
C THR K 63 34.68 -16.04 -21.73
N PHE K 64 34.52 -14.73 -21.50
CA PHE K 64 34.72 -13.71 -22.53
C PHE K 64 36.11 -13.08 -22.54
N LEU K 65 36.49 -12.59 -23.72
CA LEU K 65 37.77 -11.94 -23.93
C LEU K 65 37.68 -11.13 -25.23
N PRO K 66 38.36 -9.99 -25.27
CA PRO K 66 38.34 -9.14 -26.47
C PRO K 66 38.89 -9.83 -27.70
N THR K 67 39.45 -11.02 -27.51
CA THR K 67 39.99 -11.78 -28.63
C THR K 67 39.22 -13.06 -28.92
N GLY K 68 38.09 -13.27 -28.25
CA GLY K 68 37.30 -14.47 -28.48
C GLY K 68 36.82 -15.14 -27.21
N ILE K 69 35.79 -15.96 -27.32
CA ILE K 69 35.23 -16.65 -26.16
C ILE K 69 35.86 -18.04 -26.05
N THR K 70 36.03 -18.55 -24.84
CA THR K 70 36.64 -19.86 -24.69
C THR K 70 35.76 -20.72 -23.80
N PHE K 71 35.73 -22.02 -24.12
CA PHE K 71 34.93 -22.99 -23.38
C PHE K 71 35.72 -23.81 -22.37
N LYS K 72 35.14 -24.02 -21.19
CA LYS K 72 35.79 -24.82 -20.17
C LYS K 72 35.90 -26.23 -20.77
N SER K 73 34.83 -26.67 -21.42
CA SER K 73 34.78 -27.99 -22.02
C SER K 73 33.60 -27.95 -22.97
N VAL K 74 33.72 -28.62 -24.11
CA VAL K 74 32.64 -28.63 -25.09
C VAL K 74 32.03 -30.01 -25.27
N THR K 75 30.88 -30.05 -25.92
CA THR K 75 30.19 -31.31 -26.21
C THR K 75 29.66 -31.20 -27.63
N ARG K 76 29.20 -32.31 -28.22
CA ARG K 76 28.69 -32.27 -29.58
C ARG K 76 27.51 -31.32 -29.69
N GLU K 77 26.84 -31.09 -28.55
CA GLU K 77 25.71 -30.19 -28.47
C GLU K 77 26.07 -28.80 -29.05
N ASP K 78 27.36 -28.44 -28.94
CA ASP K 78 27.86 -27.15 -29.39
C ASP K 78 28.48 -27.07 -30.79
N THR K 79 28.25 -28.07 -31.62
CA THR K 79 28.80 -28.04 -32.97
C THR K 79 27.90 -27.11 -33.77
N GLY K 80 28.49 -26.16 -34.48
CA GLY K 80 27.66 -25.23 -35.27
C GLY K 80 28.42 -24.04 -35.83
N THR K 81 27.69 -23.00 -36.22
CA THR K 81 28.33 -21.80 -36.76
C THR K 81 28.16 -20.64 -35.82
N TYR K 82 29.23 -20.29 -35.11
CA TYR K 82 29.18 -19.19 -34.16
C TYR K 82 29.53 -17.89 -34.85
N THR K 83 28.61 -16.93 -34.79
CA THR K 83 28.81 -15.63 -35.43
C THR K 83 29.19 -14.56 -34.41
N CYS K 84 30.34 -13.92 -34.64
CA CYS K 84 30.82 -12.85 -33.76
C CYS K 84 30.57 -11.54 -34.47
N MET K 85 29.84 -10.65 -33.80
CA MET K 85 29.55 -9.36 -34.38
C MET K 85 30.15 -8.30 -33.47
N VAL K 86 30.78 -7.30 -34.09
CA VAL K 86 31.40 -6.19 -33.37
C VAL K 86 30.92 -4.84 -33.90
N SER K 87 30.04 -4.20 -33.14
CA SER K 87 29.47 -2.91 -33.53
C SER K 87 30.11 -1.82 -32.70
N GLU K 88 30.30 -0.66 -33.31
CA GLU K 88 30.89 0.48 -32.62
C GLU K 88 29.75 1.22 -31.92
N GLU K 89 30.06 2.31 -31.26
CA GLU K 89 29.03 3.07 -30.59
C GLU K 89 28.45 4.04 -31.60
N GLY K 90 27.15 3.91 -31.83
CA GLY K 90 26.48 4.77 -32.79
C GLY K 90 26.06 3.91 -33.96
N GLY K 91 26.76 2.80 -34.14
CA GLY K 91 26.45 1.90 -35.22
C GLY K 91 26.92 2.34 -36.60
N ASN K 92 27.92 3.21 -36.66
CA ASN K 92 28.42 3.67 -37.95
C ASN K 92 29.58 2.77 -38.39
N SER K 93 30.11 1.99 -37.44
CA SER K 93 31.20 1.03 -37.69
C SER K 93 30.74 -0.37 -37.28
N TYR K 94 30.65 -1.29 -38.25
CA TYR K 94 30.19 -2.64 -37.96
C TYR K 94 31.10 -3.67 -38.62
N GLY K 95 31.42 -4.71 -37.86
CA GLY K 95 32.26 -5.78 -38.35
C GLY K 95 31.61 -7.10 -37.99
N GLU K 96 31.98 -8.18 -38.66
CA GLU K 96 31.37 -9.47 -38.38
C GLU K 96 32.10 -10.61 -39.05
N VAL K 97 32.14 -11.75 -38.38
CA VAL K 97 32.80 -12.94 -38.90
C VAL K 97 32.21 -14.20 -38.25
N LYS K 98 32.16 -15.29 -39.01
CA LYS K 98 31.60 -16.53 -38.48
C LYS K 98 32.68 -17.58 -38.30
N VAL K 99 32.58 -18.33 -37.20
CA VAL K 99 33.54 -19.39 -36.92
C VAL K 99 32.73 -20.66 -36.84
N LYS K 100 33.25 -21.73 -37.44
CA LYS K 100 32.54 -23.01 -37.44
C LYS K 100 33.20 -23.96 -36.47
N LEU K 101 32.42 -24.48 -35.54
CA LEU K 101 32.95 -25.39 -34.56
C LEU K 101 32.46 -26.82 -34.74
N ILE K 102 33.41 -27.75 -34.84
CA ILE K 102 33.13 -29.17 -35.02
C ILE K 102 33.60 -30.01 -33.82
N VAL K 103 32.69 -30.37 -32.92
CA VAL K 103 33.03 -31.20 -31.76
C VAL K 103 33.04 -32.68 -32.17
N LEU K 104 34.17 -33.34 -31.98
CA LEU K 104 34.28 -34.78 -32.31
C LEU K 104 33.87 -35.67 -31.12
N SER L 3 38.68 14.18 -0.76
CA SER L 3 38.73 15.04 -1.99
C SER L 3 38.09 16.41 -1.78
N VAL L 4 36.90 16.41 -1.18
CA VAL L 4 36.15 17.64 -0.92
C VAL L 4 35.92 17.88 0.56
N THR L 5 35.91 19.14 0.98
CA THR L 5 35.71 19.47 2.39
C THR L 5 34.48 20.35 2.65
N VAL L 6 33.68 19.97 3.64
CA VAL L 6 32.47 20.71 3.98
C VAL L 6 32.31 20.74 5.50
N HIS L 7 32.74 21.81 6.13
CA HIS L 7 32.63 21.93 7.57
C HIS L 7 31.99 23.26 7.98
N SER L 8 31.90 23.48 9.28
CA SER L 8 31.31 24.71 9.80
C SER L 8 32.17 25.32 10.90
N SER L 9 32.23 26.65 10.92
CA SER L 9 33.01 27.40 11.91
C SER L 9 32.24 27.49 13.24
N GLU L 10 30.94 27.71 13.13
CA GLU L 10 30.05 27.86 14.28
C GLU L 10 29.10 26.66 14.35
N PRO L 11 29.60 25.49 14.79
CA PRO L 11 28.78 24.28 14.89
C PRO L 11 27.62 24.37 15.89
N GLU L 12 27.45 25.53 16.53
CA GLU L 12 26.39 25.68 17.51
C GLU L 12 26.17 27.16 17.83
N VAL L 13 25.09 27.71 17.34
CA VAL L 13 24.78 29.11 17.56
C VAL L 13 23.77 29.29 18.68
N ARG L 14 23.88 30.40 19.40
CA ARG L 14 22.98 30.70 20.51
C ARG L 14 22.67 32.20 20.45
N ILE L 15 21.52 32.56 19.89
CA ILE L 15 21.16 33.96 19.77
C ILE L 15 19.76 34.29 20.27
N PRO L 16 19.60 35.48 20.89
CA PRO L 16 18.31 35.93 21.42
C PRO L 16 17.27 36.05 20.31
N GLU L 17 16.01 35.85 20.67
CA GLU L 17 14.91 35.95 19.73
C GLU L 17 14.90 37.31 19.02
N ASN L 18 14.30 37.33 17.84
CA ASN L 18 14.17 38.53 17.03
C ASN L 18 15.47 39.22 16.57
N ASN L 19 16.55 38.44 16.48
CA ASN L 19 17.85 38.95 16.01
C ASN L 19 18.26 38.22 14.75
N PRO L 20 19.06 38.87 13.89
CA PRO L 20 19.50 38.21 12.66
C PRO L 20 20.60 37.25 13.04
N VAL L 21 20.73 36.18 12.28
CA VAL L 21 21.75 35.17 12.52
C VAL L 21 22.10 34.42 11.25
N LYS L 22 23.39 34.13 11.10
CA LYS L 22 23.89 33.43 9.93
C LYS L 22 24.48 32.09 10.28
N LEU L 23 24.01 31.04 9.62
CA LEU L 23 24.53 29.69 9.83
C LEU L 23 25.57 29.53 8.72
N SER L 24 26.84 29.39 9.10
CA SER L 24 27.92 29.26 8.13
C SER L 24 28.35 27.84 7.82
N CYS L 25 28.29 27.52 6.52
CA CYS L 25 28.66 26.23 5.93
C CYS L 25 29.74 26.60 4.94
N ALA L 26 31.01 26.43 5.32
CA ALA L 26 32.10 26.73 4.41
C ALA L 26 32.57 25.44 3.74
N TYR L 27 32.43 25.36 2.42
CA TYR L 27 32.82 24.18 1.66
C TYR L 27 33.89 24.49 0.63
N SER L 28 34.68 23.47 0.33
CA SER L 28 35.77 23.58 -0.63
C SER L 28 36.05 22.24 -1.32
N GLY L 29 36.38 22.30 -2.60
CA GLY L 29 36.67 21.07 -3.36
C GLY L 29 35.65 20.78 -4.46
N PHE L 30 34.66 21.67 -4.60
CA PHE L 30 33.64 21.51 -5.61
C PHE L 30 33.81 22.52 -6.74
N SER L 31 33.25 22.19 -7.90
CA SER L 31 33.32 23.05 -9.08
C SER L 31 31.90 23.41 -9.51
N SER L 32 30.98 22.43 -9.48
CA SER L 32 29.58 22.68 -9.84
C SER L 32 28.73 22.14 -8.70
N PRO L 33 28.86 22.74 -7.50
CA PRO L 33 28.10 22.30 -6.33
C PRO L 33 26.67 22.76 -6.17
N ARG L 34 25.89 21.95 -5.48
CA ARG L 34 24.51 22.29 -5.21
C ARG L 34 24.37 22.24 -3.69
N VAL L 35 24.08 23.38 -3.07
CA VAL L 35 23.92 23.41 -1.62
C VAL L 35 22.47 23.25 -1.19
N GLU L 36 22.26 22.60 -0.05
CA GLU L 36 20.92 22.37 0.44
C GLU L 36 20.84 22.28 1.95
N TRP L 37 19.91 23.05 2.52
CA TRP L 37 19.71 23.08 3.96
C TRP L 37 18.38 22.47 4.40
N LYS L 38 18.42 21.72 5.49
CA LYS L 38 17.20 21.11 6.02
C LYS L 38 17.03 21.41 7.52
N PHE L 39 15.87 21.94 7.89
CA PHE L 39 15.62 22.26 9.28
C PHE L 39 15.13 21.00 9.96
N ASP L 40 15.55 20.80 11.20
CA ASP L 40 15.16 19.62 11.96
C ASP L 40 14.73 19.92 13.40
N GLN L 41 13.44 19.75 13.69
CA GLN L 41 12.90 19.98 15.03
C GLN L 41 12.35 18.66 15.58
N GLY L 42 13.24 17.83 16.11
CA GLY L 42 12.84 16.56 16.66
C GLY L 42 12.55 15.51 15.60
N ASP L 43 11.31 15.52 15.08
CA ASP L 43 10.86 14.56 14.08
C ASP L 43 10.43 15.17 12.73
N THR L 44 10.07 16.45 12.75
CA THR L 44 9.65 17.13 11.53
C THR L 44 10.80 17.80 10.79
N THR L 45 11.02 17.34 9.57
CA THR L 45 12.08 17.87 8.74
C THR L 45 11.46 18.83 7.74
N ARG L 46 12.11 19.97 7.56
CA ARG L 46 11.61 20.94 6.62
C ARG L 46 12.75 21.45 5.73
N LEU L 47 12.45 21.62 4.44
CA LEU L 47 13.42 22.09 3.45
C LEU L 47 13.57 23.61 3.55
N VAL L 48 14.80 24.07 3.70
CA VAL L 48 15.06 25.50 3.82
C VAL L 48 15.65 26.06 2.51
N CYS L 49 16.66 25.38 2.00
CA CYS L 49 17.29 25.81 0.78
C CYS L 49 17.69 24.60 -0.03
N TYR L 50 17.54 24.69 -1.35
CA TYR L 50 17.88 23.58 -2.23
C TYR L 50 18.42 24.13 -3.52
N ASN L 51 19.50 23.55 -4.00
CA ASN L 51 20.08 24.02 -5.25
C ASN L 51 20.51 25.49 -5.16
N ASN L 52 21.14 25.86 -4.05
CA ASN L 52 21.62 27.24 -3.83
C ASN L 52 20.48 28.21 -4.03
N LYS L 53 19.31 27.84 -3.56
CA LYS L 53 18.12 28.62 -3.75
C LYS L 53 17.26 28.37 -2.52
N ILE L 54 16.73 29.43 -1.92
CA ILE L 54 15.89 29.29 -0.72
C ILE L 54 14.46 28.90 -1.11
N THR L 55 13.85 27.98 -0.38
CA THR L 55 12.50 27.57 -0.70
C THR L 55 11.50 28.72 -0.57
N ALA L 56 10.25 28.50 -0.99
CA ALA L 56 9.20 29.53 -0.91
C ALA L 56 8.79 29.80 0.56
N SER L 57 8.56 28.75 1.35
CA SER L 57 8.16 28.89 2.74
C SER L 57 9.13 29.73 3.59
N TYR L 58 10.32 29.96 3.08
CA TYR L 58 11.32 30.72 3.79
C TYR L 58 11.81 31.95 3.01
N GLU L 59 11.60 31.96 1.71
CA GLU L 59 12.06 33.04 0.83
C GLU L 59 11.93 34.47 1.38
N ASP L 60 10.87 34.73 2.13
CA ASP L 60 10.62 36.07 2.66
C ASP L 60 11.46 36.53 3.86
N ARG L 61 12.26 35.62 4.44
CA ARG L 61 13.06 35.96 5.60
C ARG L 61 14.34 35.16 5.84
N VAL L 62 14.94 34.64 4.79
CA VAL L 62 16.18 33.87 4.89
C VAL L 62 16.87 34.03 3.55
N THR L 63 18.09 34.52 3.53
CA THR L 63 18.74 34.66 2.24
C THR L 63 19.86 33.66 2.13
N PHE L 64 20.18 33.31 0.90
CA PHE L 64 21.25 32.36 0.66
C PHE L 64 22.60 32.99 0.31
N LEU L 65 23.65 32.19 0.52
CA LEU L 65 25.03 32.55 0.29
C LEU L 65 25.90 31.29 0.31
N PRO L 66 26.90 31.22 -0.60
CA PRO L 66 27.79 30.08 -0.66
C PRO L 66 28.46 29.78 0.68
N THR L 67 28.37 30.71 1.64
CA THR L 67 28.99 30.51 2.94
C THR L 67 27.97 30.36 4.04
N GLY L 68 26.70 30.21 3.69
CA GLY L 68 25.70 30.04 4.72
C GLY L 68 24.45 30.86 4.55
N ILE L 69 23.34 30.37 5.08
CA ILE L 69 22.09 31.09 4.99
C ILE L 69 22.01 32.01 6.19
N THR L 70 21.38 33.18 6.01
CA THR L 70 21.23 34.12 7.13
C THR L 70 19.75 34.52 7.28
N PHE L 71 19.31 34.69 8.53
CA PHE L 71 17.91 35.07 8.82
C PHE L 71 17.73 36.56 9.08
N LYS L 72 16.63 37.13 8.58
CA LYS L 72 16.36 38.55 8.81
C LYS L 72 16.06 38.70 10.31
N SER L 73 15.40 37.71 10.87
CA SER L 73 15.03 37.72 12.29
C SER L 73 14.59 36.28 12.63
N VAL L 74 15.00 35.80 13.80
CA VAL L 74 14.63 34.45 14.20
C VAL L 74 13.62 34.43 15.35
N THR L 75 13.00 33.28 15.55
CA THR L 75 12.05 33.11 16.65
C THR L 75 12.39 31.72 17.16
N ARG L 76 11.77 31.30 18.27
CA ARG L 76 11.97 29.96 18.88
C ARG L 76 11.54 28.85 17.94
N GLU L 77 10.48 29.13 17.18
CA GLU L 77 9.98 28.27 16.10
C GLU L 77 11.15 27.63 15.32
N ASP L 78 12.25 28.37 15.21
CA ASP L 78 13.44 27.92 14.49
C ASP L 78 14.60 27.25 15.25
N THR L 79 14.41 26.92 16.51
CA THR L 79 15.46 26.26 17.26
C THR L 79 15.54 24.83 16.72
N GLY L 80 16.73 24.35 16.37
CA GLY L 80 16.83 23.00 15.87
C GLY L 80 18.18 22.69 15.29
N THR L 81 18.27 21.55 14.60
CA THR L 81 19.50 21.10 13.96
C THR L 81 19.41 21.32 12.46
N TYR L 82 20.07 22.37 11.96
CA TYR L 82 20.05 22.64 10.55
C TYR L 82 21.17 21.87 9.87
N THR L 83 20.82 21.00 8.93
CA THR L 83 21.83 20.22 8.24
C THR L 83 22.09 20.75 6.84
N CYS L 84 23.35 21.10 6.59
CA CYS L 84 23.81 21.62 5.31
C CYS L 84 24.48 20.52 4.50
N MET L 85 23.95 20.26 3.32
CA MET L 85 24.50 19.23 2.45
C MET L 85 25.01 19.86 1.16
N VAL L 86 26.21 19.46 0.76
CA VAL L 86 26.80 19.96 -0.46
C VAL L 86 27.23 18.82 -1.36
N SER L 87 26.47 18.61 -2.43
CA SER L 87 26.75 17.57 -3.39
C SER L 87 27.32 18.18 -4.66
N GLU L 88 28.25 17.47 -5.26
CA GLU L 88 28.86 17.91 -6.50
C GLU L 88 27.89 17.48 -7.61
N GLU L 89 28.28 17.72 -8.86
CA GLU L 89 27.48 17.31 -10.02
C GLU L 89 27.85 15.90 -10.41
N GLY L 90 26.89 14.98 -10.31
CA GLY L 90 27.17 13.58 -10.61
C GLY L 90 27.11 12.76 -9.32
N GLY L 91 27.20 13.45 -8.18
CA GLY L 91 27.13 12.77 -6.89
C GLY L 91 28.31 11.96 -6.43
N ASN L 92 29.48 12.16 -7.04
CA ASN L 92 30.70 11.43 -6.65
C ASN L 92 31.41 12.16 -5.50
N SER L 93 31.12 13.45 -5.33
CA SER L 93 31.70 14.23 -4.24
C SER L 93 30.53 14.65 -3.38
N TYR L 94 30.59 14.30 -2.11
CA TYR L 94 29.50 14.64 -1.21
C TYR L 94 30.04 15.06 0.14
N GLY L 95 29.55 16.20 0.62
CA GLY L 95 29.95 16.76 1.90
C GLY L 95 28.73 17.10 2.73
N GLU L 96 28.90 17.29 4.03
CA GLU L 96 27.76 17.57 4.91
C GLU L 96 28.21 17.96 6.32
N VAL L 97 27.44 18.84 6.93
CA VAL L 97 27.72 19.28 8.30
C VAL L 97 26.45 19.87 8.91
N LYS L 98 26.25 19.59 10.19
CA LYS L 98 25.07 20.06 10.92
C LYS L 98 25.40 21.23 11.87
N VAL L 99 24.49 22.20 11.94
CA VAL L 99 24.66 23.34 12.81
C VAL L 99 23.44 23.37 13.74
N LYS L 100 23.70 23.57 15.02
CA LYS L 100 22.62 23.54 16.00
C LYS L 100 22.27 24.92 16.43
N LEU L 101 21.04 25.35 16.15
CA LEU L 101 20.60 26.70 16.53
C LEU L 101 19.72 26.73 17.77
N ILE L 102 20.08 27.60 18.72
CA ILE L 102 19.33 27.75 19.96
C ILE L 102 18.80 29.18 20.15
N VAL L 103 17.52 29.38 19.88
CA VAL L 103 16.92 30.68 20.09
C VAL L 103 16.49 30.58 21.57
N LEU L 104 16.56 31.68 22.31
CA LEU L 104 16.21 31.63 23.71
C LEU L 104 14.83 32.27 24.06
#